data_2EXK
#
_entry.id   2EXK
#
_cell.length_a   139.870
_cell.length_b   139.870
_cell.length_c   232.025
_cell.angle_alpha   90.00
_cell.angle_beta   90.00
_cell.angle_gamma   90.00
#
_symmetry.space_group_name_H-M   'P 43 21 2'
#
loop_
_entity.id
_entity.type
_entity.pdbx_description
1 polymer beta-D-xylosidase
2 branched alpha-D-xylopyranose-(1-4)-alpha-D-xylopyranose
3 non-polymer 'CALCIUM ION'
4 non-polymer '2-(N-MORPHOLINO)-ETHANESULFONIC ACID'
5 non-polymer GLYCEROL
6 water water
#
_entity_poly.entity_id   1
_entity_poly.type   'polypeptide(L)'
_entity_poly.pdbx_seq_one_letter_code
;MAKIKNPILTGFHPDPSICRVGDDYYIAVSTFEWFPGVRIYHSKDLKNWRLVARPLNRLSQLNMIGNPDSGGVWAPHLSY
SDGKFWLIYTDVKVVEGQWKDGHNYLVTCDTIDGAWSDPIYLNSSGFDPSLFHDEDGRKYLVNMYWDHRVDHHPFYGIVL
QEYSVEQKKLVGEPKIIFKGTDLRITGGPHLYKINGYYYLLTAEGGTRYNHAATIARSTSLYGPYEVHPDNPLLTSWPYP
RNPLQKAGHASIVHTHTDEWFLVHLTGRPLPREGQPLLEHRGYCPLGRETAIQRLEWKDGWPYVVGGNGPSLEIDGPSVE
EVSWEKDYDEKDDFDGDTLNHHFQTLRIPLGEDIATLKARPGHLRLYGRESLTSRFTQAFVARRWQHFHFVAETKVSFRP
TTFQQSAGLVNYYNTQNWTTLQITWHEEKGRILELMTCDHLVVDQPLRGREIVVPDDIEYVYLRVTVQATTYKYSYSFDG
MNWIDLPVTFESYKLSDDYIKSRAAFTGAFVGMHCRDGSGQNNYADFDYFLYKEL
;
_entity_poly.pdbx_strand_id   A,B,C,D
#
loop_
_chem_comp.id
_chem_comp.type
_chem_comp.name
_chem_comp.formula
CA non-polymer 'CALCIUM ION' 'Ca 2'
GOL non-polymer GLYCEROL 'C3 H8 O3'
MES non-polymer '2-(N-MORPHOLINO)-ETHANESULFONIC ACID' 'C6 H13 N O4 S'
XYS D-saccharide, alpha linking alpha-D-xylopyranose 'C5 H10 O5'
#
# COMPACT_ATOMS: atom_id res chain seq x y z
N LYS A 3 38.73 -26.28 13.84
CA LYS A 3 38.24 -27.14 14.95
C LYS A 3 36.75 -26.92 15.15
N ILE A 4 36.31 -25.66 15.08
CA ILE A 4 34.90 -25.31 15.26
C ILE A 4 34.28 -24.71 13.99
N LYS A 5 33.17 -25.30 13.54
CA LYS A 5 32.44 -24.84 12.37
C LYS A 5 31.18 -24.09 12.78
N ASN A 6 31.03 -22.87 12.25
CA ASN A 6 29.86 -22.03 12.51
C ASN A 6 28.70 -22.36 11.57
N PRO A 7 27.45 -22.08 12.02
CA PRO A 7 27.08 -21.68 13.38
C PRO A 7 27.18 -22.84 14.36
N ILE A 8 27.46 -22.51 15.62
CA ILE A 8 27.49 -23.51 16.69
C ILE A 8 26.09 -23.84 17.22
N LEU A 9 25.16 -22.89 17.10
CA LEU A 9 23.75 -23.14 17.43
C LEU A 9 22.95 -22.80 16.19
N THR A 10 22.38 -23.81 15.56
CA THR A 10 21.70 -23.60 14.27
C THR A 10 20.21 -23.35 14.44
N GLY A 11 19.61 -22.68 13.48
CA GLY A 11 18.24 -22.20 13.61
C GLY A 11 18.16 -21.10 14.65
N PHE A 12 16.95 -20.59 14.85
CA PHE A 12 16.62 -19.49 15.76
C PHE A 12 17.40 -19.53 17.09
N HIS A 13 18.47 -18.74 17.14
CA HIS A 13 19.38 -18.63 18.31
C HIS A 13 20.08 -17.27 18.32
N PRO A 14 19.31 -16.18 18.48
CA PRO A 14 19.95 -14.87 18.35
C PRO A 14 20.56 -14.37 19.67
N ASP A 15 21.21 -13.22 19.60
CA ASP A 15 21.68 -12.50 20.79
C ASP A 15 22.40 -13.40 21.79
N PRO A 16 23.47 -14.08 21.33
CA PRO A 16 24.12 -14.99 22.27
C PRO A 16 24.79 -14.19 23.38
N SER A 17 24.62 -14.68 24.61
CA SER A 17 25.24 -14.07 25.78
C SER A 17 26.00 -15.19 26.45
N ILE A 18 27.33 -15.15 26.32
CA ILE A 18 28.19 -16.22 26.86
C ILE A 18 28.61 -15.93 28.29
N CYS A 19 28.71 -16.98 29.08
CA CYS A 19 29.08 -16.88 30.48
C CYS A 19 29.93 -18.08 30.89
N ARG A 20 31.15 -17.77 31.35
CA ARG A 20 32.05 -18.77 31.91
C ARG A 20 31.89 -18.87 33.42
N VAL A 21 31.91 -20.10 33.91
CA VAL A 21 32.02 -20.40 35.33
C VAL A 21 33.08 -21.49 35.46
N GLY A 22 34.28 -21.11 35.89
CA GLY A 22 35.41 -22.03 35.95
C GLY A 22 35.72 -22.56 34.57
N ASP A 23 35.57 -23.86 34.37
CA ASP A 23 35.75 -24.46 33.04
C ASP A 23 34.44 -24.80 32.32
N ASP A 24 33.32 -24.31 32.85
CA ASP A 24 32.02 -24.49 32.22
C ASP A 24 31.62 -23.24 31.46
N TYR A 25 31.07 -23.44 30.27
CA TYR A 25 30.63 -22.32 29.43
C TYR A 25 29.14 -22.41 29.07
N TYR A 26 28.44 -21.29 29.20
CA TYR A 26 27.00 -21.22 28.93
C TYR A 26 26.72 -20.11 27.93
N ILE A 27 25.73 -20.32 27.08
CA ILE A 27 25.22 -19.26 26.21
C ILE A 27 23.72 -19.15 26.36
N ALA A 28 23.25 -17.94 26.67
CA ALA A 28 21.83 -17.59 26.73
C ALA A 28 21.39 -16.91 25.43
N VAL A 29 20.36 -17.47 24.76
CA VAL A 29 19.82 -16.84 23.56
C VAL A 29 18.38 -16.34 23.76
N SER A 30 17.99 -15.36 22.96
CA SER A 30 16.65 -14.77 23.00
C SER A 30 15.60 -15.68 22.35
N THR A 31 14.37 -15.59 22.86
CA THR A 31 13.31 -16.52 22.48
C THR A 31 12.03 -15.82 22.06
N PHE A 32 11.98 -14.50 22.27
CA PHE A 32 10.86 -13.64 21.83
C PHE A 32 9.51 -14.18 22.34
N GLU A 33 8.55 -14.45 21.46
CA GLU A 33 7.22 -14.93 21.87
C GLU A 33 7.16 -16.42 22.23
N TRP A 34 8.26 -17.15 22.01
CA TRP A 34 8.25 -18.59 22.26
C TRP A 34 8.45 -18.94 23.74
N PHE A 35 7.61 -19.86 24.24
CA PHE A 35 7.61 -20.24 25.65
C PHE A 35 8.13 -21.67 25.87
N PRO A 36 8.96 -21.92 26.92
CA PRO A 36 9.47 -21.03 27.97
C PRO A 36 10.55 -20.08 27.47
N GLY A 37 10.78 -19.01 28.22
CA GLY A 37 11.67 -17.94 27.82
C GLY A 37 13.12 -18.23 28.13
N VAL A 38 13.98 -17.85 27.17
CA VAL A 38 15.43 -18.01 27.21
C VAL A 38 15.85 -19.49 27.09
N ARG A 39 16.86 -19.71 26.26
CA ARG A 39 17.48 -21.04 26.17
C ARG A 39 18.94 -20.94 26.51
N ILE A 40 19.39 -21.82 27.39
CA ILE A 40 20.78 -21.82 27.81
C ILE A 40 21.47 -23.11 27.39
N TYR A 41 22.53 -22.96 26.62
CA TYR A 41 23.34 -24.10 26.21
C TYR A 41 24.61 -24.17 27.03
N HIS A 42 25.05 -25.40 27.30
CA HIS A 42 26.26 -25.62 28.05
C HIS A 42 27.30 -26.26 27.13
N SER A 43 28.57 -25.95 27.37
CA SER A 43 29.69 -26.51 26.64
C SER A 43 30.95 -26.52 27.49
N LYS A 44 31.80 -27.51 27.22
CA LYS A 44 33.12 -27.58 27.81
C LYS A 44 34.21 -27.17 26.83
N ASP A 45 33.92 -27.24 25.52
CA ASP A 45 34.95 -27.02 24.50
C ASP A 45 34.62 -25.90 23.50
N LEU A 46 33.44 -25.30 23.67
CA LEU A 46 32.91 -24.22 22.83
C LEU A 46 32.55 -24.70 21.41
N LYS A 47 32.67 -26.02 21.20
CA LYS A 47 32.33 -26.63 19.93
C LYS A 47 30.97 -27.34 20.04
N ASN A 48 30.88 -28.24 21.01
CA ASN A 48 29.67 -29.04 21.18
C ASN A 48 28.84 -28.41 22.30
N TRP A 49 27.60 -28.08 21.98
CA TRP A 49 26.72 -27.38 22.90
C TRP A 49 25.48 -28.19 23.17
N ARG A 50 25.02 -28.15 24.43
CA ARG A 50 23.84 -28.88 24.86
C ARG A 50 22.87 -27.98 25.61
N LEU A 51 21.58 -28.08 25.29
CA LEU A 51 20.56 -27.33 26.02
C LEU A 51 20.45 -27.89 27.44
N VAL A 52 20.56 -27.00 28.43
CA VAL A 52 20.55 -27.39 29.84
C VAL A 52 19.53 -26.61 30.70
N ALA A 53 19.03 -25.49 30.19
CA ALA A 53 18.07 -24.69 30.94
C ALA A 53 17.13 -23.88 30.07
N ARG A 54 15.90 -23.78 30.55
CA ARG A 54 14.84 -22.92 29.97
C ARG A 54 14.25 -22.19 31.19
N PRO A 55 14.95 -21.13 31.63
CA PRO A 55 14.77 -20.52 32.96
C PRO A 55 13.43 -19.86 33.21
N LEU A 56 12.84 -19.25 32.19
CA LEU A 56 11.63 -18.46 32.38
C LEU A 56 10.43 -19.30 32.06
N ASN A 57 10.07 -20.16 33.01
CA ASN A 57 9.02 -21.15 32.79
C ASN A 57 7.79 -20.97 33.68
N ARG A 58 7.73 -19.85 34.40
CA ARG A 58 6.58 -19.54 35.26
C ARG A 58 5.91 -18.24 34.84
N LEU A 59 4.57 -18.21 34.91
CA LEU A 59 3.79 -17.00 34.63
C LEU A 59 4.28 -15.80 35.46
N SER A 60 4.70 -16.06 36.69
CA SER A 60 5.26 -15.02 37.55
C SER A 60 6.50 -14.37 36.93
N GLN A 61 7.27 -15.16 36.16
CA GLN A 61 8.49 -14.68 35.52
C GLN A 61 8.26 -14.06 34.16
N LEU A 62 7.35 -14.66 33.39
CA LEU A 62 7.17 -14.32 31.99
C LEU A 62 5.74 -14.61 31.54
N ASN A 63 5.00 -13.55 31.29
CA ASN A 63 3.60 -13.65 30.94
C ASN A 63 3.37 -12.92 29.63
N MET A 64 3.30 -13.69 28.54
CA MET A 64 3.35 -13.13 27.20
C MET A 64 2.06 -13.27 26.39
N ILE A 65 0.95 -13.55 27.07
CA ILE A 65 -0.31 -13.66 26.36
C ILE A 65 -0.55 -12.33 25.62
N GLY A 66 -0.87 -12.45 24.34
CA GLY A 66 -1.18 -11.28 23.54
C GLY A 66 0.02 -10.52 23.03
N ASN A 67 1.22 -10.90 23.45
CA ASN A 67 2.41 -10.22 22.95
C ASN A 67 2.38 -10.19 21.44
N PRO A 68 2.93 -9.12 20.84
CA PRO A 68 3.04 -9.12 19.39
C PRO A 68 4.08 -10.15 18.96
N ASP A 69 3.96 -10.62 17.73
CA ASP A 69 4.99 -11.39 17.07
C ASP A 69 6.32 -10.63 17.18
N SER A 70 7.34 -11.34 17.64
CA SER A 70 8.68 -10.77 17.86
C SER A 70 8.73 -9.76 19.00
N GLY A 71 7.72 -9.83 19.88
CA GLY A 71 7.76 -9.17 21.18
C GLY A 71 8.40 -10.12 22.18
N GLY A 72 8.17 -9.90 23.47
CA GLY A 72 8.66 -10.80 24.50
C GLY A 72 10.14 -10.67 24.78
N VAL A 73 10.80 -11.83 24.89
CA VAL A 73 12.18 -11.94 25.34
C VAL A 73 13.14 -11.62 24.21
N TRP A 74 13.60 -10.37 24.20
CA TRP A 74 14.68 -9.93 23.32
C TRP A 74 16.01 -10.40 23.94
N ALA A 75 17.13 -9.87 23.44
CA ALA A 75 18.45 -10.23 23.96
C ALA A 75 18.46 -10.34 25.49
N PRO A 76 18.85 -11.52 26.02
CA PRO A 76 19.06 -11.71 27.45
C PRO A 76 20.51 -11.49 27.84
N HIS A 77 20.77 -11.32 29.13
CA HIS A 77 22.15 -11.29 29.62
C HIS A 77 22.35 -12.28 30.76
N LEU A 78 23.22 -13.25 30.52
CA LEU A 78 23.59 -14.24 31.51
C LEU A 78 24.97 -13.93 32.11
N SER A 79 25.04 -13.86 33.43
CA SER A 79 26.33 -13.66 34.12
C SER A 79 26.39 -14.49 35.40
N TYR A 80 27.59 -14.62 35.96
CA TYR A 80 27.78 -15.36 37.20
C TYR A 80 28.61 -14.52 38.15
N SER A 81 28.12 -14.33 39.37
CA SER A 81 28.82 -13.53 40.38
C SER A 81 28.28 -13.82 41.77
N ASP A 82 29.16 -13.81 42.76
CA ASP A 82 28.81 -14.04 44.17
C ASP A 82 28.00 -15.32 44.35
N GLY A 83 28.48 -16.40 43.72
CA GLY A 83 27.92 -17.73 43.89
C GLY A 83 26.61 -18.04 43.20
N LYS A 84 26.16 -17.16 42.30
CA LYS A 84 24.89 -17.38 41.59
C LYS A 84 24.92 -16.84 40.17
N PHE A 85 24.07 -17.43 39.32
CA PHE A 85 23.83 -16.89 37.98
C PHE A 85 22.87 -15.71 38.05
N TRP A 86 23.09 -14.73 37.18
CA TRP A 86 22.22 -13.56 37.05
C TRP A 86 21.71 -13.53 35.63
N LEU A 87 20.39 -13.57 35.47
CA LEU A 87 19.78 -13.48 34.16
C LEU A 87 18.91 -12.24 34.06
N ILE A 88 19.26 -11.39 33.09
CA ILE A 88 18.53 -10.17 32.83
C ILE A 88 17.80 -10.38 31.52
N TYR A 89 16.51 -10.04 31.50
CA TYR A 89 15.70 -10.21 30.31
C TYR A 89 14.66 -9.11 30.21
N THR A 90 14.10 -8.97 29.00
CA THR A 90 13.08 -7.96 28.71
C THR A 90 11.78 -8.66 28.35
N ASP A 91 10.67 -8.02 28.66
CA ASP A 91 9.40 -8.39 28.07
C ASP A 91 8.96 -7.20 27.22
N VAL A 92 9.24 -7.27 25.93
CA VAL A 92 8.88 -6.18 25.01
C VAL A 92 7.42 -6.34 24.56
N LYS A 93 6.65 -5.25 24.66
CA LYS A 93 5.20 -5.27 24.44
C LYS A 93 4.77 -4.60 23.13
N VAL A 94 5.55 -3.61 22.69
CA VAL A 94 5.28 -2.87 21.46
C VAL A 94 6.53 -2.95 20.55
N VAL A 95 6.35 -3.40 19.31
CA VAL A 95 7.48 -3.70 18.42
C VAL A 95 7.37 -3.01 17.06
N GLU A 96 6.44 -2.06 16.96
CA GLU A 96 6.27 -1.25 15.75
C GLU A 96 5.86 0.14 16.18
N GLY A 97 6.28 1.14 15.39
CA GLY A 97 5.92 2.52 15.65
C GLY A 97 7.03 3.31 16.32
N GLN A 98 6.67 4.45 16.89
CA GLN A 98 7.62 5.30 17.58
C GLN A 98 8.08 4.74 18.93
N TRP A 99 7.24 3.92 19.55
CA TRP A 99 7.58 3.35 20.86
C TRP A 99 8.00 1.89 20.79
N LYS A 100 8.64 1.43 21.86
CA LYS A 100 9.10 0.06 21.99
C LYS A 100 8.88 -0.40 23.42
N ASP A 101 7.70 -0.10 23.95
CA ASP A 101 7.35 -0.40 25.33
C ASP A 101 7.78 -1.82 25.72
N GLY A 102 8.57 -1.90 26.78
CA GLY A 102 9.12 -3.17 27.25
C GLY A 102 9.83 -3.00 28.59
N HIS A 103 9.95 -4.09 29.34
CA HIS A 103 10.42 -4.02 30.71
C HIS A 103 11.56 -4.96 30.97
N ASN A 104 12.53 -4.50 31.76
CA ASN A 104 13.73 -5.27 32.07
C ASN A 104 13.61 -5.83 33.49
N TYR A 105 13.86 -7.13 33.61
CA TYR A 105 13.76 -7.86 34.87
C TYR A 105 15.03 -8.62 35.16
N LEU A 106 15.24 -8.91 36.44
CA LEU A 106 16.38 -9.72 36.90
C LEU A 106 15.87 -10.97 37.61
N VAL A 107 16.41 -12.12 37.24
CA VAL A 107 16.19 -13.38 37.98
C VAL A 107 17.52 -14.07 38.28
N THR A 108 17.59 -14.75 39.42
CA THR A 108 18.83 -15.43 39.83
C THR A 108 18.60 -16.90 40.09
N CYS A 109 19.68 -17.65 39.98
CA CYS A 109 19.68 -19.02 40.43
C CYS A 109 21.09 -19.42 40.83
N ASP A 110 21.21 -20.10 41.96
CA ASP A 110 22.50 -20.66 42.40
C ASP A 110 23.07 -21.58 41.32
N THR A 111 22.18 -22.18 40.54
CA THR A 111 22.56 -23.19 39.55
C THR A 111 21.88 -22.93 38.19
N ILE A 112 22.42 -23.50 37.12
CA ILE A 112 21.96 -23.11 35.76
C ILE A 112 20.54 -23.59 35.47
N ASP A 113 20.21 -24.79 35.95
CA ASP A 113 18.98 -25.50 35.63
C ASP A 113 18.11 -25.75 36.86
N GLY A 114 18.20 -24.85 37.83
CA GLY A 114 17.40 -24.94 39.04
C GLY A 114 16.10 -24.18 38.84
N ALA A 115 15.43 -23.84 39.93
CA ALA A 115 14.26 -22.97 39.85
C ALA A 115 14.74 -21.55 40.08
N TRP A 116 14.69 -20.75 39.01
CA TRP A 116 15.12 -19.36 39.09
C TRP A 116 14.12 -18.56 39.92
N SER A 117 14.58 -17.44 40.47
CA SER A 117 13.72 -16.58 41.28
C SER A 117 12.57 -15.94 40.47
N ASP A 118 11.62 -15.34 41.19
CA ASP A 118 10.63 -14.45 40.60
C ASP A 118 11.37 -13.17 40.28
N PRO A 119 10.90 -12.45 39.24
CA PRO A 119 11.65 -11.29 38.74
C PRO A 119 11.68 -10.12 39.71
N ILE A 120 12.79 -9.39 39.65
CA ILE A 120 12.93 -8.09 40.26
C ILE A 120 12.88 -7.10 39.11
N TYR A 121 11.95 -6.15 39.18
CA TYR A 121 11.81 -5.16 38.14
C TYR A 121 12.99 -4.19 38.19
N LEU A 122 13.54 -3.87 37.03
CA LEU A 122 14.68 -2.95 36.99
C LEU A 122 14.26 -1.58 36.47
N ASN A 123 13.95 -1.52 35.18
CA ASN A 123 13.53 -0.29 34.52
C ASN A 123 12.85 -0.65 33.21
N SER A 124 12.55 0.36 32.39
CA SER A 124 11.83 0.20 31.13
C SER A 124 12.38 1.09 30.01
N SER A 125 13.49 1.78 30.29
CA SER A 125 14.02 2.83 29.41
C SER A 125 14.56 2.35 28.06
N GLY A 126 14.67 1.04 27.91
CA GLY A 126 15.06 0.45 26.63
C GLY A 126 15.47 -1.00 26.76
N PHE A 127 15.53 -1.68 25.61
CA PHE A 127 15.88 -3.10 25.58
C PHE A 127 17.39 -3.31 25.71
N ASP A 128 17.81 -4.55 25.48
CA ASP A 128 19.22 -4.98 25.62
C ASP A 128 19.85 -4.73 27.00
N PRO A 129 19.16 -5.11 28.08
CA PRO A 129 19.72 -4.95 29.42
C PRO A 129 20.89 -5.91 29.67
N SER A 130 21.85 -5.45 30.48
CA SER A 130 23.05 -6.20 30.75
C SER A 130 23.55 -5.82 32.14
N LEU A 131 23.89 -6.81 32.96
CA LEU A 131 24.38 -6.56 34.31
C LEU A 131 25.90 -6.73 34.42
N PHE A 132 26.56 -5.68 34.89
CA PHE A 132 28.00 -5.66 35.05
C PHE A 132 28.39 -5.84 36.51
N HIS A 133 29.28 -6.78 36.77
CA HIS A 133 29.79 -7.04 38.12
C HIS A 133 31.20 -6.45 38.24
N ASP A 134 31.31 -5.27 38.84
CA ASP A 134 32.61 -4.59 38.99
C ASP A 134 33.46 -5.22 40.09
N GLU A 135 34.78 -5.07 39.95
CA GLU A 135 35.77 -5.60 40.91
C GLU A 135 35.53 -5.25 42.36
N ASP A 136 35.06 -4.04 42.62
CA ASP A 136 34.81 -3.56 43.98
C ASP A 136 33.54 -4.13 44.63
N GLY A 137 32.79 -4.91 43.87
CA GLY A 137 31.58 -5.55 44.37
C GLY A 137 30.29 -4.82 44.03
N ARG A 138 30.40 -3.64 43.42
CA ARG A 138 29.22 -2.89 42.97
C ARG A 138 28.70 -3.36 41.62
N LYS A 139 27.39 -3.27 41.43
CA LYS A 139 26.72 -3.80 40.24
C LYS A 139 26.10 -2.68 39.44
N TYR A 140 26.19 -2.79 38.12
CA TYR A 140 25.70 -1.76 37.22
C TYR A 140 24.89 -2.34 36.06
N LEU A 141 23.70 -1.81 35.86
CA LEU A 141 22.91 -2.17 34.70
C LEU A 141 23.18 -1.21 33.55
N VAL A 142 23.51 -1.76 32.39
CA VAL A 142 23.46 -0.99 31.14
C VAL A 142 22.35 -1.52 30.25
N ASN A 143 21.79 -0.63 29.43
CA ASN A 143 20.82 -0.98 28.40
C ASN A 143 20.74 0.18 27.42
N MET A 144 20.12 -0.04 26.27
CA MET A 144 19.91 1.05 25.33
C MET A 144 18.83 1.98 25.89
N TYR A 145 18.89 3.25 25.50
CA TYR A 145 17.93 4.25 25.93
C TYR A 145 17.09 4.65 24.72
N TRP A 146 15.77 4.43 24.81
CA TRP A 146 14.87 4.58 23.65
C TRP A 146 14.28 5.98 23.50
N ASP A 147 14.44 6.54 22.31
CA ASP A 147 13.94 7.86 21.98
C ASP A 147 12.83 7.74 20.93
N HIS A 148 11.63 8.14 21.32
CA HIS A 148 10.43 7.95 20.51
C HIS A 148 10.13 9.14 19.61
N ARG A 149 10.81 10.27 19.81
CA ARG A 149 10.39 11.51 19.16
C ARG A 149 10.53 11.45 17.66
N VAL A 150 9.59 12.11 16.99
CA VAL A 150 9.45 12.08 15.54
C VAL A 150 10.74 12.46 14.81
N ASP A 151 11.34 13.58 15.21
CA ASP A 151 12.49 14.10 14.50
C ASP A 151 13.82 13.52 14.99
N HIS A 152 13.76 12.34 15.63
CA HIS A 152 14.89 11.81 16.39
C HIS A 152 15.19 10.35 16.04
N HIS A 153 16.47 9.98 16.10
CA HIS A 153 16.89 8.60 15.98
C HIS A 153 16.58 7.87 17.30
N PRO A 154 15.81 6.77 17.24
CA PRO A 154 15.37 6.00 18.41
C PRO A 154 16.46 5.60 19.39
N PHE A 155 17.66 5.32 18.89
CA PHE A 155 18.73 4.79 19.72
C PHE A 155 19.58 5.93 20.32
N TYR A 156 19.14 6.39 21.49
CA TYR A 156 19.68 7.57 22.17
C TYR A 156 21.07 7.33 22.75
N GLY A 157 21.46 6.07 22.83
CA GLY A 157 22.75 5.66 23.35
C GLY A 157 22.63 4.61 24.44
N ILE A 158 23.71 4.46 25.20
CA ILE A 158 23.76 3.48 26.28
C ILE A 158 23.62 4.19 27.62
N VAL A 159 22.63 3.78 28.39
CA VAL A 159 22.40 4.30 29.73
C VAL A 159 23.01 3.32 30.75
N LEU A 160 23.51 3.88 31.85
CA LEU A 160 24.06 3.08 32.92
C LEU A 160 23.51 3.58 34.25
N GLN A 161 23.16 2.62 35.12
CA GLN A 161 22.71 2.93 36.46
C GLN A 161 23.13 1.79 37.37
N GLU A 162 23.48 2.14 38.60
CA GLU A 162 23.87 1.15 39.59
C GLU A 162 22.66 0.39 40.11
N TYR A 163 22.85 -0.90 40.34
CA TYR A 163 21.83 -1.75 40.94
C TYR A 163 22.23 -2.12 42.36
N SER A 164 21.37 -1.83 43.32
CA SER A 164 21.60 -2.22 44.72
C SER A 164 21.07 -3.63 44.95
N VAL A 165 22.00 -4.56 45.22
CA VAL A 165 21.62 -5.94 45.51
C VAL A 165 20.78 -6.02 46.79
N GLU A 166 21.15 -5.25 47.80
CA GLU A 166 20.43 -5.23 49.07
C GLU A 166 19.01 -4.68 48.91
N GLN A 167 18.89 -3.53 48.24
CA GLN A 167 17.60 -2.85 48.06
C GLN A 167 16.74 -3.45 46.93
N LYS A 168 17.37 -4.21 46.05
CA LYS A 168 16.69 -4.88 44.93
C LYS A 168 16.08 -3.86 43.97
N LYS A 169 16.87 -2.85 43.62
CA LYS A 169 16.45 -1.79 42.72
C LYS A 169 17.65 -0.96 42.27
N LEU A 170 17.46 -0.23 41.18
CA LEU A 170 18.47 0.68 40.67
C LEU A 170 18.56 1.92 41.57
N VAL A 171 19.76 2.42 41.79
CA VAL A 171 19.95 3.57 42.66
C VAL A 171 20.76 4.65 41.96
N GLY A 172 20.72 5.86 42.51
CA GLY A 172 21.41 7.00 41.92
C GLY A 172 20.76 7.41 40.61
N GLU A 173 21.47 8.24 39.86
CA GLU A 173 20.96 8.75 38.59
C GLU A 173 21.43 7.88 37.43
N PRO A 174 20.51 7.59 36.49
CA PRO A 174 20.91 6.98 35.23
C PRO A 174 21.63 8.00 34.36
N LYS A 175 22.68 7.55 33.68
CA LYS A 175 23.51 8.41 32.87
C LYS A 175 23.86 7.76 31.54
N ILE A 176 23.80 8.55 30.46
CA ILE A 176 24.28 8.11 29.16
C ILE A 176 25.80 8.10 29.15
N ILE A 177 26.37 6.94 28.85
CA ILE A 177 27.83 6.77 28.90
C ILE A 177 28.47 6.69 27.50
N PHE A 178 27.62 6.62 26.47
CA PHE A 178 28.05 6.32 25.10
C PHE A 178 26.90 6.51 24.13
N LYS A 179 27.09 7.39 23.15
CA LYS A 179 26.08 7.73 22.17
C LYS A 179 26.17 6.84 20.93
N GLY A 180 27.29 6.14 20.78
CA GLY A 180 27.50 5.26 19.66
C GLY A 180 28.36 5.88 18.57
N THR A 181 28.58 5.12 17.50
CA THR A 181 29.29 5.62 16.33
C THR A 181 28.29 6.00 15.23
N ASP A 182 28.80 6.43 14.08
CA ASP A 182 27.94 6.89 13.01
C ASP A 182 27.07 5.80 12.38
N LEU A 183 27.35 4.53 12.71
CA LEU A 183 26.47 3.41 12.38
C LEU A 183 25.13 3.58 13.07
N ARG A 184 25.16 4.07 14.30
CA ARG A 184 23.98 4.27 15.14
C ARG A 184 23.26 2.93 15.36
N ILE A 185 21.97 3.00 15.68
CA ILE A 185 21.20 1.81 16.09
C ILE A 185 22.01 1.10 17.20
N THR A 186 22.50 1.91 18.13
CA THR A 186 23.38 1.46 19.20
C THR A 186 22.60 0.77 20.32
N GLY A 187 22.83 -0.53 20.45
CA GLY A 187 22.25 -1.36 21.50
C GLY A 187 23.26 -2.42 21.94
N GLY A 188 22.74 -3.54 22.44
CA GLY A 188 23.55 -4.68 22.90
C GLY A 188 24.76 -4.36 23.76
N PRO A 189 24.62 -3.42 24.73
CA PRO A 189 25.81 -3.02 25.52
C PRO A 189 26.28 -4.10 26.50
N HIS A 190 27.59 -4.34 26.52
CA HIS A 190 28.21 -5.20 27.52
C HIS A 190 29.51 -4.55 28.03
N LEU A 191 29.65 -4.50 29.35
CA LEU A 191 30.84 -3.93 30.00
C LEU A 191 31.82 -5.01 30.46
N TYR A 192 33.10 -4.74 30.28
CA TYR A 192 34.17 -5.64 30.74
C TYR A 192 35.33 -4.86 31.33
N LYS A 193 35.78 -5.27 32.50
CA LYS A 193 36.99 -4.70 33.09
C LYS A 193 38.19 -5.56 32.70
N ILE A 194 39.03 -5.02 31.82
CA ILE A 194 40.21 -5.74 31.32
C ILE A 194 41.41 -4.79 31.38
N ASN A 195 42.51 -5.27 31.97
CA ASN A 195 43.67 -4.43 32.26
C ASN A 195 43.14 -3.25 33.09
N GLY A 196 43.52 -2.02 32.74
CA GLY A 196 43.03 -0.85 33.47
C GLY A 196 41.84 -0.14 32.81
N TYR A 197 41.13 -0.86 31.94
CA TYR A 197 40.04 -0.25 31.14
C TYR A 197 38.69 -0.89 31.37
N TYR A 198 37.64 -0.08 31.28
CA TYR A 198 36.29 -0.56 31.09
C TYR A 198 36.07 -0.63 29.58
N TYR A 199 35.84 -1.83 29.08
CA TYR A 199 35.51 -2.02 27.67
C TYR A 199 33.99 -2.11 27.53
N LEU A 200 33.44 -1.22 26.71
CA LEU A 200 32.01 -1.25 26.40
C LEU A 200 31.81 -1.78 24.98
N LEU A 201 31.21 -2.95 24.91
CA LEU A 201 30.90 -3.61 23.65
C LEU A 201 29.44 -3.32 23.33
N THR A 202 29.17 -2.83 22.11
CA THR A 202 27.80 -2.59 21.69
C THR A 202 27.47 -3.28 20.36
N ALA A 203 26.18 -3.41 20.07
CA ALA A 203 25.72 -3.78 18.73
C ALA A 203 25.28 -2.51 18.02
N GLU A 204 25.63 -2.40 16.74
CA GLU A 204 25.26 -1.23 15.95
C GLU A 204 24.84 -1.59 14.52
N GLY A 205 24.29 -0.61 13.81
CA GLY A 205 23.86 -0.79 12.42
C GLY A 205 22.59 -1.60 12.20
N GLY A 206 21.97 -2.09 13.28
CA GLY A 206 20.74 -2.90 13.17
C GLY A 206 21.01 -4.35 12.81
N THR A 207 20.11 -5.23 13.21
CA THR A 207 20.32 -6.69 13.11
C THR A 207 20.09 -7.28 11.72
N ARG A 208 20.08 -6.43 10.70
CA ARG A 208 20.04 -6.89 9.32
C ARG A 208 21.47 -6.92 8.74
N TYR A 209 21.64 -6.57 7.48
CA TYR A 209 22.96 -6.76 6.84
C TYR A 209 24.02 -5.72 7.18
N ASN A 210 23.59 -4.63 7.82
CA ASN A 210 24.50 -3.57 8.29
C ASN A 210 24.96 -3.80 9.73
N HIS A 211 24.63 -4.96 10.28
CA HIS A 211 24.95 -5.31 11.66
C HIS A 211 26.43 -5.28 11.93
N ALA A 212 26.79 -4.82 13.13
CA ALA A 212 28.17 -4.74 13.55
C ALA A 212 28.29 -4.88 15.06
N ALA A 213 29.44 -5.40 15.49
CA ALA A 213 29.83 -5.31 16.88
C ALA A 213 30.85 -4.17 17.00
N THR A 214 30.56 -3.23 17.89
CA THR A 214 31.43 -2.10 18.18
C THR A 214 32.00 -2.28 19.59
N ILE A 215 33.27 -1.90 19.75
CA ILE A 215 33.87 -1.91 21.08
C ILE A 215 34.61 -0.59 21.37
N ALA A 216 34.53 -0.15 22.62
CA ALA A 216 35.11 1.11 23.04
C ALA A 216 35.61 0.95 24.48
N ARG A 217 36.57 1.77 24.87
CA ARG A 217 37.16 1.65 26.20
C ARG A 217 37.27 3.01 26.88
N SER A 218 37.38 2.98 28.21
CA SER A 218 37.52 4.15 29.03
C SER A 218 38.10 3.68 30.35
N THR A 219 38.83 4.57 31.03
CA THR A 219 39.32 4.27 32.37
C THR A 219 38.22 4.50 33.39
N SER A 220 37.23 5.31 33.02
CA SER A 220 36.07 5.56 33.85
C SER A 220 34.83 4.84 33.33
N LEU A 221 34.07 4.28 34.26
CA LEU A 221 32.82 3.60 33.97
C LEU A 221 31.84 4.51 33.22
N TYR A 222 31.73 5.75 33.69
CA TYR A 222 30.81 6.72 33.08
C TYR A 222 31.38 7.42 31.85
N GLY A 223 32.55 6.96 31.40
CA GLY A 223 33.16 7.46 30.18
C GLY A 223 33.96 8.74 30.35
N PRO A 224 34.20 9.47 29.24
CA PRO A 224 33.76 9.10 27.89
C PRO A 224 34.55 7.92 27.31
N TYR A 225 33.94 7.18 26.38
CA TYR A 225 34.55 5.98 25.80
C TYR A 225 35.21 6.23 24.45
N GLU A 226 36.40 5.68 24.26
CA GLU A 226 37.08 5.80 22.97
C GLU A 226 36.91 4.53 22.13
N VAL A 227 36.57 4.73 20.86
CA VAL A 227 36.21 3.65 19.95
C VAL A 227 37.44 2.91 19.42
N HIS A 228 37.31 1.59 19.31
CA HIS A 228 38.29 0.74 18.61
C HIS A 228 38.74 1.45 17.32
N PRO A 229 40.05 1.74 17.20
CA PRO A 229 40.58 2.48 16.05
C PRO A 229 40.36 1.78 14.70
N ASP A 230 39.99 0.49 14.73
CA ASP A 230 39.72 -0.27 13.52
C ASP A 230 38.30 -0.84 13.53
N ASN A 231 37.43 -0.19 14.30
CA ASN A 231 36.01 -0.51 14.38
C ASN A 231 35.33 -0.55 12.99
N PRO A 232 34.36 -1.46 12.78
CA PRO A 232 33.81 -2.43 13.73
C PRO A 232 34.80 -3.51 14.15
N LEU A 233 34.62 -4.03 15.36
CA LEU A 233 35.27 -5.25 15.81
C LEU A 233 34.85 -6.41 14.92
N LEU A 234 33.57 -6.42 14.56
CA LEU A 234 32.97 -7.50 13.78
C LEU A 234 31.79 -6.97 12.99
N THR A 235 31.70 -7.41 11.74
CA THR A 235 30.61 -7.04 10.84
C THR A 235 30.70 -7.92 9.59
N SER A 236 29.56 -8.11 8.92
CA SER A 236 29.53 -8.86 7.66
C SER A 236 29.32 -7.93 6.49
N TRP A 237 29.04 -6.67 6.77
CA TRP A 237 28.55 -5.76 5.75
C TRP A 237 29.46 -5.61 4.51
N PRO A 238 30.79 -5.46 4.70
CA PRO A 238 31.61 -5.36 3.50
C PRO A 238 32.02 -6.72 2.91
N TYR A 239 31.38 -7.79 3.38
CA TYR A 239 31.68 -9.14 2.90
C TYR A 239 30.43 -9.85 2.36
N PRO A 240 29.92 -9.42 1.19
CA PRO A 240 28.66 -9.95 0.66
C PRO A 240 28.69 -11.40 0.16
N ARG A 241 29.87 -12.00 0.13
CA ARG A 241 30.04 -13.37 -0.37
C ARG A 241 30.25 -14.36 0.77
N ASN A 242 30.47 -13.83 1.96
CA ASN A 242 30.57 -14.60 3.19
C ASN A 242 29.24 -15.33 3.47
N PRO A 243 29.30 -16.65 3.73
CA PRO A 243 28.06 -17.41 4.00
C PRO A 243 27.41 -16.95 5.31
N LEU A 244 28.20 -16.27 6.14
CA LEU A 244 27.75 -15.77 7.43
C LEU A 244 27.53 -14.27 7.39
N GLN A 245 26.26 -13.89 7.28
CA GLN A 245 25.88 -12.50 7.18
C GLN A 245 25.39 -11.97 8.53
N LYS A 246 25.10 -10.68 8.60
CA LYS A 246 24.48 -10.04 9.79
C LYS A 246 25.30 -10.18 11.08
N ALA A 247 26.62 -10.34 10.96
CA ALA A 247 27.46 -10.59 12.12
C ALA A 247 27.51 -9.39 13.06
N GLY A 248 26.90 -9.57 14.23
CA GLY A 248 26.86 -8.55 15.26
C GLY A 248 26.20 -9.07 16.53
N HIS A 249 25.89 -8.15 17.44
CA HIS A 249 25.37 -8.46 18.77
C HIS A 249 26.20 -9.54 19.46
N ALA A 250 27.40 -9.14 19.85
CA ALA A 250 28.36 -10.07 20.39
C ALA A 250 28.43 -9.98 21.90
N SER A 251 29.11 -10.97 22.49
CA SER A 251 29.54 -10.94 23.87
C SER A 251 30.86 -11.68 23.93
N ILE A 252 31.72 -11.30 24.88
CA ILE A 252 33.10 -11.75 24.94
C ILE A 252 33.30 -12.77 26.06
N VAL A 253 34.04 -13.83 25.77
CA VAL A 253 34.44 -14.80 26.78
C VAL A 253 35.97 -14.87 26.90
N HIS A 254 36.45 -14.88 28.13
CA HIS A 254 37.86 -15.08 28.47
C HIS A 254 37.96 -16.44 29.16
N THR A 255 38.53 -17.41 28.46
CA THR A 255 38.53 -18.79 28.92
C THR A 255 39.54 -19.02 30.04
N HIS A 256 39.40 -20.16 30.72
CA HIS A 256 40.33 -20.59 31.75
C HIS A 256 41.70 -21.00 31.16
N THR A 257 41.79 -20.97 29.83
CA THR A 257 43.03 -21.31 29.14
C THR A 257 43.68 -20.01 28.62
N ASP A 258 43.24 -18.88 29.19
CA ASP A 258 43.75 -17.55 28.84
C ASP A 258 43.61 -17.24 27.34
N GLU A 259 42.49 -17.70 26.79
CA GLU A 259 42.13 -17.44 25.39
C GLU A 259 40.87 -16.60 25.35
N TRP A 260 40.65 -15.92 24.23
CA TRP A 260 39.52 -15.02 24.08
C TRP A 260 38.68 -15.40 22.88
N PHE A 261 37.37 -15.42 23.08
CA PHE A 261 36.41 -15.68 21.99
C PHE A 261 35.24 -14.69 22.02
N LEU A 262 34.60 -14.55 20.86
CA LEU A 262 33.50 -13.63 20.67
C LEU A 262 32.35 -14.39 20.01
N VAL A 263 31.30 -14.67 20.78
CA VAL A 263 30.08 -15.20 20.19
C VAL A 263 29.22 -14.07 19.63
N HIS A 264 28.51 -14.34 18.55
CA HIS A 264 27.67 -13.35 17.89
C HIS A 264 26.57 -14.04 17.10
N LEU A 265 25.56 -13.29 16.69
CA LEU A 265 24.52 -13.84 15.86
C LEU A 265 24.96 -13.74 14.40
N THR A 266 24.31 -14.53 13.55
CA THR A 266 24.56 -14.49 12.12
C THR A 266 23.35 -15.01 11.38
N GLY A 267 23.11 -14.46 10.19
CA GLY A 267 22.08 -14.97 9.29
C GLY A 267 22.76 -15.68 8.13
N ARG A 268 22.17 -16.80 7.74
CA ARG A 268 22.68 -17.66 6.68
C ARG A 268 21.67 -17.58 5.54
N PRO A 269 21.88 -16.66 4.56
CA PRO A 269 20.92 -16.57 3.47
C PRO A 269 20.81 -17.87 2.70
N LEU A 270 19.58 -18.16 2.23
CA LEU A 270 19.32 -19.20 1.25
C LEU A 270 20.18 -19.01 -0.02
N PRO A 271 20.41 -20.09 -0.79
CA PRO A 271 21.18 -19.95 -2.02
C PRO A 271 20.51 -18.95 -2.96
N ARG A 272 21.30 -18.04 -3.51
CA ARG A 272 20.79 -16.99 -4.39
C ARG A 272 21.68 -16.82 -5.61
N GLU A 273 22.31 -17.91 -6.04
CA GLU A 273 23.17 -17.91 -7.22
C GLU A 273 22.35 -17.45 -8.42
N GLY A 274 22.95 -16.63 -9.27
CA GLY A 274 22.23 -16.02 -10.38
C GLY A 274 21.45 -14.77 -10.01
N GLN A 275 21.61 -14.31 -8.77
CA GLN A 275 20.95 -13.08 -8.32
C GLN A 275 21.91 -11.94 -7.99
N PRO A 276 21.48 -10.69 -8.17
CA PRO A 276 22.38 -9.54 -7.99
C PRO A 276 22.96 -9.50 -6.60
N LEU A 277 24.29 -9.57 -6.50
CA LEU A 277 25.00 -9.76 -5.23
C LEU A 277 24.57 -8.78 -4.14
N LEU A 278 24.32 -7.53 -4.52
CA LEU A 278 24.12 -6.45 -3.54
C LEU A 278 22.68 -5.93 -3.45
N GLU A 279 21.86 -6.25 -4.44
CA GLU A 279 20.50 -5.72 -4.52
C GLU A 279 19.69 -6.10 -3.27
N HIS A 280 19.54 -7.40 -3.02
CA HIS A 280 18.97 -7.91 -1.78
C HIS A 280 19.83 -9.07 -1.29
N ARG A 281 20.33 -8.95 -0.06
CA ARG A 281 21.37 -9.86 0.40
C ARG A 281 20.87 -11.18 1.01
N GLY A 282 19.57 -11.40 0.96
CA GLY A 282 19.04 -12.75 1.14
C GLY A 282 17.95 -12.95 2.15
N TYR A 283 17.50 -14.20 2.24
CA TYR A 283 16.38 -14.58 3.08
C TYR A 283 16.86 -15.73 3.95
N CYS A 284 16.68 -15.55 5.26
CA CYS A 284 17.19 -16.51 6.24
C CYS A 284 16.05 -17.20 6.99
N PRO A 285 15.61 -18.39 6.50
CA PRO A 285 14.52 -19.15 7.15
C PRO A 285 14.93 -19.72 8.50
N LEU A 286 16.24 -19.87 8.70
CA LEU A 286 16.76 -20.33 9.98
C LEU A 286 16.93 -19.16 10.95
N GLY A 287 16.54 -17.97 10.50
CA GLY A 287 16.57 -16.78 11.34
C GLY A 287 17.99 -16.41 11.68
N ARG A 288 18.18 -15.95 12.91
CA ARG A 288 19.50 -15.54 13.40
C ARG A 288 20.05 -16.58 14.33
N GLU A 289 21.23 -17.08 13.97
CA GLU A 289 21.88 -18.21 14.63
C GLU A 289 23.10 -17.69 15.39
N THR A 290 23.66 -18.55 16.25
CA THR A 290 24.84 -18.21 17.03
C THR A 290 26.11 -18.79 16.41
N ALA A 291 27.09 -17.91 16.18
CA ALA A 291 28.42 -18.29 15.69
C ALA A 291 29.49 -17.87 16.70
N ILE A 292 30.70 -18.44 16.58
CA ILE A 292 31.81 -18.07 17.45
C ILE A 292 33.05 -17.60 16.65
N GLN A 293 33.70 -16.55 17.15
CA GLN A 293 34.93 -16.05 16.55
C GLN A 293 36.07 -16.08 17.57
N ARG A 294 37.29 -16.20 17.08
CA ARG A 294 38.46 -16.13 17.94
C ARG A 294 38.93 -14.69 18.01
N LEU A 295 39.32 -14.26 19.20
CA LEU A 295 39.86 -12.92 19.42
C LEU A 295 41.36 -12.97 19.74
N GLU A 296 42.10 -11.98 19.23
CA GLU A 296 43.48 -11.74 19.66
C GLU A 296 43.60 -10.28 20.10
N TRP A 297 44.65 -9.97 20.85
CA TRP A 297 44.84 -8.62 21.38
C TRP A 297 46.03 -7.91 20.73
N LYS A 298 45.81 -6.62 20.43
CA LYS A 298 46.83 -5.75 19.87
C LYS A 298 46.64 -4.36 20.48
N ASP A 299 47.65 -3.89 21.21
CA ASP A 299 47.66 -2.56 21.82
C ASP A 299 46.45 -2.25 22.70
N GLY A 300 46.09 -3.21 23.56
CA GLY A 300 44.90 -3.09 24.41
C GLY A 300 43.61 -3.00 23.62
N TRP A 301 43.59 -3.65 22.45
CA TRP A 301 42.38 -3.75 21.63
C TRP A 301 42.17 -5.17 21.12
N PRO A 302 40.94 -5.71 21.25
CA PRO A 302 40.68 -7.04 20.74
C PRO A 302 40.46 -6.98 19.24
N TYR A 303 40.92 -8.03 18.55
CA TYR A 303 40.74 -8.13 17.11
C TYR A 303 40.21 -9.52 16.79
N VAL A 304 39.22 -9.58 15.92
CA VAL A 304 38.72 -10.86 15.44
C VAL A 304 39.80 -11.48 14.55
N VAL A 305 40.27 -12.66 14.95
CA VAL A 305 41.25 -13.41 14.17
C VAL A 305 40.71 -13.65 12.75
N GLY A 306 41.46 -13.17 11.76
CA GLY A 306 41.11 -13.31 10.35
C GLY A 306 40.13 -12.25 9.87
N GLY A 307 40.58 -10.99 9.85
CA GLY A 307 39.73 -9.86 9.42
C GLY A 307 38.56 -9.59 10.38
N ASN A 308 37.91 -8.45 10.21
CA ASN A 308 36.78 -8.12 11.10
C ASN A 308 35.46 -8.68 10.60
N GLY A 309 35.55 -9.59 9.63
CA GLY A 309 34.42 -10.38 9.15
C GLY A 309 34.41 -11.73 9.84
N PRO A 310 33.23 -12.38 9.89
CA PRO A 310 33.10 -13.69 10.54
C PRO A 310 33.70 -14.84 9.74
N SER A 311 34.59 -15.61 10.38
CA SER A 311 35.16 -16.80 9.75
C SER A 311 34.25 -18.00 9.97
N LEU A 312 34.13 -18.84 8.95
CA LEU A 312 33.22 -19.99 8.98
C LEU A 312 33.68 -21.01 10.00
N GLU A 313 34.99 -21.19 10.06
CA GLU A 313 35.62 -22.18 10.92
C GLU A 313 36.78 -21.53 11.66
N ILE A 314 36.86 -21.76 12.96
CA ILE A 314 37.92 -21.21 13.80
C ILE A 314 38.63 -22.30 14.61
N ASP A 315 39.79 -21.95 15.18
CA ASP A 315 40.50 -22.81 16.12
C ASP A 315 39.83 -22.76 17.48
N GLY A 316 39.38 -23.91 17.97
CA GLY A 316 38.79 -24.02 19.30
C GLY A 316 39.82 -23.89 20.41
N PRO A 317 39.36 -23.67 21.67
CA PRO A 317 40.28 -23.47 22.82
C PRO A 317 41.10 -24.70 23.22
N SER A 318 42.22 -24.48 23.90
CA SER A 318 43.15 -25.52 24.33
C SER A 318 42.56 -26.49 25.37
N VAL A 319 41.46 -27.14 25.00
CA VAL A 319 40.79 -28.11 25.89
C VAL A 319 40.50 -29.41 25.14
N GLU A 320 40.23 -30.47 25.91
CA GLU A 320 39.87 -31.76 25.33
C GLU A 320 38.42 -31.70 24.86
N GLU A 321 38.15 -32.18 23.65
CA GLU A 321 36.78 -32.19 23.11
C GLU A 321 35.83 -32.99 23.99
N VAL A 322 34.69 -32.37 24.30
CA VAL A 322 33.64 -33.01 25.08
C VAL A 322 32.33 -32.93 24.31
N SER A 323 32.03 -34.00 23.59
CA SER A 323 30.80 -34.08 22.82
C SER A 323 29.67 -34.60 23.69
N TRP A 324 28.45 -34.18 23.35
CA TRP A 324 27.26 -34.54 24.10
C TRP A 324 26.42 -35.51 23.29
N GLU A 325 25.81 -36.48 23.97
CA GLU A 325 24.90 -37.41 23.30
C GLU A 325 23.63 -36.69 22.80
N LYS A 326 22.95 -37.30 21.85
CA LYS A 326 21.77 -36.72 21.23
C LYS A 326 20.65 -36.59 22.26
N ASP A 327 20.10 -35.38 22.37
CA ASP A 327 19.09 -35.10 23.40
C ASP A 327 17.65 -35.07 22.85
N TYR A 328 17.46 -35.61 21.65
CA TYR A 328 16.12 -35.88 21.13
C TYR A 328 16.11 -37.11 20.24
N ASP A 329 14.96 -37.78 20.22
CA ASP A 329 14.72 -38.86 19.30
C ASP A 329 14.39 -38.27 17.94
N GLU A 330 15.05 -38.81 16.92
CA GLU A 330 14.75 -38.49 15.54
C GLU A 330 13.25 -38.74 15.28
N LYS A 331 12.78 -39.93 15.69
CA LYS A 331 11.36 -40.22 15.74
C LYS A 331 10.94 -40.23 17.20
N ASP A 332 10.33 -39.13 17.62
CA ASP A 332 9.92 -38.92 19.00
C ASP A 332 8.54 -39.53 19.18
N ASP A 333 8.51 -40.67 19.86
CA ASP A 333 7.27 -41.40 20.07
C ASP A 333 6.37 -40.88 21.20
N PHE A 334 6.76 -39.77 21.82
CA PHE A 334 5.99 -39.21 22.96
C PHE A 334 5.90 -40.23 24.10
N ASP A 335 7.08 -40.69 24.51
CA ASP A 335 7.24 -41.74 25.51
C ASP A 335 7.44 -41.18 26.92
N GLY A 336 8.01 -39.99 27.03
CA GLY A 336 8.33 -39.43 28.35
C GLY A 336 7.07 -39.02 29.08
N ASP A 337 7.21 -38.52 30.31
CA ASP A 337 6.03 -37.96 30.94
C ASP A 337 6.05 -36.45 30.65
N THR A 338 7.04 -36.04 29.88
CA THR A 338 7.28 -34.65 29.54
C THR A 338 7.64 -34.55 28.05
N LEU A 339 7.22 -33.47 27.41
CA LEU A 339 7.61 -33.19 26.03
C LEU A 339 9.10 -32.91 25.95
N ASN A 340 9.74 -33.35 24.87
CA ASN A 340 11.15 -33.01 24.62
C ASN A 340 11.37 -31.51 24.60
N HIS A 341 12.49 -31.09 25.21
CA HIS A 341 12.80 -29.68 25.43
C HIS A 341 13.15 -28.84 24.20
N HIS A 342 13.21 -29.47 23.02
CA HIS A 342 13.29 -28.69 21.77
C HIS A 342 11.91 -28.17 21.33
N PHE A 343 10.86 -28.70 21.95
CA PHE A 343 9.49 -28.29 21.67
C PHE A 343 9.16 -27.05 22.48
N GLN A 344 8.64 -26.04 21.82
CA GLN A 344 8.18 -24.83 22.52
C GLN A 344 6.73 -24.55 22.19
N THR A 345 6.09 -23.67 22.95
CA THR A 345 4.72 -23.27 22.68
C THR A 345 4.70 -21.76 22.48
N LEU A 346 3.62 -21.24 21.93
CA LEU A 346 3.51 -19.80 21.69
C LEU A 346 3.04 -19.03 22.92
N ARG A 347 3.92 -18.15 23.41
CA ARG A 347 3.60 -17.15 24.43
C ARG A 347 3.38 -17.65 25.83
N ILE A 348 2.63 -18.75 25.96
CA ILE A 348 2.13 -19.20 27.26
C ILE A 348 2.45 -20.67 27.45
N PRO A 349 2.56 -21.14 28.70
CA PRO A 349 2.58 -22.58 28.91
C PRO A 349 1.22 -23.16 28.58
N LEU A 350 1.21 -24.40 28.10
CA LEU A 350 -0.06 -25.08 27.87
C LEU A 350 -0.22 -26.12 28.97
N GLY A 351 -1.31 -26.03 29.72
CA GLY A 351 -1.59 -27.01 30.76
C GLY A 351 -2.08 -28.29 30.14
N GLU A 352 -2.30 -29.30 30.99
CA GLU A 352 -2.79 -30.61 30.58
C GLU A 352 -4.17 -30.51 29.94
N ASP A 353 -4.87 -29.42 30.22
CA ASP A 353 -6.15 -29.19 29.58
C ASP A 353 -6.04 -28.80 28.08
N ILE A 354 -4.82 -28.57 27.59
CA ILE A 354 -4.61 -28.22 26.17
C ILE A 354 -3.64 -29.16 25.50
N ALA A 355 -2.49 -29.37 26.16
CA ALA A 355 -1.46 -30.28 25.66
C ALA A 355 -1.16 -31.32 26.74
N THR A 356 -1.32 -32.60 26.40
CA THR A 356 -1.13 -33.64 27.40
C THR A 356 -0.60 -34.97 26.86
N LEU A 357 0.29 -35.61 27.63
CA LEU A 357 0.73 -36.98 27.36
C LEU A 357 -0.09 -38.00 28.15
N LYS A 358 -0.98 -37.53 29.00
CA LYS A 358 -1.67 -38.40 29.95
C LYS A 358 -3.00 -38.92 29.47
N ALA A 359 -3.55 -38.30 28.42
CA ALA A 359 -4.90 -38.65 27.98
C ALA A 359 -4.90 -39.92 27.14
N ARG A 360 -3.90 -40.08 26.27
CA ARG A 360 -3.74 -41.29 25.46
C ARG A 360 -2.30 -41.70 25.50
N PRO A 361 -1.99 -42.86 26.10
CA PRO A 361 -0.59 -43.27 26.28
C PRO A 361 0.20 -43.22 24.97
N GLY A 362 1.41 -42.69 25.06
CA GLY A 362 2.32 -42.62 23.91
C GLY A 362 1.87 -41.67 22.82
N HIS A 363 0.99 -40.73 23.16
CA HIS A 363 0.54 -39.74 22.20
C HIS A 363 0.59 -38.39 22.85
N LEU A 364 0.88 -37.36 22.05
CA LEU A 364 0.62 -36.00 22.48
C LEU A 364 -0.81 -35.69 22.06
N ARG A 365 -1.64 -35.34 23.04
CA ARG A 365 -2.97 -34.91 22.71
C ARG A 365 -3.06 -33.40 22.80
N LEU A 366 -3.58 -32.79 21.74
CA LEU A 366 -3.84 -31.37 21.70
C LEU A 366 -5.34 -31.11 21.63
N TYR A 367 -5.87 -30.45 22.66
CA TYR A 367 -7.26 -30.01 22.64
C TYR A 367 -7.29 -28.71 21.84
N GLY A 368 -8.10 -28.67 20.79
CA GLY A 368 -8.05 -27.55 19.85
C GLY A 368 -8.43 -26.24 20.50
N ARG A 369 -7.62 -25.21 20.28
CA ARG A 369 -7.97 -23.89 20.77
C ARG A 369 -8.11 -22.96 19.58
N GLU A 370 -7.39 -21.84 19.57
CA GLU A 370 -7.60 -20.80 18.59
C GLU A 370 -6.82 -21.02 17.29
N SER A 371 -7.10 -20.17 16.30
CA SER A 371 -6.49 -20.26 14.98
C SER A 371 -5.00 -19.95 15.01
N LEU A 372 -4.35 -20.29 13.90
CA LEU A 372 -2.92 -20.02 13.73
C LEU A 372 -2.61 -18.52 13.74
N THR A 373 -3.64 -17.68 13.65
CA THR A 373 -3.43 -16.23 13.62
C THR A 373 -3.59 -15.60 15.02
N SER A 374 -3.74 -16.43 16.05
CA SER A 374 -3.99 -15.92 17.39
C SER A 374 -2.73 -15.74 18.18
N ARG A 375 -2.62 -14.54 18.75
CA ARG A 375 -1.56 -14.21 19.68
C ARG A 375 -1.95 -14.55 21.13
N PHE A 376 -2.97 -15.39 21.30
CA PHE A 376 -3.46 -15.68 22.64
C PHE A 376 -3.26 -17.15 23.02
N THR A 377 -4.21 -18.02 22.68
CA THR A 377 -4.17 -19.42 23.09
C THR A 377 -4.22 -20.35 21.89
N GLN A 378 -3.04 -20.81 21.45
CA GLN A 378 -2.93 -21.78 20.36
C GLN A 378 -2.46 -23.12 20.89
N ALA A 379 -3.18 -24.17 20.51
CA ALA A 379 -2.77 -25.54 20.82
C ALA A 379 -1.74 -25.97 19.78
N PHE A 380 -0.50 -25.56 20.02
CA PHE A 380 0.58 -25.61 19.06
C PHE A 380 1.88 -25.98 19.78
N VAL A 381 2.49 -27.08 19.37
CA VAL A 381 3.77 -27.53 19.93
C VAL A 381 4.74 -27.66 18.76
N ALA A 382 5.84 -26.93 18.81
CA ALA A 382 6.70 -26.79 17.64
C ALA A 382 8.17 -26.78 17.98
N ARG A 383 8.99 -27.12 16.99
CA ARG A 383 10.44 -27.10 17.14
C ARG A 383 11.06 -26.34 15.97
N ARG A 384 12.24 -25.75 16.18
CA ARG A 384 12.90 -24.92 15.19
C ARG A 384 13.30 -25.71 13.95
N TRP A 385 13.21 -25.07 12.79
CA TRP A 385 13.99 -25.45 11.63
C TRP A 385 15.45 -25.20 12.05
N GLN A 386 16.30 -26.21 11.91
CA GLN A 386 17.70 -26.10 12.35
C GLN A 386 18.70 -26.49 11.27
N HIS A 387 18.18 -26.84 10.10
CA HIS A 387 18.97 -27.20 8.92
C HIS A 387 18.23 -26.74 7.66
N PHE A 388 18.96 -26.49 6.57
CA PHE A 388 18.30 -26.14 5.30
C PHE A 388 17.69 -27.34 4.61
N HIS A 389 18.11 -28.53 5.01
CA HIS A 389 17.62 -29.76 4.39
C HIS A 389 17.13 -30.71 5.47
N PHE A 390 15.83 -30.93 5.54
CA PHE A 390 15.28 -31.89 6.50
C PHE A 390 13.94 -32.50 6.10
N VAL A 391 13.54 -33.48 6.87
CA VAL A 391 12.19 -34.02 6.80
C VAL A 391 11.60 -33.97 8.21
N ALA A 392 10.36 -33.48 8.29
CA ALA A 392 9.59 -33.53 9.53
C ALA A 392 8.28 -34.26 9.23
N GLU A 393 7.78 -34.99 10.22
CA GLU A 393 6.66 -35.87 9.98
C GLU A 393 5.92 -36.15 11.27
N THR A 394 4.61 -36.33 11.14
CA THR A 394 3.77 -36.72 12.27
C THR A 394 2.66 -37.67 11.83
N LYS A 395 2.01 -38.28 12.82
CA LYS A 395 1.02 -39.32 12.58
C LYS A 395 -0.14 -39.00 13.53
N VAL A 396 -1.30 -38.68 12.99
CA VAL A 396 -2.32 -38.03 13.79
C VAL A 396 -3.69 -38.68 13.66
N SER A 397 -4.33 -38.85 14.81
CA SER A 397 -5.70 -39.30 14.89
C SER A 397 -6.65 -38.12 15.18
N PHE A 398 -7.63 -37.91 14.31
CA PHE A 398 -8.45 -36.70 14.36
C PHE A 398 -9.74 -36.84 13.58
N ARG A 399 -10.84 -36.50 14.23
CA ARG A 399 -12.19 -36.57 13.66
C ARG A 399 -12.87 -35.22 13.82
N PRO A 400 -12.66 -34.31 12.85
CA PRO A 400 -13.34 -33.02 12.92
C PRO A 400 -14.80 -33.21 12.53
N THR A 401 -15.71 -32.49 13.19
CA THR A 401 -17.14 -32.58 12.88
C THR A 401 -17.63 -31.29 12.19
N THR A 402 -16.72 -30.33 12.05
CA THR A 402 -16.99 -29.03 11.45
C THR A 402 -15.73 -28.45 10.83
N PHE A 403 -15.90 -27.50 9.91
CA PHE A 403 -14.76 -26.80 9.29
C PHE A 403 -14.06 -25.84 10.27
N GLN A 404 -14.66 -25.62 11.42
CA GLN A 404 -14.03 -24.79 12.46
C GLN A 404 -12.93 -25.55 13.21
N GLN A 405 -12.78 -26.83 12.89
CA GLN A 405 -11.81 -27.71 13.55
C GLN A 405 -10.73 -28.15 12.57
N SER A 406 -9.48 -28.16 13.03
CA SER A 406 -8.37 -28.58 12.20
C SER A 406 -7.28 -29.17 13.05
N ALA A 407 -6.49 -30.06 12.46
CA ALA A 407 -5.26 -30.54 13.10
C ALA A 407 -4.27 -30.78 11.98
N GLY A 408 -3.02 -30.36 12.17
CA GLY A 408 -2.06 -30.56 11.12
C GLY A 408 -0.61 -30.32 11.42
N LEU A 409 0.19 -30.50 10.38
CA LEU A 409 1.61 -30.20 10.40
C LEU A 409 1.76 -28.79 9.85
N VAL A 410 2.40 -27.94 10.61
CA VAL A 410 2.49 -26.52 10.28
C VAL A 410 3.94 -26.15 10.14
N ASN A 411 4.25 -25.37 9.12
CA ASN A 411 5.53 -24.66 9.09
C ASN A 411 5.27 -23.19 9.31
N TYR A 412 5.88 -22.68 10.38
CA TYR A 412 5.38 -21.46 11.01
C TYR A 412 6.47 -20.42 11.23
N TYR A 413 6.22 -19.18 10.80
CA TYR A 413 7.11 -18.07 11.20
C TYR A 413 6.46 -17.23 12.30
N ASN A 414 5.32 -16.62 11.98
CA ASN A 414 4.55 -15.87 12.96
C ASN A 414 3.05 -16.03 12.68
N THR A 415 2.21 -15.42 13.52
CA THR A 415 0.75 -15.55 13.39
C THR A 415 0.24 -15.22 12.01
N GLN A 416 1.04 -14.52 11.22
CA GLN A 416 0.57 -14.04 9.93
C GLN A 416 1.30 -14.69 8.77
N ASN A 417 2.29 -15.52 9.08
CA ASN A 417 3.14 -16.14 8.07
C ASN A 417 3.40 -17.58 8.43
N TRP A 418 2.78 -18.49 7.67
CA TRP A 418 2.87 -19.92 7.94
C TRP A 418 2.24 -20.71 6.82
N THR A 419 2.57 -22.00 6.75
CA THR A 419 1.85 -22.93 5.86
C THR A 419 1.51 -24.18 6.65
N THR A 420 0.53 -24.94 6.17
CA THR A 420 0.11 -26.15 6.86
C THR A 420 -0.57 -27.17 5.96
N LEU A 421 -0.32 -28.43 6.25
CA LEU A 421 -1.12 -29.55 5.77
C LEU A 421 -1.97 -30.01 6.95
N GLN A 422 -3.28 -29.85 6.82
CA GLN A 422 -4.16 -30.03 7.97
C GLN A 422 -5.36 -30.87 7.61
N ILE A 423 -5.88 -31.58 8.60
CA ILE A 423 -7.10 -32.38 8.49
C ILE A 423 -8.26 -31.52 8.95
N THR A 424 -9.32 -31.45 8.14
CA THR A 424 -10.50 -30.70 8.53
C THR A 424 -11.76 -31.38 8.04
N TRP A 425 -12.88 -30.68 8.07
CA TRP A 425 -14.17 -31.24 7.69
C TRP A 425 -14.82 -30.38 6.62
N HIS A 426 -15.59 -31.03 5.75
CA HIS A 426 -16.21 -30.37 4.60
C HIS A 426 -17.64 -30.89 4.47
N GLU A 427 -18.57 -30.01 4.12
CA GLU A 427 -20.01 -30.34 4.04
C GLU A 427 -20.33 -31.52 3.12
N GLU A 428 -19.65 -31.55 1.99
CA GLU A 428 -19.88 -32.57 0.98
C GLU A 428 -18.94 -33.75 1.20
N LYS A 429 -17.65 -33.45 1.34
CA LYS A 429 -16.60 -34.46 1.34
C LYS A 429 -16.36 -35.09 2.72
N GLY A 430 -16.92 -34.48 3.75
CA GLY A 430 -16.68 -34.91 5.13
C GLY A 430 -15.25 -34.61 5.52
N ARG A 431 -14.63 -35.56 6.21
CA ARG A 431 -13.27 -35.39 6.72
C ARG A 431 -12.26 -35.37 5.56
N ILE A 432 -11.46 -34.30 5.50
CA ILE A 432 -10.59 -34.03 4.37
C ILE A 432 -9.18 -33.60 4.79
N LEU A 433 -8.23 -33.71 3.85
CA LEU A 433 -6.90 -33.11 3.97
C LEU A 433 -6.79 -31.92 3.03
N GLU A 434 -6.17 -30.86 3.51
CA GLU A 434 -5.97 -29.68 2.67
C GLU A 434 -4.69 -28.98 3.02
N LEU A 435 -4.27 -28.10 2.13
CA LEU A 435 -3.20 -27.14 2.38
C LEU A 435 -3.81 -25.78 2.66
N MET A 436 -3.13 -25.01 3.50
CA MET A 436 -3.51 -23.66 3.79
C MET A 436 -2.24 -22.89 4.08
N THR A 437 -2.15 -21.70 3.49
CA THR A 437 -1.01 -20.83 3.69
C THR A 437 -1.50 -19.49 4.18
N CYS A 438 -0.65 -18.80 4.92
CA CYS A 438 -0.94 -17.45 5.35
C CYS A 438 0.31 -16.62 5.08
N ASP A 439 0.15 -15.57 4.28
CA ASP A 439 1.27 -14.72 3.93
C ASP A 439 0.82 -13.29 4.23
N HIS A 440 1.40 -12.70 5.27
CA HIS A 440 0.97 -11.38 5.77
C HIS A 440 -0.54 -11.30 5.95
N LEU A 441 -1.08 -12.32 6.62
CA LEU A 441 -2.52 -12.42 6.96
C LEU A 441 -3.41 -12.85 5.81
N VAL A 442 -2.92 -12.75 4.57
CA VAL A 442 -3.67 -13.22 3.39
C VAL A 442 -3.59 -14.75 3.29
N VAL A 443 -4.75 -15.38 3.28
CA VAL A 443 -4.83 -16.82 3.31
C VAL A 443 -5.08 -17.40 1.93
N ASP A 444 -4.43 -18.51 1.63
CA ASP A 444 -4.71 -19.26 0.42
C ASP A 444 -5.03 -20.71 0.76
N GLN A 445 -5.89 -21.31 -0.05
CA GLN A 445 -6.12 -22.74 0.03
C GLN A 445 -5.82 -23.34 -1.33
N PRO A 446 -4.55 -23.73 -1.57
CA PRO A 446 -4.08 -24.22 -2.87
C PRO A 446 -4.85 -25.43 -3.42
N LEU A 447 -5.39 -26.27 -2.54
CA LEU A 447 -6.15 -27.43 -2.98
C LEU A 447 -7.65 -27.22 -2.95
N ARG A 448 -8.11 -25.97 -2.96
CA ARG A 448 -9.54 -25.67 -2.89
C ARG A 448 -10.26 -26.40 -4.03
N GLY A 449 -11.41 -27.01 -3.72
CA GLY A 449 -12.17 -27.85 -4.67
C GLY A 449 -11.52 -29.19 -4.98
N ARG A 450 -10.27 -29.36 -4.56
CA ARG A 450 -9.44 -30.51 -4.88
C ARG A 450 -9.03 -31.27 -3.60
N GLU A 451 -9.73 -31.04 -2.50
CA GLU A 451 -9.28 -31.52 -1.17
C GLU A 451 -9.30 -33.03 -1.10
N ILE A 452 -8.35 -33.60 -0.35
CA ILE A 452 -8.20 -35.04 -0.28
C ILE A 452 -9.24 -35.60 0.67
N VAL A 453 -10.10 -36.47 0.14
CA VAL A 453 -11.06 -37.20 0.99
C VAL A 453 -10.34 -38.21 1.88
N VAL A 454 -10.50 -38.10 3.19
CA VAL A 454 -9.93 -39.09 4.12
C VAL A 454 -11.00 -40.16 4.41
N PRO A 455 -10.73 -41.42 4.00
CA PRO A 455 -11.77 -42.43 4.22
C PRO A 455 -12.08 -42.63 5.69
N ASP A 456 -13.33 -42.97 5.95
CA ASP A 456 -13.84 -43.15 7.28
C ASP A 456 -13.10 -44.17 8.14
N ASP A 457 -12.59 -45.23 7.49
CA ASP A 457 -11.93 -46.31 8.22
C ASP A 457 -10.45 -46.03 8.53
N ILE A 458 -10.00 -44.81 8.24
CA ILE A 458 -8.61 -44.42 8.49
C ILE A 458 -8.46 -43.81 9.89
N GLU A 459 -7.73 -44.52 10.76
CA GLU A 459 -7.50 -44.07 12.12
C GLU A 459 -6.47 -42.95 12.18
N TYR A 460 -5.40 -43.11 11.41
CA TYR A 460 -4.28 -42.18 11.43
C TYR A 460 -3.99 -41.65 10.04
N VAL A 461 -3.74 -40.36 9.96
CA VAL A 461 -3.25 -39.74 8.75
C VAL A 461 -1.81 -39.36 9.06
N TYR A 462 -0.91 -39.69 8.14
CA TYR A 462 0.50 -39.39 8.31
C TYR A 462 0.79 -38.16 7.49
N LEU A 463 1.49 -37.20 8.07
CA LEU A 463 1.69 -35.91 7.45
C LEU A 463 3.17 -35.65 7.43
N ARG A 464 3.68 -35.24 6.28
CA ARG A 464 5.12 -35.06 6.15
C ARG A 464 5.46 -33.77 5.43
N VAL A 465 6.52 -33.10 5.88
CA VAL A 465 7.11 -32.04 5.09
C VAL A 465 8.57 -32.41 4.77
N THR A 466 9.00 -32.12 3.55
CA THR A 466 10.36 -32.39 3.10
C THR A 466 10.92 -31.05 2.67
N VAL A 467 11.89 -30.56 3.43
CA VAL A 467 12.51 -29.26 3.16
C VAL A 467 13.84 -29.44 2.45
N GLN A 468 13.98 -28.78 1.30
CA GLN A 468 15.23 -28.81 0.52
C GLN A 468 15.68 -27.40 0.15
N ALA A 469 16.31 -26.74 1.12
CA ALA A 469 16.80 -25.35 0.96
C ALA A 469 15.71 -24.35 0.52
N THR A 470 15.70 -23.96 -0.75
CA THR A 470 14.80 -22.88 -1.17
C THR A 470 13.32 -23.25 -1.26
N THR A 471 13.03 -24.54 -1.46
CA THR A 471 11.67 -25.02 -1.57
C THR A 471 11.38 -26.15 -0.59
N TYR A 472 10.11 -26.40 -0.34
CA TYR A 472 9.69 -27.56 0.41
C TYR A 472 8.32 -28.05 -0.05
N LYS A 473 8.01 -29.29 0.27
CA LYS A 473 6.83 -29.96 -0.22
C LYS A 473 6.19 -30.82 0.85
N TYR A 474 4.86 -30.81 0.91
CA TYR A 474 4.11 -31.67 1.84
C TYR A 474 3.71 -33.00 1.20
N SER A 475 3.63 -34.03 2.02
CA SER A 475 3.03 -35.30 1.56
C SER A 475 2.22 -35.93 2.67
N TYR A 476 1.43 -36.94 2.30
CA TYR A 476 0.57 -37.62 3.25
C TYR A 476 0.51 -39.12 2.99
N SER A 477 0.00 -39.83 3.99
CA SER A 477 -0.23 -41.25 3.85
C SER A 477 -1.39 -41.63 4.77
N PHE A 478 -2.18 -42.62 4.35
CA PHE A 478 -3.25 -43.16 5.18
C PHE A 478 -2.83 -44.46 5.87
N ASP A 479 -1.70 -45.03 5.44
CA ASP A 479 -1.21 -46.28 6.03
C ASP A 479 0.22 -46.22 6.58
N GLY A 480 0.93 -45.13 6.29
CA GLY A 480 2.29 -44.95 6.81
C GLY A 480 3.40 -45.59 5.98
N MET A 481 3.05 -46.11 4.82
CA MET A 481 4.02 -46.72 3.92
C MET A 481 3.86 -46.18 2.50
N ASN A 482 2.61 -46.02 2.07
CA ASN A 482 2.30 -45.45 0.77
C ASN A 482 2.05 -43.96 0.86
N TRP A 483 3.01 -43.19 0.32
CA TRP A 483 3.01 -41.74 0.41
C TRP A 483 2.61 -41.10 -0.92
N ILE A 484 1.95 -39.95 -0.81
CA ILE A 484 1.53 -39.17 -1.97
C ILE A 484 1.90 -37.71 -1.74
N ASP A 485 2.69 -37.14 -2.65
CA ASP A 485 3.01 -35.72 -2.60
C ASP A 485 1.80 -34.88 -2.95
N LEU A 486 1.66 -33.74 -2.28
CA LEU A 486 0.67 -32.76 -2.69
C LEU A 486 1.29 -31.85 -3.74
N PRO A 487 0.59 -31.65 -4.87
CA PRO A 487 1.20 -30.98 -6.02
C PRO A 487 1.33 -29.47 -5.86
N VAL A 488 2.02 -29.04 -4.80
CA VAL A 488 2.32 -27.64 -4.58
C VAL A 488 3.72 -27.54 -3.97
N THR A 489 4.57 -26.74 -4.61
CA THR A 489 5.91 -26.49 -4.12
C THR A 489 5.88 -25.15 -3.37
N PHE A 490 6.37 -25.16 -2.13
CA PHE A 490 6.44 -23.98 -1.29
C PHE A 490 7.83 -23.38 -1.22
N GLU A 491 7.90 -22.09 -0.94
CA GLU A 491 9.16 -21.37 -0.92
C GLU A 491 9.57 -21.05 0.51
N SER A 492 10.75 -21.51 0.91
CA SER A 492 11.21 -21.33 2.28
C SER A 492 11.44 -19.85 2.64
N TYR A 493 11.78 -19.03 1.65
CA TYR A 493 12.04 -17.62 1.90
C TYR A 493 10.82 -16.89 2.50
N LYS A 494 9.63 -17.48 2.32
CA LYS A 494 8.42 -16.91 2.86
C LYS A 494 8.28 -17.15 4.37
N LEU A 495 9.12 -18.04 4.92
CA LEU A 495 9.18 -18.27 6.36
C LEU A 495 10.51 -17.73 6.93
N SER A 496 10.95 -16.58 6.43
CA SER A 496 12.26 -16.04 6.79
C SER A 496 12.17 -14.65 7.39
N ASP A 497 13.15 -14.29 8.22
CA ASP A 497 13.22 -12.98 8.86
C ASP A 497 13.02 -11.88 7.83
N ASP A 498 13.73 -12.02 6.71
CA ASP A 498 13.87 -10.97 5.72
C ASP A 498 12.60 -10.76 4.90
N TYR A 499 11.73 -11.77 4.88
CA TYR A 499 10.49 -11.66 4.10
C TYR A 499 9.41 -10.84 4.80
N ILE A 500 9.48 -10.76 6.13
CA ILE A 500 8.40 -10.13 6.93
C ILE A 500 8.44 -8.62 6.78
N LYS A 501 7.30 -8.01 6.44
CA LYS A 501 7.29 -6.58 6.09
C LYS A 501 7.34 -5.60 7.27
N SER A 502 7.04 -6.07 8.48
CA SER A 502 6.99 -5.20 9.66
C SER A 502 8.33 -4.74 10.21
N ARG A 503 9.43 -5.40 9.82
CA ARG A 503 10.74 -5.18 10.44
C ARG A 503 10.86 -5.82 11.84
N ALA A 504 9.72 -6.09 12.49
CA ALA A 504 9.72 -6.87 13.74
C ALA A 504 9.64 -8.36 13.41
N ALA A 505 10.79 -8.90 13.02
CA ALA A 505 10.91 -10.29 12.55
C ALA A 505 12.22 -10.85 13.07
N PHE A 506 12.16 -11.35 14.29
CA PHE A 506 13.38 -11.66 15.02
C PHE A 506 13.47 -13.10 15.44
N THR A 507 12.63 -13.94 14.85
CA THR A 507 12.60 -15.35 15.24
C THR A 507 13.23 -16.27 14.19
N GLY A 508 12.41 -17.03 13.48
CA GLY A 508 12.88 -18.04 12.53
C GLY A 508 11.80 -19.09 12.31
N ALA A 509 11.98 -19.94 11.31
CA ALA A 509 10.96 -20.95 11.01
C ALA A 509 10.89 -22.06 12.07
N PHE A 510 9.66 -22.51 12.34
CA PHE A 510 9.40 -23.62 13.24
C PHE A 510 8.54 -24.64 12.49
N VAL A 511 8.63 -25.90 12.89
CA VAL A 511 7.75 -26.92 12.34
C VAL A 511 7.11 -27.61 13.55
N GLY A 512 5.81 -27.84 13.48
CA GLY A 512 5.10 -28.43 14.61
C GLY A 512 3.71 -28.96 14.34
N MET A 513 3.05 -29.33 15.45
CA MET A 513 1.74 -29.94 15.46
C MET A 513 0.76 -28.94 16.06
N HIS A 514 -0.40 -28.81 15.42
CA HIS A 514 -1.38 -27.82 15.78
C HIS A 514 -2.74 -28.46 15.77
N CYS A 515 -3.62 -28.04 16.68
CA CYS A 515 -5.03 -28.40 16.61
C CYS A 515 -5.84 -27.14 16.90
N ARG A 516 -6.81 -26.86 16.05
CA ARG A 516 -7.75 -25.77 16.27
C ARG A 516 -9.14 -26.36 16.50
N ASP A 517 -9.86 -25.82 17.47
CA ASP A 517 -11.31 -26.06 17.56
C ASP A 517 -12.03 -24.73 17.71
N GLY A 518 -12.34 -24.10 16.58
CA GLY A 518 -13.05 -22.82 16.59
C GLY A 518 -14.48 -22.93 17.08
N SER A 519 -15.01 -24.15 17.16
CA SER A 519 -16.41 -24.32 17.60
C SER A 519 -16.49 -24.31 19.12
N GLY A 520 -15.35 -24.54 19.77
CA GLY A 520 -15.27 -24.58 21.22
C GLY A 520 -15.84 -25.83 21.88
N GLN A 521 -15.79 -26.95 21.17
CA GLN A 521 -16.33 -28.23 21.66
C GLN A 521 -15.26 -29.12 22.29
N ASN A 522 -14.07 -28.54 22.49
CA ASN A 522 -12.92 -29.23 23.08
C ASN A 522 -12.52 -30.49 22.31
N ASN A 523 -12.69 -30.45 20.98
CA ASN A 523 -12.24 -31.56 20.14
C ASN A 523 -10.72 -31.58 20.09
N TYR A 524 -10.16 -32.76 19.87
CA TYR A 524 -8.73 -32.93 20.08
C TYR A 524 -8.10 -33.83 18.99
N ALA A 525 -6.78 -33.72 18.84
CA ALA A 525 -6.01 -34.57 17.94
C ALA A 525 -4.95 -35.32 18.73
N ASP A 526 -4.83 -36.62 18.43
CA ASP A 526 -3.82 -37.45 19.06
C ASP A 526 -2.65 -37.67 18.11
N PHE A 527 -1.48 -37.19 18.49
CA PHE A 527 -0.27 -37.31 17.67
C PHE A 527 0.58 -38.46 18.17
N ASP A 528 0.73 -39.50 17.36
CA ASP A 528 1.45 -40.70 17.79
C ASP A 528 2.96 -40.46 17.91
N TYR A 529 3.53 -39.69 17.00
CA TYR A 529 4.95 -39.33 17.08
C TYR A 529 5.24 -38.02 16.38
N PHE A 530 6.46 -37.51 16.55
CA PHE A 530 6.91 -36.37 15.75
C PHE A 530 8.35 -36.63 15.37
N LEU A 531 8.58 -36.70 14.07
CA LEU A 531 9.88 -37.02 13.48
C LEU A 531 10.51 -35.74 12.92
N TYR A 532 11.76 -35.51 13.30
CA TYR A 532 12.57 -34.46 12.70
C TYR A 532 13.92 -35.07 12.35
N LYS A 533 14.27 -35.01 11.07
CA LYS A 533 15.49 -35.65 10.56
C LYS A 533 16.16 -34.76 9.52
N GLU A 534 17.42 -34.39 9.79
CA GLU A 534 18.31 -33.72 8.84
C GLU A 534 18.59 -34.64 7.65
N LEU A 535 18.73 -34.07 6.46
CA LEU A 535 18.96 -34.84 5.23
C LEU A 535 20.32 -34.54 4.58
N LYS B 3 -40.56 -6.02 -26.82
CA LYS B 3 -40.03 -5.37 -28.07
C LYS B 3 -38.53 -5.08 -27.99
N ILE B 4 -38.10 -4.24 -27.07
CA ILE B 4 -36.67 -3.92 -26.97
C ILE B 4 -36.05 -4.46 -25.67
N LYS B 5 -35.05 -5.32 -25.83
CA LYS B 5 -34.34 -5.91 -24.71
C LYS B 5 -33.01 -5.19 -24.54
N ASN B 6 -32.71 -4.80 -23.31
CA ASN B 6 -31.45 -4.11 -22.99
C ASN B 6 -30.37 -5.10 -22.54
N PRO B 7 -29.09 -4.75 -22.71
CA PRO B 7 -28.61 -3.51 -23.33
C PRO B 7 -28.73 -3.60 -24.85
N ILE B 8 -28.94 -2.46 -25.51
CA ILE B 8 -29.02 -2.46 -26.98
C ILE B 8 -27.64 -2.44 -27.64
N LEU B 9 -26.64 -1.88 -26.95
CA LEU B 9 -25.24 -1.99 -27.38
C LEU B 9 -24.46 -2.68 -26.29
N THR B 10 -23.94 -3.84 -26.67
CA THR B 10 -23.50 -4.87 -25.77
C THR B 10 -21.96 -4.85 -25.71
N GLY B 11 -21.39 -5.16 -24.54
CA GLY B 11 -19.99 -4.80 -24.29
C GLY B 11 -19.70 -3.29 -24.34
N PHE B 12 -18.42 -2.95 -24.20
CA PHE B 12 -17.90 -1.58 -24.08
C PHE B 12 -18.54 -0.55 -25.01
N HIS B 13 -19.56 0.14 -24.50
CA HIS B 13 -20.34 1.15 -25.24
C HIS B 13 -20.93 2.19 -24.27
N PRO B 14 -20.06 3.04 -23.66
CA PRO B 14 -20.54 4.00 -22.67
C PRO B 14 -20.99 5.34 -23.24
N ASP B 15 -21.57 6.18 -22.39
CA ASP B 15 -21.87 7.56 -22.72
C ASP B 15 -22.63 7.65 -24.04
N PRO B 16 -23.81 7.00 -24.13
CA PRO B 16 -24.50 7.02 -25.41
C PRO B 16 -25.09 8.39 -25.71
N SER B 17 -24.74 8.94 -26.87
CA SER B 17 -25.28 10.22 -27.33
C SER B 17 -26.14 9.93 -28.54
N ILE B 18 -27.45 10.06 -28.35
CA ILE B 18 -28.39 9.74 -29.41
C ILE B 18 -28.76 11.00 -30.21
N CYS B 19 -28.88 10.80 -31.51
CA CYS B 19 -29.22 11.85 -32.44
C CYS B 19 -30.24 11.34 -33.46
N ARG B 20 -31.34 12.07 -33.58
CA ARG B 20 -32.38 11.78 -34.55
C ARG B 20 -32.29 12.71 -35.75
N VAL B 21 -32.32 12.12 -36.94
CA VAL B 21 -32.42 12.87 -38.19
C VAL B 21 -33.57 12.26 -39.00
N GLY B 22 -34.72 12.90 -39.00
CA GLY B 22 -35.90 12.33 -39.63
C GLY B 22 -36.33 11.03 -38.96
N ASP B 23 -36.23 9.93 -39.69
CA ASP B 23 -36.56 8.63 -39.13
C ASP B 23 -35.31 7.75 -38.94
N ASP B 24 -34.13 8.37 -39.05
CA ASP B 24 -32.85 7.71 -38.77
C ASP B 24 -32.39 8.08 -37.37
N TYR B 25 -31.91 7.09 -36.63
CA TYR B 25 -31.45 7.28 -35.27
C TYR B 25 -30.01 6.81 -35.14
N TYR B 26 -29.20 7.64 -34.50
CA TYR B 26 -27.76 7.37 -34.35
C TYR B 26 -27.35 7.47 -32.90
N ILE B 27 -26.50 6.54 -32.47
CA ILE B 27 -25.91 6.60 -31.13
C ILE B 27 -24.40 6.63 -31.25
N ALA B 28 -23.81 7.71 -30.75
CA ALA B 28 -22.36 7.79 -30.58
C ALA B 28 -21.96 7.36 -29.17
N VAL B 29 -20.97 6.48 -29.08
CA VAL B 29 -20.44 6.04 -27.79
C VAL B 29 -18.95 6.40 -27.65
N SER B 30 -18.48 6.47 -26.40
CA SER B 30 -17.07 6.78 -26.12
C SER B 30 -16.15 5.59 -26.35
N THR B 31 -14.91 5.86 -26.73
CA THR B 31 -13.98 4.80 -27.16
C THR B 31 -12.62 4.85 -26.44
N PHE B 32 -12.38 5.95 -25.72
CA PHE B 32 -11.20 6.09 -24.89
C PHE B 32 -9.90 5.90 -25.66
N GLU B 33 -9.05 4.97 -25.25
CA GLU B 33 -7.76 4.79 -25.91
C GLU B 33 -7.83 4.00 -27.22
N TRP B 34 -9.00 3.44 -27.53
CA TRP B 34 -9.14 2.54 -28.69
C TRP B 34 -9.35 3.31 -29.96
N PHE B 35 -8.61 2.93 -31.00
CA PHE B 35 -8.57 3.66 -32.27
C PHE B 35 -9.26 2.86 -33.38
N PRO B 36 -10.04 3.52 -34.25
CA PRO B 36 -10.31 4.97 -34.25
C PRO B 36 -11.36 5.40 -33.22
N GLY B 37 -11.49 6.70 -33.07
CA GLY B 37 -12.34 7.30 -32.05
C GLY B 37 -13.82 7.41 -32.42
N VAL B 38 -14.67 7.09 -31.44
CA VAL B 38 -16.14 7.12 -31.52
C VAL B 38 -16.71 5.98 -32.37
N ARG B 39 -17.71 5.27 -31.83
CA ARG B 39 -18.54 4.38 -32.64
C ARG B 39 -19.91 5.00 -32.78
N ILE B 40 -20.39 5.08 -34.02
CA ILE B 40 -21.77 5.53 -34.25
C ILE B 40 -22.60 4.39 -34.84
N TYR B 41 -23.66 4.04 -34.14
CA TYR B 41 -24.60 3.03 -34.60
C TYR B 41 -25.85 3.68 -35.14
N HIS B 42 -26.48 3.00 -36.09
CA HIS B 42 -27.70 3.48 -36.74
C HIS B 42 -28.86 2.53 -36.48
N SER B 43 -30.06 3.10 -36.36
CA SER B 43 -31.29 2.34 -36.24
C SER B 43 -32.47 3.06 -36.89
N LYS B 44 -33.47 2.30 -37.34
CA LYS B 44 -34.75 2.85 -37.76
C LYS B 44 -35.76 2.67 -36.64
N ASP B 45 -35.55 1.67 -35.80
CA ASP B 45 -36.57 1.24 -34.85
C ASP B 45 -36.16 1.31 -33.37
N LEU B 46 -34.95 1.81 -33.10
CA LEU B 46 -34.37 1.93 -31.75
C LEU B 46 -34.06 0.57 -31.09
N LYS B 47 -34.40 -0.51 -31.79
CA LYS B 47 -34.14 -1.87 -31.30
C LYS B 47 -32.90 -2.48 -31.96
N ASN B 48 -32.87 -2.46 -33.29
CA ASN B 48 -31.80 -3.10 -34.06
C ASN B 48 -30.82 -2.04 -34.51
N TRP B 49 -29.54 -2.24 -34.15
CA TRP B 49 -28.50 -1.23 -34.32
C TRP B 49 -27.32 -1.77 -35.09
N ARG B 50 -26.78 -0.95 -35.98
CA ARG B 50 -25.69 -1.36 -36.86
C ARG B 50 -24.62 -0.28 -36.85
N LEU B 51 -23.36 -0.68 -36.71
CA LEU B 51 -22.26 0.27 -36.77
C LEU B 51 -22.16 0.84 -38.19
N VAL B 52 -22.14 2.16 -38.29
CA VAL B 52 -22.06 2.81 -39.61
C VAL B 52 -20.90 3.79 -39.71
N ALA B 53 -20.33 4.19 -38.58
CA ALA B 53 -19.31 5.21 -38.58
C ALA B 53 -18.31 5.11 -37.46
N ARG B 54 -17.06 5.41 -37.83
CA ARG B 54 -15.93 5.52 -36.92
C ARG B 54 -15.20 6.82 -37.31
N PRO B 55 -15.74 7.98 -36.89
CA PRO B 55 -15.40 9.29 -37.44
C PRO B 55 -13.98 9.80 -37.17
N LEU B 56 -13.43 9.51 -35.99
CA LEU B 56 -12.11 10.07 -35.66
C LEU B 56 -11.02 9.09 -36.08
N ASN B 57 -10.74 9.06 -37.39
CA ASN B 57 -9.86 8.04 -37.96
C ASN B 57 -8.57 8.57 -38.60
N ARG B 58 -8.31 9.86 -38.40
CA ARG B 58 -7.04 10.47 -38.80
C ARG B 58 -6.31 11.09 -37.61
N LEU B 59 -4.98 11.03 -37.66
CA LEU B 59 -4.12 11.64 -36.63
C LEU B 59 -4.36 13.14 -36.43
N SER B 60 -4.77 13.83 -37.50
CA SER B 60 -5.12 15.24 -37.42
C SER B 60 -6.31 15.46 -36.48
N GLN B 61 -7.18 14.45 -36.38
CA GLN B 61 -8.37 14.51 -35.54
C GLN B 61 -8.11 13.98 -34.16
N LEU B 62 -7.29 12.94 -34.09
CA LEU B 62 -7.14 12.18 -32.87
C LEU B 62 -5.76 11.53 -32.86
N ASN B 63 -4.91 12.05 -31.99
CA ASN B 63 -3.54 11.63 -31.88
C ASN B 63 -3.28 11.21 -30.42
N MET B 64 -3.45 9.91 -30.15
CA MET B 64 -3.50 9.39 -28.78
C MET B 64 -2.27 8.62 -28.29
N ILE B 65 -1.19 8.61 -29.06
CA ILE B 65 0.01 7.89 -28.62
C ILE B 65 0.47 8.38 -27.24
N GLY B 66 0.80 7.45 -26.35
CA GLY B 66 1.17 7.79 -24.97
C GLY B 66 -0.02 8.01 -24.05
N ASN B 67 -1.22 8.20 -24.59
CA ASN B 67 -2.40 8.40 -23.74
C ASN B 67 -2.48 7.37 -22.60
N PRO B 68 -2.94 7.81 -21.42
CA PRO B 68 -3.07 6.84 -20.35
C PRO B 68 -4.25 5.91 -20.64
N ASP B 69 -4.25 4.74 -20.02
CA ASP B 69 -5.42 3.88 -20.07
C ASP B 69 -6.63 4.66 -19.58
N SER B 70 -7.76 4.45 -20.24
CA SER B 70 -9.01 5.17 -20.00
C SER B 70 -8.86 6.70 -20.11
N GLY B 71 -7.87 7.12 -20.89
CA GLY B 71 -7.75 8.51 -21.34
C GLY B 71 -8.32 8.57 -22.75
N GLY B 72 -8.05 9.66 -23.47
CA GLY B 72 -8.53 9.79 -24.84
C GLY B 72 -9.99 10.15 -24.94
N VAL B 73 -10.73 9.37 -25.72
CA VAL B 73 -12.10 9.77 -26.11
C VAL B 73 -13.12 9.41 -25.04
N TRP B 74 -13.47 10.41 -24.24
CA TRP B 74 -14.48 10.30 -23.21
C TRP B 74 -15.86 10.49 -23.84
N ALA B 75 -16.87 10.82 -23.05
CA ALA B 75 -18.21 11.05 -23.59
C ALA B 75 -18.20 11.98 -24.81
N PRO B 76 -18.70 11.49 -25.95
CA PRO B 76 -18.87 12.35 -27.09
C PRO B 76 -20.30 12.88 -27.19
N HIS B 77 -20.52 13.87 -28.05
CA HIS B 77 -21.85 14.35 -28.30
C HIS B 77 -22.10 14.48 -29.79
N LEU B 78 -23.13 13.79 -30.26
CA LEU B 78 -23.54 13.82 -31.65
C LEU B 78 -24.84 14.59 -31.78
N SER B 79 -24.88 15.52 -32.73
CA SER B 79 -26.10 16.24 -33.04
C SER B 79 -26.20 16.51 -34.53
N TYR B 80 -27.36 17.03 -34.94
CA TYR B 80 -27.61 17.38 -36.34
C TYR B 80 -28.32 18.73 -36.40
N SER B 81 -27.82 19.62 -37.25
CA SER B 81 -28.44 20.95 -37.42
C SER B 81 -27.82 21.65 -38.63
N ASP B 82 -28.62 22.47 -39.30
CA ASP B 82 -28.17 23.25 -40.45
C ASP B 82 -27.54 22.36 -41.52
N GLY B 83 -28.16 21.20 -41.76
CA GLY B 83 -27.77 20.33 -42.86
C GLY B 83 -26.58 19.43 -42.62
N LYS B 84 -26.06 19.41 -41.38
CA LYS B 84 -24.91 18.55 -41.07
C LYS B 84 -24.89 17.99 -39.65
N PHE B 85 -24.02 16.99 -39.49
CA PHE B 85 -23.76 16.36 -38.20
C PHE B 85 -22.65 17.09 -37.50
N TRP B 86 -22.82 17.24 -36.19
CA TRP B 86 -21.82 17.89 -35.34
C TRP B 86 -21.41 16.86 -34.31
N LEU B 87 -20.11 16.61 -34.22
CA LEU B 87 -19.60 15.69 -33.23
C LEU B 87 -18.60 16.40 -32.35
N ILE B 88 -18.92 16.42 -31.05
CA ILE B 88 -18.06 17.03 -30.06
C ILE B 88 -17.38 15.93 -29.26
N TYR B 89 -16.08 16.08 -29.06
CA TYR B 89 -15.33 15.05 -28.37
C TYR B 89 -14.17 15.62 -27.57
N THR B 90 -13.70 14.82 -26.62
CA THR B 90 -12.56 15.18 -25.80
C THR B 90 -11.40 14.22 -26.08
N ASP B 91 -10.18 14.74 -25.97
CA ASP B 91 -9.00 13.90 -25.84
C ASP B 91 -8.46 14.17 -24.45
N VAL B 92 -8.70 13.25 -23.54
CA VAL B 92 -8.29 13.41 -22.15
C VAL B 92 -6.89 12.81 -21.98
N LYS B 93 -5.99 13.62 -21.44
CA LYS B 93 -4.57 13.31 -21.31
C LYS B 93 -4.15 12.81 -19.93
N VAL B 94 -4.89 13.26 -18.92
CA VAL B 94 -4.53 13.04 -17.51
C VAL B 94 -5.79 12.52 -16.83
N VAL B 95 -5.69 11.36 -16.19
CA VAL B 95 -6.88 10.67 -15.69
C VAL B 95 -6.76 10.25 -14.23
N GLU B 96 -5.65 10.65 -13.62
CA GLU B 96 -5.37 10.35 -12.22
C GLU B 96 -4.77 11.56 -11.56
N GLY B 97 -5.22 11.85 -10.34
CA GLY B 97 -4.72 12.99 -9.58
C GLY B 97 -5.75 14.10 -9.45
N GLN B 98 -5.27 15.28 -9.06
CA GLN B 98 -6.14 16.45 -8.92
C GLN B 98 -6.58 17.01 -10.26
N TRP B 99 -5.85 16.71 -11.32
CA TRP B 99 -6.18 17.26 -12.64
C TRP B 99 -6.76 16.20 -13.59
N LYS B 100 -7.46 16.69 -14.63
CA LYS B 100 -8.04 15.86 -15.67
C LYS B 100 -7.80 16.51 -17.03
N ASP B 101 -6.55 16.92 -17.26
CA ASP B 101 -6.19 17.69 -18.46
C ASP B 101 -6.68 17.01 -19.73
N GLY B 102 -7.50 17.74 -20.48
CA GLY B 102 -8.21 17.17 -21.61
C GLY B 102 -8.84 18.30 -22.41
N HIS B 103 -8.88 18.11 -23.72
CA HIS B 103 -9.30 19.17 -24.63
C HIS B 103 -10.52 18.77 -25.43
N ASN B 104 -11.39 19.74 -25.67
CA ASN B 104 -12.63 19.52 -26.38
C ASN B 104 -12.53 19.98 -27.83
N TYR B 105 -13.11 19.18 -28.73
CA TYR B 105 -13.06 19.48 -30.16
C TYR B 105 -14.40 19.27 -30.83
N LEU B 106 -14.63 20.06 -31.88
CA LEU B 106 -15.78 19.91 -32.75
C LEU B 106 -15.28 19.46 -34.12
N VAL B 107 -15.94 18.44 -34.69
CA VAL B 107 -15.78 18.07 -36.09
C VAL B 107 -17.14 17.93 -36.74
N THR B 108 -17.19 18.22 -38.04
CA THR B 108 -18.46 18.14 -38.78
C THR B 108 -18.34 17.25 -40.01
N CYS B 109 -19.50 16.79 -40.49
CA CYS B 109 -19.61 16.06 -41.75
C CYS B 109 -21.04 16.17 -42.25
N ASP B 110 -21.21 16.27 -43.55
CA ASP B 110 -22.55 16.38 -44.14
C ASP B 110 -23.29 15.06 -43.98
N THR B 111 -22.54 13.98 -43.86
CA THR B 111 -23.11 12.66 -43.69
C THR B 111 -22.47 11.90 -42.54
N ILE B 112 -23.17 10.90 -42.00
CA ILE B 112 -22.71 10.22 -40.79
C ILE B 112 -21.37 9.49 -41.00
N ASP B 113 -21.17 8.96 -42.19
CA ASP B 113 -20.04 8.07 -42.46
C ASP B 113 -19.06 8.59 -43.50
N GLY B 114 -19.02 9.91 -43.69
CA GLY B 114 -18.09 10.49 -44.66
C GLY B 114 -16.76 10.83 -44.02
N ALA B 115 -15.94 11.58 -44.73
CA ALA B 115 -14.73 12.15 -44.15
C ALA B 115 -15.16 13.35 -43.33
N TRP B 116 -15.02 13.23 -42.02
CA TRP B 116 -15.33 14.31 -41.10
C TRP B 116 -14.24 15.37 -41.19
N SER B 117 -14.56 16.59 -40.81
CA SER B 117 -13.59 17.68 -40.86
C SER B 117 -12.46 17.49 -39.84
N ASP B 118 -11.39 18.27 -40.03
CA ASP B 118 -10.34 18.42 -39.03
C ASP B 118 -10.93 19.19 -37.86
N PRO B 119 -10.41 18.96 -36.64
CA PRO B 119 -11.05 19.51 -35.45
C PRO B 119 -10.96 21.02 -35.29
N ILE B 120 -12.05 21.60 -34.79
CA ILE B 120 -12.07 22.99 -34.32
C ILE B 120 -11.93 22.93 -32.80
N TYR B 121 -10.86 23.53 -32.27
CA TYR B 121 -10.60 23.47 -30.84
C TYR B 121 -11.60 24.37 -30.12
N LEU B 122 -12.25 23.83 -29.09
CA LEU B 122 -13.28 24.59 -28.37
C LEU B 122 -12.77 25.22 -27.08
N ASN B 123 -12.53 24.37 -26.08
CA ASN B 123 -12.00 24.78 -24.79
C ASN B 123 -11.39 23.57 -24.07
N SER B 124 -10.97 23.77 -22.82
CA SER B 124 -10.35 22.69 -22.03
C SER B 124 -10.86 22.63 -20.58
N SER B 125 -11.82 23.50 -20.26
CA SER B 125 -12.35 23.68 -18.90
C SER B 125 -12.92 22.45 -18.19
N GLY B 126 -13.16 21.37 -18.94
CA GLY B 126 -13.71 20.15 -18.39
C GLY B 126 -14.36 19.28 -19.47
N PHE B 127 -14.51 17.99 -19.17
CA PHE B 127 -14.98 17.00 -20.14
C PHE B 127 -16.50 17.01 -20.31
N ASP B 128 -17.03 16.03 -21.04
CA ASP B 128 -18.46 15.89 -21.32
C ASP B 128 -19.00 17.12 -22.03
N PRO B 129 -18.36 17.50 -23.15
CA PRO B 129 -18.87 18.62 -23.93
C PRO B 129 -20.09 18.21 -24.77
N SER B 130 -21.00 19.16 -24.95
CA SER B 130 -22.25 18.93 -25.66
C SER B 130 -22.64 20.21 -26.40
N LEU B 131 -23.05 20.08 -27.66
CA LEU B 131 -23.45 21.25 -28.45
C LEU B 131 -24.97 21.33 -28.57
N PHE B 132 -25.51 22.46 -28.13
CA PHE B 132 -26.95 22.71 -28.14
C PHE B 132 -27.34 23.64 -29.28
N HIS B 133 -28.34 23.24 -30.06
CA HIS B 133 -28.80 24.04 -31.18
C HIS B 133 -30.13 24.71 -30.82
N ASP B 134 -30.10 26.02 -30.61
CA ASP B 134 -31.29 26.72 -30.15
C ASP B 134 -32.24 27.07 -31.30
N GLU B 135 -33.52 27.12 -30.97
CA GLU B 135 -34.61 27.37 -31.94
C GLU B 135 -34.40 28.63 -32.79
N ASP B 136 -33.57 29.55 -32.29
CA ASP B 136 -33.29 30.82 -32.98
C ASP B 136 -32.06 30.76 -33.89
N GLY B 137 -31.45 29.58 -34.01
CA GLY B 137 -30.28 29.40 -34.86
C GLY B 137 -28.94 29.74 -34.20
N ARG B 138 -28.97 30.01 -32.90
CA ARG B 138 -27.74 30.22 -32.14
C ARG B 138 -27.27 28.90 -31.56
N LYS B 139 -25.96 28.78 -31.34
CA LYS B 139 -25.36 27.54 -30.78
C LYS B 139 -24.56 27.79 -29.51
N TYR B 140 -24.71 26.88 -28.55
CA TYR B 140 -24.06 26.99 -27.25
C TYR B 140 -23.38 25.68 -26.87
N LEU B 141 -22.19 25.78 -26.29
CA LEU B 141 -21.49 24.62 -25.75
C LEU B 141 -21.74 24.52 -24.26
N VAL B 142 -22.12 23.33 -23.79
CA VAL B 142 -22.07 23.03 -22.38
C VAL B 142 -21.06 21.93 -22.09
N ASN B 143 -20.38 22.04 -20.95
CA ASN B 143 -19.54 20.95 -20.40
C ASN B 143 -19.40 21.07 -18.89
N MET B 144 -18.79 20.08 -18.24
CA MET B 144 -18.51 20.18 -16.82
C MET B 144 -17.31 21.10 -16.62
N TYR B 145 -17.24 21.73 -15.46
CA TYR B 145 -16.15 22.65 -15.15
C TYR B 145 -15.28 22.06 -14.06
N TRP B 146 -14.03 21.74 -14.41
CA TRP B 146 -13.14 21.04 -13.47
C TRP B 146 -12.48 21.98 -12.45
N ASP B 147 -12.52 21.54 -11.20
CA ASP B 147 -11.89 22.24 -10.10
C ASP B 147 -10.83 21.34 -9.44
N HIS B 148 -9.57 21.66 -9.66
CA HIS B 148 -8.45 20.85 -9.19
C HIS B 148 -8.10 21.05 -7.70
N ARG B 149 -8.71 22.03 -7.03
CA ARG B 149 -8.24 22.47 -5.71
C ARG B 149 -8.38 21.43 -4.59
N VAL B 150 -7.37 21.39 -3.74
CA VAL B 150 -7.23 20.38 -2.68
C VAL B 150 -8.51 20.19 -1.84
N ASP B 151 -9.07 21.28 -1.33
CA ASP B 151 -10.26 21.15 -0.48
C ASP B 151 -11.51 21.64 -1.20
N HIS B 152 -11.84 20.92 -2.27
CA HIS B 152 -12.86 21.32 -3.21
C HIS B 152 -13.30 20.09 -4.01
N HIS B 153 -14.61 19.94 -4.16
CA HIS B 153 -15.15 18.91 -5.04
C HIS B 153 -14.85 19.30 -6.50
N PRO B 154 -14.20 18.39 -7.26
CA PRO B 154 -13.73 18.65 -8.63
C PRO B 154 -14.81 19.08 -9.64
N PHE B 155 -16.03 18.58 -9.48
CA PHE B 155 -17.12 18.85 -10.42
C PHE B 155 -17.82 20.15 -10.07
N TYR B 156 -17.25 21.26 -10.52
CA TYR B 156 -17.68 22.62 -10.16
C TYR B 156 -19.05 22.98 -10.74
N GLY B 157 -19.60 22.10 -11.56
CA GLY B 157 -20.88 22.35 -12.19
C GLY B 157 -20.78 22.43 -13.70
N ILE B 158 -21.83 22.98 -14.31
CA ILE B 158 -21.98 23.01 -15.76
C ILE B 158 -21.72 24.42 -16.30
N VAL B 159 -20.72 24.52 -17.16
CA VAL B 159 -20.40 25.77 -17.82
C VAL B 159 -21.16 25.82 -19.15
N LEU B 160 -21.49 27.03 -19.59
CA LEU B 160 -22.14 27.24 -20.88
C LEU B 160 -21.45 28.41 -21.55
N GLN B 161 -21.26 28.31 -22.86
CA GLN B 161 -20.75 29.43 -23.64
C GLN B 161 -21.28 29.32 -25.07
N GLU B 162 -21.59 30.47 -25.67
CA GLU B 162 -22.00 30.50 -27.06
C GLU B 162 -20.84 30.11 -27.97
N TYR B 163 -21.18 29.40 -29.04
CA TYR B 163 -20.23 29.05 -30.08
C TYR B 163 -20.58 29.79 -31.38
N SER B 164 -19.63 30.54 -31.90
CA SER B 164 -19.81 31.23 -33.18
C SER B 164 -19.48 30.32 -34.35
N VAL B 165 -20.49 30.00 -35.15
CA VAL B 165 -20.31 29.13 -36.30
C VAL B 165 -19.40 29.77 -37.36
N GLU B 166 -19.55 31.08 -37.56
CA GLU B 166 -18.77 31.83 -38.56
C GLU B 166 -17.30 31.96 -38.16
N GLN B 167 -17.06 32.23 -36.87
CA GLN B 167 -15.71 32.49 -36.35
C GLN B 167 -14.94 31.23 -35.91
N LYS B 168 -15.61 30.08 -35.93
CA LYS B 168 -15.00 28.79 -35.57
C LYS B 168 -14.40 28.83 -34.16
N LYS B 169 -15.15 29.41 -33.21
CA LYS B 169 -14.72 29.54 -31.82
C LYS B 169 -15.87 29.92 -30.90
N LEU B 170 -15.65 29.71 -29.60
CA LEU B 170 -16.58 30.14 -28.55
C LEU B 170 -16.45 31.64 -28.33
N VAL B 171 -17.58 32.29 -28.11
CA VAL B 171 -17.64 33.74 -27.95
C VAL B 171 -18.36 34.16 -26.68
N GLY B 172 -18.30 35.45 -26.36
CA GLY B 172 -18.81 35.98 -25.10
C GLY B 172 -18.03 35.45 -23.92
N GLU B 173 -18.67 35.43 -22.75
CA GLU B 173 -18.04 34.91 -21.56
C GLU B 173 -18.65 33.56 -21.19
N PRO B 174 -17.86 32.66 -20.60
CA PRO B 174 -18.44 31.40 -20.12
C PRO B 174 -19.11 31.57 -18.75
N LYS B 175 -20.32 31.04 -18.59
CA LYS B 175 -20.99 31.10 -17.29
C LYS B 175 -21.44 29.73 -16.77
N ILE B 176 -21.32 29.54 -15.45
CA ILE B 176 -21.85 28.35 -14.79
C ILE B 176 -23.37 28.47 -14.67
N ILE B 177 -24.10 27.53 -15.27
CA ILE B 177 -25.56 27.58 -15.25
C ILE B 177 -26.20 26.63 -14.22
N PHE B 178 -25.41 25.69 -13.73
CA PHE B 178 -25.92 24.65 -12.87
C PHE B 178 -24.81 24.11 -11.98
N LYS B 179 -25.06 24.00 -10.68
CA LYS B 179 -24.08 23.42 -9.75
C LYS B 179 -24.32 21.93 -9.57
N GLY B 180 -25.57 21.50 -9.70
CA GLY B 180 -25.94 20.11 -9.47
C GLY B 180 -26.74 19.89 -8.19
N THR B 181 -27.11 18.64 -7.94
CA THR B 181 -27.79 18.27 -6.68
C THR B 181 -26.76 17.75 -5.65
N ASP B 182 -27.22 17.32 -4.48
CA ASP B 182 -26.33 16.81 -3.46
C ASP B 182 -25.65 15.48 -3.85
N LEU B 183 -26.06 14.90 -4.98
CA LEU B 183 -25.35 13.75 -5.54
C LEU B 183 -23.95 14.15 -6.00
N ARG B 184 -23.84 15.39 -6.49
CA ARG B 184 -22.57 15.96 -6.97
C ARG B 184 -22.00 15.11 -8.10
N ILE B 185 -20.72 15.28 -8.39
CA ILE B 185 -20.07 14.65 -9.55
C ILE B 185 -20.91 14.94 -10.80
N THR B 186 -21.28 16.21 -10.95
CA THR B 186 -22.15 16.67 -12.04
C THR B 186 -21.38 16.80 -13.36
N GLY B 187 -21.76 15.97 -14.33
CA GLY B 187 -21.19 16.04 -15.68
C GLY B 187 -22.26 15.72 -16.70
N GLY B 188 -21.83 15.21 -17.85
CA GLY B 188 -22.73 14.82 -18.94
C GLY B 188 -23.89 15.75 -19.27
N PRO B 189 -23.64 17.08 -19.37
CA PRO B 189 -24.77 17.99 -19.59
C PRO B 189 -25.27 17.96 -21.03
N HIS B 190 -26.59 17.89 -21.18
CA HIS B 190 -27.26 18.06 -22.45
C HIS B 190 -28.43 19.03 -22.29
N LEU B 191 -28.65 19.88 -23.29
CA LEU B 191 -29.77 20.82 -23.29
C LEU B 191 -30.82 20.49 -24.34
N TYR B 192 -32.09 20.70 -23.98
CA TYR B 192 -33.22 20.49 -24.86
C TYR B 192 -34.25 21.59 -24.67
N LYS B 193 -34.71 22.17 -25.77
CA LYS B 193 -35.82 23.11 -25.71
C LYS B 193 -37.12 22.36 -25.95
N ILE B 194 -37.91 22.23 -24.89
CA ILE B 194 -39.19 21.53 -24.94
C ILE B 194 -40.25 22.39 -24.26
N ASN B 195 -41.36 22.63 -24.97
CA ASN B 195 -42.41 23.54 -24.53
C ASN B 195 -41.80 24.90 -24.14
N GLY B 196 -42.03 25.34 -22.91
CA GLY B 196 -41.61 26.66 -22.49
C GLY B 196 -40.24 26.71 -21.85
N TYR B 197 -39.65 25.54 -21.62
CA TYR B 197 -38.44 25.44 -20.82
C TYR B 197 -37.24 24.91 -21.59
N TYR B 198 -36.06 25.31 -21.12
CA TYR B 198 -34.81 24.62 -21.42
C TYR B 198 -34.62 23.56 -20.36
N TYR B 199 -34.56 22.31 -20.80
CA TYR B 199 -34.28 21.20 -19.90
C TYR B 199 -32.80 20.92 -19.95
N LEU B 200 -32.17 20.88 -18.77
CA LEU B 200 -30.77 20.48 -18.67
C LEU B 200 -30.65 19.10 -18.03
N LEU B 201 -30.13 18.16 -18.81
CA LEU B 201 -29.88 16.80 -18.37
C LEU B 201 -28.40 16.64 -18.01
N THR B 202 -28.15 16.12 -16.81
CA THR B 202 -26.79 15.85 -16.38
C THR B 202 -26.65 14.40 -15.88
N ALA B 203 -25.41 13.92 -15.88
CA ALA B 203 -25.03 12.71 -15.16
C ALA B 203 -24.52 13.11 -13.79
N GLU B 204 -24.99 12.44 -12.75
CA GLU B 204 -24.53 12.70 -11.39
C GLU B 204 -24.23 11.41 -10.64
N GLY B 205 -23.46 11.52 -9.56
CA GLY B 205 -23.20 10.37 -8.69
C GLY B 205 -22.00 9.53 -9.11
N GLY B 206 -21.41 9.89 -10.25
CA GLY B 206 -20.28 9.17 -10.80
C GLY B 206 -20.68 7.88 -11.50
N THR B 207 -19.83 7.42 -12.41
CA THR B 207 -20.16 6.33 -13.32
C THR B 207 -20.06 4.91 -12.74
N ARG B 208 -20.00 4.79 -11.41
CA ARG B 208 -20.08 3.48 -10.75
C ARG B 208 -21.51 3.27 -10.21
N TYR B 209 -21.66 2.69 -9.03
CA TYR B 209 -23.01 2.26 -8.60
C TYR B 209 -23.99 3.34 -8.13
N ASN B 210 -23.49 4.56 -7.91
CA ASN B 210 -24.30 5.68 -7.43
C ASN B 210 -24.79 6.54 -8.59
N HIS B 211 -24.52 6.05 -9.79
CA HIS B 211 -24.79 6.78 -11.03
C HIS B 211 -26.26 7.15 -11.12
N ALA B 212 -26.52 8.31 -11.73
CA ALA B 212 -27.87 8.78 -11.95
C ALA B 212 -27.91 9.74 -13.13
N ALA B 213 -29.10 9.86 -13.74
CA ALA B 213 -29.40 10.96 -14.63
C ALA B 213 -30.26 11.94 -13.85
N THR B 214 -29.82 13.19 -13.83
CA THR B 214 -30.55 14.28 -13.19
C THR B 214 -31.10 15.15 -14.30
N ILE B 215 -32.28 15.71 -14.09
CA ILE B 215 -32.84 16.69 -15.03
C ILE B 215 -33.44 17.90 -14.31
N ALA B 216 -33.17 19.07 -14.88
CA ALA B 216 -33.63 20.34 -14.34
C ALA B 216 -34.18 21.20 -15.49
N ARG B 217 -34.99 22.20 -15.17
CA ARG B 217 -35.55 23.09 -16.21
C ARG B 217 -35.49 24.58 -15.82
N SER B 218 -35.46 25.43 -16.83
CA SER B 218 -35.53 26.87 -16.65
C SER B 218 -36.09 27.54 -17.91
N THR B 219 -36.73 28.70 -17.73
CA THR B 219 -37.17 29.53 -18.86
C THR B 219 -35.98 30.27 -19.46
N SER B 220 -34.91 30.35 -18.68
CA SER B 220 -33.68 31.02 -19.08
C SER B 220 -32.60 29.99 -19.35
N LEU B 221 -32.00 30.09 -20.54
CA LEU B 221 -30.89 29.24 -20.95
C LEU B 221 -29.79 29.23 -19.89
N TYR B 222 -29.63 30.37 -19.22
CA TYR B 222 -28.60 30.58 -18.20
C TYR B 222 -29.11 30.31 -16.77
N GLY B 223 -30.33 29.80 -16.65
CA GLY B 223 -30.92 29.45 -15.36
C GLY B 223 -31.47 30.64 -14.57
N PRO B 224 -31.76 30.45 -13.26
CA PRO B 224 -31.58 29.22 -12.46
C PRO B 224 -32.48 28.06 -12.87
N TYR B 225 -31.94 26.85 -12.80
CA TYR B 225 -32.67 25.65 -13.20
C TYR B 225 -33.30 24.97 -11.98
N GLU B 226 -34.62 24.77 -12.02
CA GLU B 226 -35.29 23.99 -10.96
C GLU B 226 -35.15 22.48 -11.26
N VAL B 227 -34.81 21.69 -10.24
CA VAL B 227 -34.61 20.25 -10.41
C VAL B 227 -35.96 19.51 -10.43
N HIS B 228 -36.01 18.44 -11.22
CA HIS B 228 -37.12 17.47 -11.24
C HIS B 228 -37.55 17.11 -9.80
N PRO B 229 -38.84 17.30 -9.47
CA PRO B 229 -39.36 17.07 -8.12
C PRO B 229 -39.14 15.65 -7.60
N ASP B 230 -39.01 14.68 -8.51
CA ASP B 230 -38.83 13.27 -8.15
C ASP B 230 -37.46 12.75 -8.62
N ASN B 231 -36.52 13.68 -8.80
CA ASN B 231 -35.14 13.36 -9.16
C ASN B 231 -34.53 12.27 -8.25
N PRO B 232 -33.63 11.43 -8.81
CA PRO B 232 -33.14 11.29 -10.20
C PRO B 232 -34.20 10.91 -11.25
N LEU B 233 -34.01 11.41 -12.47
CA LEU B 233 -34.72 10.90 -13.63
C LEU B 233 -34.49 9.37 -13.80
N LEU B 234 -33.24 8.94 -13.64
CA LEU B 234 -32.87 7.53 -13.77
C LEU B 234 -31.72 7.19 -12.83
N THR B 235 -31.81 6.05 -12.17
CA THR B 235 -30.72 5.56 -11.31
C THR B 235 -30.91 4.07 -11.01
N SER B 236 -29.82 3.33 -10.93
CA SER B 236 -29.85 1.95 -10.43
C SER B 236 -29.54 1.87 -8.94
N TRP B 237 -29.11 2.98 -8.35
CA TRP B 237 -28.63 2.96 -6.97
C TRP B 237 -29.58 2.30 -5.93
N PRO B 238 -30.87 2.68 -5.91
CA PRO B 238 -31.73 2.05 -4.91
C PRO B 238 -32.23 0.65 -5.32
N TYR B 239 -31.71 0.12 -6.42
CA TYR B 239 -32.21 -1.13 -6.98
C TYR B 239 -31.09 -2.15 -7.08
N PRO B 240 -30.62 -2.66 -5.92
CA PRO B 240 -29.42 -3.50 -5.93
C PRO B 240 -29.64 -4.87 -6.61
N ARG B 241 -30.90 -5.28 -6.80
CA ARG B 241 -31.21 -6.58 -7.43
C ARG B 241 -31.44 -6.48 -8.94
N ASN B 242 -31.44 -5.25 -9.45
CA ASN B 242 -31.63 -4.95 -10.86
C ASN B 242 -30.43 -5.47 -11.66
N PRO B 243 -30.70 -6.27 -12.72
CA PRO B 243 -29.60 -6.76 -13.55
C PRO B 243 -28.82 -5.62 -14.19
N LEU B 244 -29.46 -4.46 -14.35
CA LEU B 244 -28.81 -3.30 -14.94
C LEU B 244 -28.45 -2.27 -13.89
N GLN B 245 -27.15 -2.12 -13.64
CA GLN B 245 -26.62 -1.23 -12.63
C GLN B 245 -26.03 0.02 -13.30
N LYS B 246 -25.60 0.98 -12.48
CA LYS B 246 -24.83 2.16 -12.93
C LYS B 246 -25.59 3.04 -13.92
N ALA B 247 -26.93 2.99 -13.88
CA ALA B 247 -27.77 3.70 -14.85
C ALA B 247 -27.61 5.20 -14.73
N GLY B 248 -27.10 5.82 -15.80
CA GLY B 248 -26.84 7.27 -15.84
C GLY B 248 -26.15 7.64 -17.14
N HIS B 249 -25.60 8.84 -17.18
CA HIS B 249 -25.08 9.47 -18.41
C HIS B 249 -25.96 9.26 -19.63
N ALA B 250 -27.15 9.87 -19.54
CA ALA B 250 -28.22 9.67 -20.50
C ALA B 250 -28.28 10.78 -21.53
N SER B 251 -28.91 10.47 -22.66
CA SER B 251 -29.39 11.49 -23.59
C SER B 251 -30.81 11.16 -24.06
N ILE B 252 -31.57 12.21 -24.38
CA ILE B 252 -32.99 12.08 -24.69
C ILE B 252 -33.21 12.10 -26.20
N VAL B 253 -34.11 11.23 -26.66
CA VAL B 253 -34.59 11.31 -28.03
C VAL B 253 -36.12 11.46 -28.10
N HIS B 254 -36.54 12.40 -28.94
CA HIS B 254 -37.94 12.62 -29.29
C HIS B 254 -38.14 12.08 -30.70
N THR B 255 -38.90 10.99 -30.84
CA THR B 255 -39.01 10.33 -32.13
C THR B 255 -39.91 11.07 -33.13
N HIS B 256 -39.86 10.62 -34.37
CA HIS B 256 -40.72 11.16 -35.43
C HIS B 256 -42.16 10.67 -35.27
N THR B 257 -42.35 9.73 -34.35
CA THR B 257 -43.65 9.18 -34.02
C THR B 257 -44.23 9.87 -32.79
N ASP B 258 -43.56 10.94 -32.35
CA ASP B 258 -43.97 11.71 -31.16
C ASP B 258 -43.87 10.87 -29.87
N GLU B 259 -42.84 10.05 -29.77
CA GLU B 259 -42.57 9.31 -28.53
C GLU B 259 -41.24 9.75 -27.94
N TRP B 260 -41.00 9.36 -26.68
CA TRP B 260 -39.81 9.79 -25.97
C TRP B 260 -39.06 8.64 -25.34
N PHE B 261 -37.75 8.63 -25.58
CA PHE B 261 -36.88 7.62 -25.01
C PHE B 261 -35.63 8.27 -24.44
N LEU B 262 -34.94 7.50 -23.60
CA LEU B 262 -33.73 7.92 -22.95
C LEU B 262 -32.72 6.78 -23.09
N VAL B 263 -31.62 7.02 -23.82
CA VAL B 263 -30.48 6.09 -23.79
C VAL B 263 -29.58 6.42 -22.61
N HIS B 264 -28.94 5.39 -22.07
CA HIS B 264 -28.09 5.56 -20.92
C HIS B 264 -27.06 4.43 -20.86
N LEU B 265 -26.00 4.64 -20.09
CA LEU B 265 -25.04 3.56 -19.92
C LEU B 265 -25.50 2.71 -18.75
N THR B 266 -25.03 1.48 -18.73
CA THR B 266 -25.31 0.57 -17.65
C THR B 266 -24.17 -0.45 -17.56
N GLY B 267 -23.99 -0.99 -16.35
CA GLY B 267 -23.05 -2.08 -16.11
C GLY B 267 -23.83 -3.28 -15.63
N ARG B 268 -23.53 -4.45 -16.19
CA ARG B 268 -24.11 -5.71 -15.76
C ARG B 268 -23.06 -6.48 -15.00
N PRO B 269 -23.15 -6.47 -13.65
CA PRO B 269 -22.24 -7.28 -12.85
C PRO B 269 -22.32 -8.78 -13.16
N LEU B 270 -21.17 -9.43 -13.10
CA LEU B 270 -21.09 -10.89 -13.12
C LEU B 270 -21.99 -11.47 -12.03
N PRO B 271 -22.43 -12.75 -12.18
CA PRO B 271 -23.25 -13.39 -11.14
C PRO B 271 -22.53 -13.35 -9.80
N ARG B 272 -23.28 -13.00 -8.76
CA ARG B 272 -22.71 -12.70 -7.44
C ARG B 272 -23.29 -13.61 -6.39
N GLU B 273 -24.02 -14.64 -6.82
CA GLU B 273 -24.73 -15.54 -5.89
C GLU B 273 -23.88 -15.90 -4.68
N GLY B 274 -24.48 -15.73 -3.51
CA GLY B 274 -23.81 -16.08 -2.25
C GLY B 274 -23.05 -14.92 -1.63
N GLN B 275 -22.90 -13.84 -2.39
CA GLN B 275 -22.19 -12.66 -1.92
C GLN B 275 -23.14 -11.62 -1.31
N PRO B 276 -22.67 -10.88 -0.29
CA PRO B 276 -23.50 -9.83 0.29
C PRO B 276 -24.00 -8.86 -0.77
N LEU B 277 -25.30 -8.60 -0.78
CA LEU B 277 -25.92 -7.77 -1.79
C LEU B 277 -25.29 -6.39 -1.93
N LEU B 278 -25.00 -5.75 -0.80
CA LEU B 278 -24.62 -4.34 -0.82
C LEU B 278 -23.15 -4.08 -0.58
N GLU B 279 -22.43 -5.07 -0.06
CA GLU B 279 -21.01 -4.88 0.29
C GLU B 279 -20.19 -4.38 -0.90
N HIS B 280 -20.21 -5.11 -1.99
CA HIS B 280 -19.59 -4.68 -3.25
C HIS B 280 -20.55 -5.12 -4.34
N ARG B 281 -20.91 -4.20 -5.22
CA ARG B 281 -22.05 -4.43 -6.10
C ARG B 281 -21.72 -5.09 -7.44
N GLY B 282 -20.46 -5.43 -7.65
CA GLY B 282 -20.15 -6.38 -8.71
C GLY B 282 -19.04 -6.00 -9.64
N TYR B 283 -18.75 -6.92 -10.56
CA TYR B 283 -17.67 -6.76 -11.53
C TYR B 283 -18.25 -6.93 -12.93
N CYS B 284 -17.93 -5.97 -13.79
CA CYS B 284 -18.51 -5.83 -15.13
C CYS B 284 -17.39 -5.93 -16.20
N PRO B 285 -17.06 -7.15 -16.66
CA PRO B 285 -16.07 -7.36 -17.70
C PRO B 285 -16.52 -6.81 -19.05
N LEU B 286 -17.84 -6.65 -19.24
CA LEU B 286 -18.38 -6.10 -20.47
C LEU B 286 -18.38 -4.57 -20.44
N GLY B 287 -17.79 -4.00 -19.39
CA GLY B 287 -17.66 -2.55 -19.27
C GLY B 287 -19.02 -1.91 -19.11
N ARG B 288 -19.14 -0.68 -19.61
CA ARG B 288 -20.40 0.03 -19.55
C ARG B 288 -21.09 -0.04 -20.89
N GLU B 289 -22.31 -0.54 -20.86
CA GLU B 289 -23.07 -0.82 -22.05
C GLU B 289 -24.18 0.21 -22.22
N THR B 290 -24.81 0.20 -23.39
CA THR B 290 -25.84 1.18 -23.73
C THR B 290 -27.21 0.51 -23.67
N ALA B 291 -28.10 1.15 -22.91
CA ALA B 291 -29.45 0.70 -22.75
C ALA B 291 -30.39 1.84 -23.12
N ILE B 292 -31.68 1.52 -23.24
CA ILE B 292 -32.70 2.50 -23.62
C ILE B 292 -33.93 2.30 -22.75
N GLN B 293 -34.50 3.42 -22.32
CA GLN B 293 -35.69 3.43 -21.48
C GLN B 293 -36.72 4.30 -22.17
N ARG B 294 -37.99 4.05 -21.88
CA ARG B 294 -39.06 4.88 -22.41
C ARG B 294 -39.40 5.98 -21.42
N LEU B 295 -39.65 7.17 -21.94
CA LEU B 295 -40.07 8.30 -21.12
C LEU B 295 -41.53 8.63 -21.37
N GLU B 296 -42.21 9.13 -20.34
CA GLU B 296 -43.44 9.88 -20.57
C GLU B 296 -43.41 11.17 -19.77
N TRP B 297 -44.30 12.09 -20.13
CA TRP B 297 -44.31 13.42 -19.58
C TRP B 297 -45.53 13.62 -18.68
N LYS B 298 -45.30 14.32 -17.58
CA LYS B 298 -46.30 14.59 -16.57
C LYS B 298 -45.95 15.93 -15.91
N ASP B 299 -46.79 16.95 -16.10
CA ASP B 299 -46.60 18.27 -15.51
C ASP B 299 -45.31 18.98 -15.96
N GLY B 300 -44.96 18.82 -17.23
CA GLY B 300 -43.77 19.44 -17.78
C GLY B 300 -42.49 18.78 -17.31
N TRP B 301 -42.60 17.58 -16.75
CA TRP B 301 -41.44 16.80 -16.36
C TRP B 301 -41.48 15.42 -17.02
N PRO B 302 -40.32 14.97 -17.56
CA PRO B 302 -40.25 13.61 -18.07
C PRO B 302 -40.02 12.59 -16.94
N TYR B 303 -40.65 11.43 -17.09
CA TYR B 303 -40.51 10.32 -16.14
C TYR B 303 -40.14 9.09 -16.94
N VAL B 304 -39.30 8.24 -16.35
CA VAL B 304 -38.94 6.95 -16.95
C VAL B 304 -40.09 6.00 -16.67
N VAL B 305 -40.60 5.38 -17.72
CA VAL B 305 -41.68 4.39 -17.61
C VAL B 305 -41.18 3.18 -16.85
N GLY B 306 -41.90 2.82 -15.78
CA GLY B 306 -41.56 1.67 -14.93
C GLY B 306 -40.78 2.07 -13.68
N GLY B 307 -40.92 3.34 -13.27
CA GLY B 307 -40.22 3.84 -12.08
C GLY B 307 -38.87 4.38 -12.51
N ASN B 308 -38.12 4.96 -11.58
CA ASN B 308 -36.88 5.64 -11.98
C ASN B 308 -35.65 4.75 -12.12
N GLY B 309 -35.83 3.44 -11.96
CA GLY B 309 -34.81 2.46 -12.26
C GLY B 309 -34.94 2.01 -13.71
N PRO B 310 -33.88 1.39 -14.25
CA PRO B 310 -33.93 0.93 -15.64
C PRO B 310 -34.65 -0.41 -15.79
N SER B 311 -35.54 -0.48 -16.79
CA SER B 311 -36.17 -1.73 -17.20
C SER B 311 -35.27 -2.50 -18.15
N LEU B 312 -35.35 -3.83 -18.05
CA LEU B 312 -34.61 -4.75 -18.89
C LEU B 312 -35.18 -4.80 -20.30
N GLU B 313 -36.52 -4.71 -20.38
CA GLU B 313 -37.25 -4.76 -21.62
C GLU B 313 -38.23 -3.59 -21.67
N ILE B 314 -38.21 -2.84 -22.76
CA ILE B 314 -39.15 -1.74 -22.93
C ILE B 314 -39.97 -1.97 -24.22
N ASP B 315 -41.00 -1.15 -24.39
CA ASP B 315 -41.74 -1.10 -25.64
C ASP B 315 -41.13 -0.02 -26.53
N GLY B 316 -40.63 -0.44 -27.68
CA GLY B 316 -40.07 0.47 -28.67
C GLY B 316 -41.14 1.33 -29.35
N PRO B 317 -40.70 2.26 -30.22
CA PRO B 317 -41.64 3.19 -30.84
C PRO B 317 -42.54 2.52 -31.89
N SER B 318 -43.61 3.22 -32.27
CA SER B 318 -44.56 2.70 -33.24
C SER B 318 -44.02 2.78 -34.65
N VAL B 319 -43.03 1.94 -34.95
CA VAL B 319 -42.46 1.86 -36.30
C VAL B 319 -42.38 0.40 -36.75
N GLU B 320 -42.25 0.19 -38.05
CA GLU B 320 -41.94 -1.14 -38.56
C GLU B 320 -40.50 -1.49 -38.20
N GLU B 321 -40.31 -2.73 -37.75
CA GLU B 321 -38.97 -3.22 -37.44
C GLU B 321 -38.09 -3.28 -38.70
N VAL B 322 -36.86 -2.80 -38.56
CA VAL B 322 -35.82 -2.95 -39.59
C VAL B 322 -34.63 -3.70 -38.99
N SER B 323 -34.53 -4.99 -39.30
CA SER B 323 -33.40 -5.81 -38.86
C SER B 323 -32.22 -5.60 -39.81
N TRP B 324 -31.00 -5.78 -39.29
CA TRP B 324 -29.78 -5.63 -40.08
C TRP B 324 -29.07 -6.97 -40.20
N GLU B 325 -28.40 -7.19 -41.33
CA GLU B 325 -27.66 -8.43 -41.48
C GLU B 325 -26.36 -8.44 -40.66
N LYS B 326 -25.98 -9.64 -40.21
CA LYS B 326 -24.76 -9.78 -39.43
C LYS B 326 -23.65 -9.04 -40.18
N ASP B 327 -22.87 -8.22 -39.47
CA ASP B 327 -21.86 -7.38 -40.13
C ASP B 327 -20.42 -7.86 -39.91
N TYR B 328 -20.28 -9.11 -39.48
CA TYR B 328 -18.97 -9.74 -39.31
C TYR B 328 -19.11 -11.25 -39.51
N ASP B 329 -18.02 -11.89 -39.87
CA ASP B 329 -18.03 -13.33 -40.01
C ASP B 329 -17.69 -13.91 -38.66
N GLU B 330 -18.49 -14.90 -38.23
CA GLU B 330 -18.22 -15.65 -37.02
C GLU B 330 -16.79 -16.18 -37.06
N LYS B 331 -16.42 -16.78 -38.18
CA LYS B 331 -15.03 -17.16 -38.43
C LYS B 331 -14.48 -16.28 -39.54
N ASP B 332 -13.66 -15.32 -39.14
CA ASP B 332 -13.12 -14.34 -40.06
C ASP B 332 -11.87 -14.94 -40.69
N ASP B 333 -11.97 -15.32 -41.97
CA ASP B 333 -10.89 -15.99 -42.67
C ASP B 333 -9.86 -15.01 -43.25
N PHE B 334 -10.07 -13.71 -43.01
CA PHE B 334 -9.12 -12.67 -43.43
C PHE B 334 -8.85 -12.68 -44.95
N ASP B 335 -9.93 -12.89 -45.71
CA ASP B 335 -9.91 -12.81 -47.16
C ASP B 335 -10.26 -11.41 -47.70
N GLY B 336 -10.87 -10.57 -46.87
CA GLY B 336 -11.24 -9.21 -47.30
C GLY B 336 -10.04 -8.29 -47.39
N ASP B 337 -10.22 -7.13 -48.02
CA ASP B 337 -9.13 -6.17 -48.18
C ASP B 337 -8.96 -5.23 -47.00
N THR B 338 -10.04 -5.01 -46.25
CA THR B 338 -9.95 -4.24 -45.00
C THR B 338 -10.36 -5.10 -43.81
N LEU B 339 -9.78 -4.81 -42.66
CA LEU B 339 -10.14 -5.46 -41.41
C LEU B 339 -11.53 -5.08 -40.96
N ASN B 340 -12.32 -6.07 -40.58
CA ASN B 340 -13.65 -5.86 -40.03
C ASN B 340 -13.70 -4.76 -38.97
N HIS B 341 -14.76 -3.94 -39.03
CA HIS B 341 -14.85 -2.74 -38.20
C HIS B 341 -15.10 -2.97 -36.71
N HIS B 342 -15.30 -4.22 -36.31
CA HIS B 342 -15.36 -4.52 -34.87
C HIS B 342 -13.96 -4.60 -34.23
N PHE B 343 -12.94 -4.77 -35.08
CA PHE B 343 -11.54 -4.72 -34.67
C PHE B 343 -11.06 -3.29 -34.48
N GLN B 344 -10.45 -3.02 -33.34
CA GLN B 344 -9.74 -1.78 -33.11
C GLN B 344 -8.30 -2.03 -32.72
N THR B 345 -7.53 -0.95 -32.67
CA THR B 345 -6.15 -0.97 -32.26
C THR B 345 -5.96 0.01 -31.10
N LEU B 346 -4.89 -0.16 -30.35
CA LEU B 346 -4.64 0.73 -29.21
C LEU B 346 -4.02 2.05 -29.65
N ARG B 347 -4.72 3.15 -29.33
CA ARG B 347 -4.22 4.52 -29.40
C ARG B 347 -4.02 5.08 -30.81
N ILE B 348 -3.41 4.28 -31.68
CA ILE B 348 -2.99 4.74 -32.98
C ILE B 348 -3.48 3.82 -34.10
N PRO B 349 -3.57 4.34 -35.34
CA PRO B 349 -3.74 3.42 -36.46
C PRO B 349 -2.45 2.63 -36.70
N LEU B 350 -2.58 1.39 -37.11
CA LEU B 350 -1.44 0.58 -37.50
C LEU B 350 -1.37 0.59 -39.03
N GLY B 351 -0.27 1.10 -39.57
CA GLY B 351 -0.06 1.08 -41.02
C GLY B 351 0.23 -0.34 -41.48
N GLU B 352 0.39 -0.50 -42.78
CA GLU B 352 0.69 -1.79 -43.40
C GLU B 352 2.06 -2.35 -42.98
N ASP B 353 2.94 -1.51 -42.45
CA ASP B 353 4.21 -1.97 -41.92
C ASP B 353 4.06 -2.77 -40.61
N ILE B 354 2.90 -2.64 -39.96
CA ILE B 354 2.63 -3.31 -38.69
C ILE B 354 1.50 -4.33 -38.81
N ALA B 355 0.37 -3.91 -39.35
CA ALA B 355 -0.76 -4.80 -39.53
C ALA B 355 -1.17 -4.81 -40.99
N THR B 356 -1.14 -6.00 -41.60
CA THR B 356 -1.46 -6.08 -43.03
C THR B 356 -2.18 -7.34 -43.44
N LEU B 357 -3.19 -7.18 -44.28
CA LEU B 357 -3.90 -8.31 -44.88
C LEU B 357 -3.35 -8.64 -46.27
N LYS B 358 -2.32 -7.91 -46.70
CA LYS B 358 -1.79 -8.00 -48.07
C LYS B 358 -0.54 -8.87 -48.19
N ALA B 359 0.27 -8.89 -47.14
CA ALA B 359 1.56 -9.57 -47.16
C ALA B 359 1.38 -11.07 -47.40
N ARG B 360 0.43 -11.65 -46.69
CA ARG B 360 0.17 -13.07 -46.79
C ARG B 360 -1.33 -13.26 -47.03
N PRO B 361 -1.71 -13.68 -48.26
CA PRO B 361 -3.11 -13.82 -48.64
C PRO B 361 -3.88 -14.76 -47.71
N GLY B 362 -5.05 -14.30 -47.27
CA GLY B 362 -5.90 -15.08 -46.39
C GLY B 362 -5.49 -15.03 -44.94
N HIS B 363 -4.52 -14.15 -44.64
CA HIS B 363 -4.00 -14.00 -43.29
C HIS B 363 -3.95 -12.52 -42.89
N LEU B 364 -4.12 -12.26 -41.59
CA LEU B 364 -3.70 -11.00 -41.00
C LEU B 364 -2.29 -11.21 -40.49
N ARG B 365 -1.36 -10.40 -40.98
CA ARG B 365 0.02 -10.44 -40.53
C ARG B 365 0.26 -9.28 -39.59
N LEU B 366 0.76 -9.59 -38.40
CA LEU B 366 1.20 -8.59 -37.44
C LEU B 366 2.70 -8.65 -37.28
N TYR B 367 3.36 -7.56 -37.65
CA TYR B 367 4.78 -7.42 -37.41
C TYR B 367 4.99 -6.92 -35.98
N GLY B 368 5.74 -7.69 -35.20
CA GLY B 368 5.85 -7.46 -33.76
C GLY B 368 6.39 -6.10 -33.41
N ARG B 369 5.74 -5.46 -32.45
CA ARG B 369 6.25 -4.21 -31.90
C ARG B 369 6.44 -4.38 -30.41
N GLU B 370 5.88 -3.45 -29.64
CA GLU B 370 6.17 -3.37 -28.23
C GLU B 370 5.35 -4.34 -27.39
N SER B 371 5.68 -4.41 -26.10
CA SER B 371 5.03 -5.35 -25.21
C SER B 371 3.59 -4.97 -24.91
N LEU B 372 2.89 -5.86 -24.23
CA LEU B 372 1.51 -5.62 -23.83
C LEU B 372 1.33 -4.48 -22.81
N THR B 373 2.42 -4.05 -22.20
CA THR B 373 2.35 -2.96 -21.22
C THR B 373 2.63 -1.59 -21.85
N SER B 374 2.74 -1.53 -23.17
CA SER B 374 3.13 -0.29 -23.81
C SER B 374 1.92 0.57 -24.20
N ARG B 375 1.97 1.84 -23.80
CA ARG B 375 1.00 2.86 -24.21
C ARG B 375 1.41 3.55 -25.51
N PHE B 376 2.30 2.92 -26.26
CA PHE B 376 2.85 3.54 -27.45
C PHE B 376 2.52 2.74 -28.71
N THR B 377 3.37 1.81 -29.14
CA THR B 377 3.07 1.04 -30.35
C THR B 377 2.94 -0.48 -30.13
N GLN B 378 1.71 -0.96 -30.15
CA GLN B 378 1.44 -2.38 -30.00
C GLN B 378 0.84 -2.96 -31.28
N ALA B 379 1.41 -4.07 -31.75
CA ALA B 379 0.83 -4.79 -32.88
C ALA B 379 -0.26 -5.68 -32.30
N PHE B 380 -1.40 -5.05 -32.05
CA PHE B 380 -2.52 -5.64 -31.33
C PHE B 380 -3.77 -5.24 -32.10
N VAL B 381 -4.54 -6.25 -32.51
CA VAL B 381 -5.80 -6.07 -33.22
C VAL B 381 -6.85 -6.81 -32.41
N ALA B 382 -7.82 -6.07 -31.87
CA ALA B 382 -8.72 -6.62 -30.84
C ALA B 382 -10.15 -6.22 -31.05
N ARG B 383 -11.07 -7.06 -30.58
CA ARG B 383 -12.50 -6.80 -30.65
C ARG B 383 -13.08 -6.95 -29.23
N ARG B 384 -14.21 -6.28 -28.98
CA ARG B 384 -14.84 -6.34 -27.65
C ARG B 384 -15.38 -7.71 -27.26
N TRP B 385 -15.23 -8.06 -25.98
CA TRP B 385 -16.14 -9.00 -25.33
C TRP B 385 -17.54 -8.39 -25.41
N GLN B 386 -18.50 -9.15 -25.95
CA GLN B 386 -19.85 -8.62 -26.11
C GLN B 386 -20.92 -9.54 -25.55
N HIS B 387 -20.48 -10.67 -25.01
CA HIS B 387 -21.35 -11.63 -24.35
C HIS B 387 -20.64 -12.19 -23.13
N PHE B 388 -21.40 -12.59 -22.11
CA PHE B 388 -20.80 -13.28 -20.97
C PHE B 388 -20.36 -14.71 -21.32
N HIS B 389 -20.98 -15.31 -22.35
CA HIS B 389 -20.56 -16.66 -22.80
C HIS B 389 -20.18 -16.65 -24.27
N PHE B 390 -18.90 -16.89 -24.54
CA PHE B 390 -18.42 -16.93 -25.92
C PHE B 390 -17.18 -17.78 -26.03
N VAL B 391 -16.88 -18.18 -27.27
CA VAL B 391 -15.58 -18.72 -27.63
C VAL B 391 -14.92 -17.79 -28.65
N ALA B 392 -13.64 -17.53 -28.46
CA ALA B 392 -12.86 -16.82 -29.45
C ALA B 392 -11.65 -17.67 -29.74
N GLU B 393 -11.18 -17.60 -30.98
CA GLU B 393 -10.22 -18.56 -31.49
C GLU B 393 -9.43 -17.98 -32.64
N THR B 394 -8.15 -18.25 -32.64
CA THR B 394 -7.30 -17.90 -33.76
C THR B 394 -6.35 -19.06 -34.12
N LYS B 395 -5.73 -18.94 -35.27
CA LYS B 395 -4.87 -19.97 -35.82
C LYS B 395 -3.70 -19.20 -36.38
N VAL B 396 -2.53 -19.41 -35.80
CA VAL B 396 -1.40 -18.54 -36.04
C VAL B 396 -0.12 -19.28 -36.38
N SER B 397 0.58 -18.73 -37.36
CA SER B 397 1.87 -19.22 -37.80
C SER B 397 2.93 -18.23 -37.32
N PHE B 398 3.89 -18.74 -36.55
CA PHE B 398 4.87 -17.90 -35.87
C PHE B 398 6.12 -18.70 -35.50
N ARG B 399 7.28 -18.12 -35.79
CA ARG B 399 8.57 -18.76 -35.50
C ARG B 399 9.45 -17.78 -34.73
N PRO B 400 9.27 -17.71 -33.40
CA PRO B 400 10.12 -16.82 -32.62
C PRO B 400 11.54 -17.36 -32.56
N THR B 401 12.51 -16.45 -32.52
CA THR B 401 13.92 -16.84 -32.47
C THR B 401 14.49 -16.52 -31.09
N THR B 402 13.74 -15.77 -30.31
CA THR B 402 14.16 -15.29 -29.01
C THR B 402 12.97 -15.15 -28.06
N PHE B 403 13.26 -15.15 -26.76
CA PHE B 403 12.24 -14.92 -25.75
C PHE B 403 11.68 -13.50 -25.79
N GLN B 404 12.32 -12.62 -26.56
CA GLN B 404 11.84 -11.24 -26.74
C GLN B 404 10.70 -11.15 -27.73
N GLN B 405 10.38 -12.28 -28.35
CA GLN B 405 9.33 -12.33 -29.37
C GLN B 405 8.18 -13.22 -28.88
N SER B 406 6.95 -12.77 -29.15
CA SER B 406 5.77 -13.54 -28.79
C SER B 406 4.66 -13.25 -29.79
N ALA B 407 3.74 -14.19 -29.91
CA ALA B 407 2.52 -13.98 -30.66
C ALA B 407 1.44 -14.79 -29.99
N GLY B 408 0.23 -14.26 -29.94
CA GLY B 408 -0.81 -14.97 -29.20
C GLY B 408 -2.17 -14.34 -29.21
N LEU B 409 -3.06 -15.00 -28.46
CA LEU B 409 -4.44 -14.59 -28.23
C LEU B 409 -4.50 -13.94 -26.84
N VAL B 410 -5.07 -12.75 -26.79
CA VAL B 410 -5.02 -11.94 -25.58
C VAL B 410 -6.42 -11.55 -25.16
N ASN B 411 -6.69 -11.65 -23.87
CA ASN B 411 -7.85 -11.03 -23.28
C ASN B 411 -7.35 -9.89 -22.44
N TYR B 412 -7.80 -8.70 -22.77
CA TYR B 412 -7.09 -7.50 -22.42
C TYR B 412 -8.07 -6.47 -21.91
N TYR B 413 -7.75 -5.87 -20.77
CA TYR B 413 -8.47 -4.70 -20.30
C TYR B 413 -7.63 -3.45 -20.57
N ASN B 414 -6.44 -3.41 -19.97
CA ASN B 414 -5.51 -2.32 -20.25
C ASN B 414 -4.06 -2.79 -20.22
N THR B 415 -3.11 -1.87 -20.39
CA THR B 415 -1.69 -2.22 -20.45
C THR B 415 -1.22 -3.02 -19.23
N GLN B 416 -1.92 -2.89 -18.12
CA GLN B 416 -1.49 -3.45 -16.86
C GLN B 416 -2.35 -4.63 -16.40
N ASN B 417 -3.38 -4.94 -17.18
CA ASN B 417 -4.37 -5.96 -16.82
C ASN B 417 -4.79 -6.73 -18.05
N TRP B 418 -4.30 -7.96 -18.15
CA TRP B 418 -4.53 -8.80 -19.33
C TRP B 418 -4.02 -10.20 -19.04
N THR B 419 -4.51 -11.16 -19.81
CA THR B 419 -3.93 -12.51 -19.79
C THR B 419 -3.75 -12.88 -21.25
N THR B 420 -2.90 -13.87 -21.51
CA THR B 420 -2.66 -14.30 -22.88
C THR B 420 -2.20 -15.74 -22.93
N LEU B 421 -2.63 -16.43 -23.99
CA LEU B 421 -2.04 -17.69 -24.42
C LEU B 421 -1.17 -17.34 -25.63
N GLN B 422 0.14 -17.51 -25.49
CA GLN B 422 1.09 -17.01 -26.49
C GLN B 422 2.18 -18.02 -26.85
N ILE B 423 2.70 -17.88 -28.07
CA ILE B 423 3.85 -18.63 -28.55
C ILE B 423 5.10 -17.77 -28.37
N THR B 424 6.16 -18.37 -27.80
CA THR B 424 7.45 -17.68 -27.65
C THR B 424 8.60 -18.69 -27.80
N TRP B 425 9.80 -18.28 -27.43
CA TRP B 425 10.97 -19.12 -27.63
C TRP B 425 11.73 -19.29 -26.33
N HIS B 426 12.21 -20.52 -26.09
CA HIS B 426 12.93 -20.87 -24.87
C HIS B 426 14.30 -21.43 -25.24
N GLU B 427 15.34 -21.07 -24.47
CA GLU B 427 16.71 -21.50 -24.75
C GLU B 427 16.88 -23.02 -24.85
N GLU B 428 16.23 -23.74 -23.94
CA GLU B 428 16.36 -25.20 -23.90
C GLU B 428 15.30 -25.87 -24.77
N LYS B 429 14.07 -25.36 -24.69
CA LYS B 429 12.91 -26.03 -25.26
C LYS B 429 12.56 -25.56 -26.66
N GLY B 430 13.06 -24.39 -27.04
CA GLY B 430 12.75 -23.78 -28.33
C GLY B 430 11.34 -23.19 -28.34
N ARG B 431 10.67 -23.31 -29.50
CA ARG B 431 9.32 -22.81 -29.66
C ARG B 431 8.35 -23.46 -28.67
N ILE B 432 7.75 -22.63 -27.82
CA ILE B 432 6.82 -23.08 -26.80
C ILE B 432 5.52 -22.30 -26.81
N LEU B 433 4.51 -22.92 -26.22
CA LEU B 433 3.26 -22.26 -25.95
C LEU B 433 3.18 -22.07 -24.43
N GLU B 434 2.84 -20.87 -24.00
CA GLU B 434 2.78 -20.59 -22.58
C GLU B 434 1.60 -19.71 -22.26
N LEU B 435 1.32 -19.58 -20.97
CA LEU B 435 0.37 -18.60 -20.47
C LEU B 435 1.10 -17.46 -19.76
N MET B 436 0.57 -16.26 -19.91
CA MET B 436 1.10 -15.10 -19.20
C MET B 436 -0.05 -14.23 -18.75
N THR B 437 0.02 -13.72 -17.52
CA THR B 437 -1.00 -12.84 -16.98
C THR B 437 -0.35 -11.57 -16.44
N CYS B 438 -1.11 -10.50 -16.42
CA CYS B 438 -0.62 -9.25 -15.85
C CYS B 438 -1.78 -8.64 -15.10
N ASP B 439 -1.56 -8.40 -13.82
CA ASP B 439 -2.60 -7.90 -12.91
C ASP B 439 -1.97 -6.71 -12.18
N HIS B 440 -2.40 -5.50 -12.54
CA HIS B 440 -1.84 -4.27 -12.00
C HIS B 440 -0.32 -4.22 -12.13
N LEU B 441 0.15 -4.68 -13.29
CA LEU B 441 1.56 -4.68 -13.71
C LEU B 441 2.30 -5.90 -13.24
N VAL B 442 1.73 -6.62 -12.28
CA VAL B 442 2.34 -7.85 -11.78
C VAL B 442 2.10 -9.02 -12.74
N VAL B 443 3.20 -9.57 -13.25
CA VAL B 443 3.19 -10.61 -14.27
C VAL B 443 3.41 -11.99 -13.66
N ASP B 444 2.63 -12.97 -14.12
CA ASP B 444 2.82 -14.34 -13.72
C ASP B 444 2.86 -15.22 -14.96
N GLN B 445 3.54 -16.36 -14.86
CA GLN B 445 3.58 -17.35 -15.94
C GLN B 445 3.15 -18.69 -15.37
N PRO B 446 1.82 -18.96 -15.39
CA PRO B 446 1.25 -20.13 -14.70
C PRO B 446 1.75 -21.48 -15.19
N LEU B 447 2.32 -21.50 -16.41
CA LEU B 447 2.92 -22.72 -16.97
C LEU B 447 4.46 -22.73 -16.86
N ARG B 448 4.97 -21.85 -16.00
CA ARG B 448 6.39 -21.77 -15.66
C ARG B 448 6.97 -23.16 -15.52
N GLY B 449 7.90 -23.52 -16.39
CA GLY B 449 8.59 -24.81 -16.29
C GLY B 449 7.89 -25.99 -16.92
N ARG B 450 6.63 -25.81 -17.33
CA ARG B 450 5.85 -26.88 -17.97
C ARG B 450 5.16 -26.39 -19.25
N GLU B 451 5.82 -25.45 -19.93
CA GLU B 451 5.31 -24.87 -21.17
C GLU B 451 5.13 -25.95 -22.24
N ILE B 452 4.18 -25.72 -23.16
CA ILE B 452 3.90 -26.70 -24.20
C ILE B 452 4.93 -26.54 -25.31
N VAL B 453 5.70 -27.59 -25.54
CA VAL B 453 6.68 -27.61 -26.61
C VAL B 453 5.95 -27.76 -27.93
N VAL B 454 6.22 -26.85 -28.86
CA VAL B 454 5.65 -26.93 -30.20
C VAL B 454 6.61 -27.63 -31.17
N PRO B 455 6.23 -28.82 -31.69
CA PRO B 455 7.05 -29.53 -32.69
C PRO B 455 7.36 -28.65 -33.89
N ASP B 456 8.55 -28.81 -34.44
CA ASP B 456 9.03 -27.97 -35.53
C ASP B 456 8.23 -28.16 -36.80
N ASP B 457 7.61 -29.33 -36.96
CA ASP B 457 6.82 -29.66 -38.16
C ASP B 457 5.40 -29.10 -38.11
N ILE B 458 5.12 -28.28 -37.10
CA ILE B 458 3.79 -27.69 -36.94
C ILE B 458 3.77 -26.27 -37.49
N GLU B 459 3.05 -26.05 -38.58
CA GLU B 459 2.97 -24.73 -39.18
C GLU B 459 2.05 -23.80 -38.40
N TYR B 460 0.91 -24.33 -37.94
CA TYR B 460 -0.08 -23.51 -37.26
C TYR B 460 -0.40 -24.01 -35.85
N VAL B 461 -0.35 -23.08 -34.90
CA VAL B 461 -0.85 -23.35 -33.56
C VAL B 461 -2.22 -22.68 -33.48
N TYR B 462 -3.21 -23.45 -33.03
CA TYR B 462 -4.57 -22.97 -32.85
C TYR B 462 -4.77 -22.56 -31.39
N LEU B 463 -5.25 -21.34 -31.17
CA LEU B 463 -5.40 -20.78 -29.83
C LEU B 463 -6.86 -20.45 -29.55
N ARG B 464 -7.38 -20.92 -28.42
CA ARG B 464 -8.78 -20.71 -28.09
C ARG B 464 -9.00 -20.20 -26.65
N VAL B 465 -9.91 -19.26 -26.50
CA VAL B 465 -10.44 -18.93 -25.18
C VAL B 465 -11.96 -19.23 -25.14
N THR B 466 -12.38 -19.95 -24.10
CA THR B 466 -13.80 -20.15 -23.81
C THR B 466 -14.19 -19.38 -22.55
N VAL B 467 -15.08 -18.42 -22.69
CA VAL B 467 -15.51 -17.58 -21.58
C VAL B 467 -16.89 -18.00 -21.15
N GLN B 468 -17.02 -18.39 -19.87
CA GLN B 468 -18.31 -18.76 -19.29
C GLN B 468 -18.63 -17.91 -18.06
N ALA B 469 -19.09 -16.68 -18.27
CA ALA B 469 -19.42 -15.76 -17.17
C ALA B 469 -18.23 -15.52 -16.22
N THR B 470 -18.26 -16.11 -15.02
CA THR B 470 -17.28 -15.73 -13.98
C THR B 470 -15.87 -16.26 -14.27
N THR B 471 -15.76 -17.33 -15.05
CA THR B 471 -14.45 -17.88 -15.40
C THR B 471 -14.25 -18.07 -16.91
N TYR B 472 -13.01 -18.31 -17.28
CA TYR B 472 -12.67 -18.63 -18.65
C TYR B 472 -11.41 -19.48 -18.68
N LYS B 473 -11.20 -20.18 -19.80
CA LYS B 473 -10.20 -21.23 -19.88
C LYS B 473 -9.61 -21.17 -21.28
N TYR B 474 -8.29 -21.23 -21.37
CA TYR B 474 -7.60 -21.26 -22.66
C TYR B 474 -7.40 -22.72 -23.11
N SER B 475 -7.37 -22.93 -24.42
CA SER B 475 -7.04 -24.24 -24.95
C SER B 475 -6.26 -24.12 -26.26
N TYR B 476 -5.68 -25.22 -26.70
CA TYR B 476 -4.85 -25.20 -27.89
C TYR B 476 -4.95 -26.50 -28.68
N SER B 477 -4.56 -26.40 -29.95
CA SER B 477 -4.53 -27.54 -30.85
C SER B 477 -3.41 -27.33 -31.85
N PHE B 478 -2.85 -28.43 -32.35
CA PHE B 478 -1.85 -28.39 -33.43
C PHE B 478 -2.47 -28.80 -34.77
N ASP B 479 -3.68 -29.34 -34.73
CA ASP B 479 -4.32 -29.89 -35.92
C ASP B 479 -5.72 -29.31 -36.15
N GLY B 480 -6.21 -28.54 -35.20
CA GLY B 480 -7.48 -27.84 -35.31
C GLY B 480 -8.69 -28.73 -35.10
N MET B 481 -8.48 -29.99 -34.75
CA MET B 481 -9.60 -30.88 -34.45
C MET B 481 -9.54 -31.37 -33.00
N ASN B 482 -8.33 -31.64 -32.51
CA ASN B 482 -8.10 -32.16 -31.17
C ASN B 482 -7.57 -31.09 -30.24
N TRP B 483 -8.38 -30.71 -29.28
CA TRP B 483 -8.08 -29.58 -28.41
C TRP B 483 -7.68 -30.03 -27.03
N ILE B 484 -6.73 -29.30 -26.43
CA ILE B 484 -6.23 -29.56 -25.07
C ILE B 484 -6.36 -28.30 -24.20
N ASP B 485 -7.04 -28.45 -23.06
CA ASP B 485 -7.19 -27.37 -22.10
C ASP B 485 -5.89 -27.11 -21.38
N LEU B 486 -5.59 -25.84 -21.20
CA LEU B 486 -4.48 -25.48 -20.36
C LEU B 486 -5.06 -25.48 -18.95
N PRO B 487 -4.38 -26.19 -18.02
CA PRO B 487 -4.97 -26.47 -16.70
C PRO B 487 -4.92 -25.25 -15.76
N VAL B 488 -5.36 -24.10 -16.27
CA VAL B 488 -5.53 -22.91 -15.47
C VAL B 488 -6.90 -22.33 -15.77
N THR B 489 -7.65 -22.05 -14.70
CA THR B 489 -8.95 -21.41 -14.81
C THR B 489 -8.75 -19.94 -14.44
N PHE B 490 -9.14 -19.06 -15.35
CA PHE B 490 -9.02 -17.63 -15.16
C PHE B 490 -10.35 -17.03 -14.74
N GLU B 491 -10.28 -15.86 -14.13
CA GLU B 491 -11.44 -15.19 -13.58
C GLU B 491 -11.72 -13.91 -14.34
N SER B 492 -12.93 -13.85 -14.90
CA SER B 492 -13.34 -12.72 -15.74
C SER B 492 -13.37 -11.39 -15.01
N TYR B 493 -13.63 -11.43 -13.69
CA TYR B 493 -13.69 -10.19 -12.92
C TYR B 493 -12.40 -9.38 -12.94
N LYS B 494 -11.27 -10.07 -13.18
CA LYS B 494 -9.98 -9.38 -13.25
C LYS B 494 -9.82 -8.53 -14.51
N LEU B 495 -10.74 -8.71 -15.45
CA LEU B 495 -10.77 -7.88 -16.66
C LEU B 495 -11.98 -6.92 -16.66
N SER B 496 -12.37 -6.48 -15.47
CA SER B 496 -13.56 -5.64 -15.33
C SER B 496 -13.22 -4.23 -14.84
N ASP B 497 -14.08 -3.27 -15.19
CA ASP B 497 -13.97 -1.89 -14.74
C ASP B 497 -13.68 -1.81 -13.26
N ASP B 498 -14.45 -2.60 -12.51
CA ASP B 498 -14.54 -2.50 -11.06
C ASP B 498 -13.31 -3.06 -10.35
N TYR B 499 -12.53 -3.87 -11.07
CA TYR B 499 -11.36 -4.51 -10.50
C TYR B 499 -10.15 -3.61 -10.51
N ILE B 500 -10.18 -2.59 -11.36
CA ILE B 500 -9.03 -1.74 -11.60
C ILE B 500 -8.88 -0.73 -10.48
N LYS B 501 -7.71 -0.76 -9.83
CA LYS B 501 -7.42 0.07 -8.67
C LYS B 501 -7.31 1.56 -8.92
N SER B 502 -6.86 1.93 -10.12
CA SER B 502 -6.69 3.34 -10.48
C SER B 502 -8.01 4.13 -10.58
N ARG B 503 -9.13 3.41 -10.69
CA ARG B 503 -10.45 4.02 -10.94
C ARG B 503 -10.60 4.78 -12.29
N ALA B 504 -9.49 5.04 -12.99
CA ALA B 504 -9.57 5.38 -14.41
C ALA B 504 -9.76 4.07 -15.16
N ALA B 505 -11.01 3.59 -15.13
CA ALA B 505 -11.35 2.28 -15.67
C ALA B 505 -12.65 2.40 -16.40
N PHE B 506 -12.56 2.78 -17.66
CA PHE B 506 -13.73 3.22 -18.38
C PHE B 506 -14.05 2.46 -19.67
N THR B 507 -13.32 1.37 -19.92
CA THR B 507 -13.50 0.64 -21.17
C THR B 507 -14.29 -0.67 -21.01
N GLY B 508 -13.57 -1.78 -21.04
CA GLY B 508 -14.17 -3.12 -20.96
C GLY B 508 -13.16 -4.10 -21.53
N ALA B 509 -13.44 -5.40 -21.42
CA ALA B 509 -12.55 -6.43 -21.92
C ALA B 509 -12.62 -6.61 -23.44
N PHE B 510 -11.45 -6.80 -24.02
CA PHE B 510 -11.29 -7.07 -25.44
C PHE B 510 -10.64 -8.42 -25.61
N VAL B 511 -10.83 -9.02 -26.77
CA VAL B 511 -10.14 -10.26 -27.14
C VAL B 511 -9.51 -9.98 -28.50
N GLY B 512 -8.24 -10.33 -28.65
CA GLY B 512 -7.52 -9.99 -29.87
C GLY B 512 -6.27 -10.79 -30.15
N MET B 513 -5.58 -10.36 -31.21
CA MET B 513 -4.39 -11.05 -31.70
C MET B 513 -3.27 -10.08 -31.52
N HIS B 514 -2.14 -10.57 -31.03
CA HIS B 514 -1.02 -9.71 -30.67
C HIS B 514 0.28 -10.34 -31.15
N CYS B 515 1.23 -9.48 -31.51
CA CYS B 515 2.59 -9.93 -31.78
C CYS B 515 3.58 -8.92 -31.25
N ARG B 516 4.55 -9.40 -30.48
CA ARG B 516 5.60 -8.56 -29.96
C ARG B 516 6.92 -8.99 -30.59
N ASP B 517 7.74 -8.03 -30.94
CA ASP B 517 9.14 -8.30 -31.24
C ASP B 517 9.99 -7.31 -30.46
N GLY B 518 10.39 -7.73 -29.27
CA GLY B 518 11.21 -6.91 -28.38
C GLY B 518 12.65 -6.74 -28.86
N SER B 519 13.03 -7.43 -29.92
CA SER B 519 14.39 -7.38 -30.44
C SER B 519 14.58 -6.39 -31.61
N GLY B 520 13.51 -6.18 -32.37
CA GLY B 520 13.54 -5.28 -33.51
C GLY B 520 14.08 -5.92 -34.78
N GLN B 521 13.78 -7.20 -34.96
CA GLN B 521 14.18 -7.91 -36.16
C GLN B 521 13.00 -8.03 -37.13
N ASN B 522 11.96 -7.25 -36.85
CA ASN B 522 10.73 -7.22 -37.65
C ASN B 522 10.16 -8.63 -37.88
N ASN B 523 10.10 -9.43 -36.82
CA ASN B 523 9.51 -10.76 -36.93
C ASN B 523 7.99 -10.63 -36.86
N TYR B 524 7.31 -11.58 -37.49
CA TYR B 524 5.89 -11.45 -37.72
C TYR B 524 5.14 -12.74 -37.45
N ALA B 525 3.84 -12.59 -37.17
CA ALA B 525 2.95 -13.73 -37.01
C ALA B 525 1.83 -13.65 -38.04
N ASP B 526 1.54 -14.77 -38.68
CA ASP B 526 0.47 -14.83 -39.66
C ASP B 526 -0.72 -15.49 -39.02
N PHE B 527 -1.82 -14.74 -38.90
CA PHE B 527 -3.05 -15.26 -38.30
C PHE B 527 -4.01 -15.64 -39.41
N ASP B 528 -4.31 -16.93 -39.52
CA ASP B 528 -5.12 -17.45 -40.61
C ASP B 528 -6.58 -17.03 -40.48
N TYR B 529 -7.09 -17.06 -39.26
CA TYR B 529 -8.45 -16.63 -39.03
C TYR B 529 -8.65 -16.15 -37.60
N PHE B 530 -9.74 -15.40 -37.38
CA PHE B 530 -10.15 -15.03 -36.04
C PHE B 530 -11.64 -15.26 -35.93
N LEU B 531 -12.03 -16.09 -34.98
CA LEU B 531 -13.42 -16.46 -34.76
C LEU B 531 -13.93 -15.93 -33.43
N TYR B 532 -15.16 -15.46 -33.44
CA TYR B 532 -15.86 -15.04 -32.23
C TYR B 532 -17.27 -15.54 -32.34
N LYS B 533 -17.74 -16.20 -31.29
CA LYS B 533 -18.99 -16.94 -31.32
C LYS B 533 -19.61 -16.96 -29.94
N GLU B 534 -20.81 -16.39 -29.83
CA GLU B 534 -21.60 -16.41 -28.61
C GLU B 534 -21.91 -17.86 -28.22
N LEU B 535 -21.78 -18.15 -26.91
CA LEU B 535 -21.85 -19.51 -26.32
C LEU B 535 -20.69 -20.45 -26.69
N LYS C 3 43.64 20.02 -8.64
CA LYS C 3 43.49 20.43 -10.07
C LYS C 3 42.03 20.36 -10.53
N ILE C 4 41.60 19.22 -11.09
CA ILE C 4 40.20 19.01 -11.49
C ILE C 4 39.39 18.47 -10.29
N LYS C 5 38.42 19.34 -9.84
CA LYS C 5 37.58 18.96 -8.70
C LYS C 5 36.21 18.44 -9.16
N ASN C 6 35.82 17.30 -8.61
CA ASN C 6 34.56 16.65 -8.97
C ASN C 6 33.38 17.14 -8.12
N PRO C 7 32.17 17.17 -8.72
CA PRO C 7 31.90 16.77 -10.10
C PRO C 7 32.20 17.89 -11.10
N ILE C 8 32.50 17.51 -12.33
CA ILE C 8 32.81 18.49 -13.38
C ILE C 8 31.54 19.04 -14.00
N LEU C 9 30.51 18.20 -14.10
CA LEU C 9 29.19 18.64 -14.53
C LEU C 9 28.25 18.47 -13.34
N THR C 10 28.00 19.58 -12.64
CA THR C 10 27.11 19.58 -11.50
C THR C 10 25.66 19.55 -12.00
N GLY C 11 24.74 19.14 -11.12
CA GLY C 11 23.34 18.94 -11.50
C GLY C 11 23.16 17.77 -12.46
N PHE C 12 21.90 17.51 -12.79
CA PHE C 12 21.47 16.42 -13.67
C PHE C 12 22.36 16.18 -14.91
N HIS C 13 23.35 15.28 -14.77
CA HIS C 13 24.26 14.91 -15.87
C HIS C 13 24.71 13.44 -15.79
N PRO C 14 23.79 12.48 -16.04
CA PRO C 14 24.16 11.08 -15.84
C PRO C 14 24.76 10.45 -17.09
N ASP C 15 25.35 9.26 -16.93
CA ASP C 15 25.83 8.42 -18.04
C ASP C 15 26.80 9.15 -18.97
N PRO C 16 27.97 9.56 -18.46
CA PRO C 16 28.81 10.35 -19.35
C PRO C 16 29.54 9.52 -20.39
N SER C 17 29.33 9.87 -21.66
CA SER C 17 30.08 9.29 -22.76
C SER C 17 31.11 10.29 -23.29
N ILE C 18 32.38 9.99 -23.05
CA ILE C 18 33.47 10.87 -23.48
C ILE C 18 34.01 10.51 -24.87
N CYS C 19 34.35 11.54 -25.64
CA CYS C 19 34.90 11.36 -26.99
C CYS C 19 36.10 12.27 -27.25
N ARG C 20 37.23 11.67 -27.61
CA ARG C 20 38.39 12.42 -28.10
C ARG C 20 38.25 12.70 -29.59
N VAL C 21 38.48 14.00 -29.95
CA VAL C 21 38.77 14.39 -31.33
C VAL C 21 40.13 15.12 -31.30
N GLY C 22 41.19 14.36 -31.63
CA GLY C 22 42.55 14.87 -31.60
C GLY C 22 42.95 15.38 -30.22
N ASP C 23 42.69 16.70 -30.01
CA ASP C 23 42.93 17.34 -28.70
C ASP C 23 41.70 18.08 -28.17
N ASP C 24 40.57 17.92 -28.86
CA ASP C 24 39.27 18.34 -28.35
C ASP C 24 38.64 17.17 -27.59
N TYR C 25 37.89 17.54 -26.49
CA TYR C 25 37.23 16.50 -25.69
C TYR C 25 35.75 16.77 -25.43
N TYR C 26 34.92 15.76 -25.73
CA TYR C 26 33.47 15.91 -25.67
C TYR C 26 32.83 14.90 -24.73
N ILE C 27 31.90 15.37 -23.91
CA ILE C 27 31.07 14.48 -23.09
C ILE C 27 29.59 14.60 -23.40
N ALA C 28 29.00 13.49 -23.86
CA ALA C 28 27.54 13.39 -24.03
C ALA C 28 26.89 12.81 -22.76
N VAL C 29 25.69 13.32 -22.43
CA VAL C 29 24.94 12.84 -21.28
C VAL C 29 23.45 12.61 -21.61
N SER C 30 22.81 11.76 -20.80
CA SER C 30 21.40 11.42 -21.01
C SER C 30 20.50 12.55 -20.51
N THR C 31 19.41 12.78 -21.22
CA THR C 31 18.49 13.88 -20.88
C THR C 31 17.06 13.42 -20.61
N PHE C 32 16.81 12.12 -20.81
CA PHE C 32 15.51 11.51 -20.48
C PHE C 32 14.33 12.27 -21.06
N GLU C 33 13.35 12.67 -20.27
CA GLU C 33 12.18 13.35 -20.84
C GLU C 33 12.40 14.84 -21.22
N TRP C 34 13.56 15.39 -20.87
CA TRP C 34 13.85 16.80 -21.17
C TRP C 34 14.25 17.01 -22.61
N PHE C 35 13.58 17.97 -23.26
CA PHE C 35 13.82 18.29 -24.66
C PHE C 35 14.59 19.61 -24.80
N PRO C 36 15.52 19.70 -25.78
CA PRO C 36 15.94 18.69 -26.76
C PRO C 36 16.88 17.63 -26.16
N GLY C 37 17.05 16.53 -26.88
CA GLY C 37 17.76 15.36 -26.38
C GLY C 37 19.27 15.41 -26.46
N VAL C 38 19.91 14.78 -25.48
CA VAL C 38 21.37 14.72 -25.33
C VAL C 38 22.00 16.10 -25.14
N ARG C 39 22.93 16.17 -24.19
CA ARG C 39 23.71 17.37 -23.97
C ARG C 39 25.18 17.02 -24.14
N ILE C 40 25.82 17.67 -25.12
CA ILE C 40 27.24 17.46 -25.31
C ILE C 40 28.02 18.65 -24.78
N TYR C 41 29.10 18.35 -24.07
CA TYR C 41 30.00 19.33 -23.54
C TYR C 41 31.33 19.21 -24.28
N HIS C 42 32.17 20.33 -24.14
CA HIS C 42 33.47 20.34 -24.79
C HIS C 42 34.51 20.88 -23.84
N SER C 43 35.72 20.31 -23.92
CA SER C 43 36.84 20.73 -23.09
C SER C 43 38.17 20.47 -23.82
N LYS C 44 39.18 21.29 -23.40
CA LYS C 44 40.56 21.01 -23.79
C LYS C 44 41.35 20.50 -22.58
N ASP C 45 40.99 21.02 -21.40
CA ASP C 45 41.74 20.73 -20.17
C ASP C 45 41.11 19.63 -19.31
N LEU C 46 39.92 19.19 -19.71
CA LEU C 46 39.09 18.25 -18.92
C LEU C 46 38.54 18.84 -17.61
N LYS C 47 39.08 19.98 -17.21
CA LYS C 47 38.62 20.71 -16.03
C LYS C 47 37.41 21.60 -16.35
N ASN C 48 37.54 22.41 -17.43
CA ASN C 48 36.50 23.36 -17.82
C ASN C 48 35.67 22.83 -18.95
N TRP C 49 34.35 22.92 -18.75
CA TRP C 49 33.40 22.36 -19.70
C TRP C 49 32.34 23.38 -20.04
N ARG C 50 32.16 23.60 -21.39
CA ARG C 50 30.99 24.36 -21.83
C ARG C 50 30.13 23.47 -22.70
N LEU C 51 28.81 23.66 -22.59
CA LEU C 51 27.86 23.00 -23.47
C LEU C 51 28.01 23.57 -24.86
N VAL C 52 28.09 22.63 -25.89
CA VAL C 52 28.27 23.04 -27.28
C VAL C 52 27.17 22.56 -28.22
N ALA C 53 26.55 21.42 -27.88
CA ALA C 53 25.53 20.82 -28.75
C ALA C 53 24.39 20.12 -27.99
N ARG C 54 23.18 20.32 -28.51
CA ARG C 54 21.99 19.61 -28.06
C ARG C 54 21.40 18.93 -29.32
N PRO C 55 22.04 17.83 -29.78
CA PRO C 55 21.86 17.22 -31.10
C PRO C 55 20.44 16.81 -31.50
N LEU C 56 19.64 16.29 -30.57
CA LEU C 56 18.32 15.76 -30.95
C LEU C 56 17.20 16.77 -30.74
N ASN C 57 16.99 17.63 -31.75
CA ASN C 57 16.15 18.82 -31.57
C ASN C 57 15.03 18.96 -32.58
N ARG C 58 14.90 17.96 -33.45
CA ARG C 58 13.77 17.83 -34.35
C ARG C 58 12.88 16.69 -33.87
N LEU C 59 11.56 16.82 -34.09
CA LEU C 59 10.61 15.77 -33.78
C LEU C 59 10.93 14.48 -34.52
N SER C 60 11.63 14.63 -35.65
CA SER C 60 12.02 13.52 -36.51
C SER C 60 13.02 12.60 -35.80
N GLN C 61 13.84 13.19 -34.94
CA GLN C 61 14.87 12.44 -34.23
C GLN C 61 14.39 11.95 -32.88
N LEU C 62 13.52 12.73 -32.25
CA LEU C 62 13.10 12.47 -30.88
C LEU C 62 11.68 12.96 -30.61
N ASN C 63 10.75 12.02 -30.62
CA ASN C 63 9.34 12.29 -30.41
C ASN C 63 8.85 11.65 -29.11
N MET C 64 8.91 12.41 -28.03
CA MET C 64 8.72 11.88 -26.68
C MET C 64 7.43 12.29 -25.98
N ILE C 65 6.48 12.92 -26.67
CA ILE C 65 5.21 13.25 -26.03
C ILE C 65 4.58 11.98 -25.42
N GLY C 66 4.03 12.10 -24.21
CA GLY C 66 3.43 10.98 -23.50
C GLY C 66 4.43 10.04 -22.84
N ASN C 67 5.72 10.27 -23.08
CA ASN C 67 6.79 9.43 -22.54
C ASN C 67 6.73 9.38 -21.02
N PRO C 68 7.02 8.21 -20.43
CA PRO C 68 6.93 8.15 -18.97
C PRO C 68 8.04 8.99 -18.39
N ASP C 69 7.87 9.43 -17.14
CA ASP C 69 8.91 10.12 -16.42
C ASP C 69 10.12 9.20 -16.38
N SER C 70 11.30 9.80 -16.56
CA SER C 70 12.57 9.07 -16.68
C SER C 70 12.57 8.03 -17.81
N GLY C 71 11.65 8.20 -18.76
CA GLY C 71 11.73 7.52 -20.05
C GLY C 71 12.61 8.31 -21.03
N GLY C 72 12.36 8.14 -22.31
CA GLY C 72 13.08 8.89 -23.34
C GLY C 72 14.54 8.53 -23.47
N VAL C 73 15.39 9.56 -23.43
CA VAL C 73 16.82 9.42 -23.71
C VAL C 73 17.60 8.92 -22.48
N TRP C 74 17.90 7.62 -22.50
CA TRP C 74 18.73 7.00 -21.49
C TRP C 74 20.19 7.23 -21.89
N ALA C 75 21.11 6.42 -21.36
CA ALA C 75 22.53 6.57 -21.64
C ALA C 75 22.78 6.68 -23.16
N PRO C 76 23.39 7.81 -23.59
CA PRO C 76 23.79 7.98 -25.00
C PRO C 76 25.25 7.63 -25.26
N HIS C 77 25.58 7.31 -26.52
CA HIS C 77 26.95 7.00 -26.91
C HIS C 77 27.51 7.90 -28.01
N LEU C 78 28.52 8.69 -27.65
CA LEU C 78 29.21 9.59 -28.56
C LEU C 78 30.55 9.00 -28.98
N SER C 79 30.74 8.84 -30.29
CA SER C 79 32.01 8.40 -30.85
C SER C 79 32.38 9.18 -32.12
N TYR C 80 33.61 8.98 -32.60
CA TYR C 80 34.12 9.64 -33.82
C TYR C 80 34.95 8.68 -34.67
N SER C 81 34.60 8.57 -35.93
CA SER C 81 35.23 7.63 -36.85
C SER C 81 34.91 8.02 -38.29
N ASP C 82 35.93 7.99 -39.14
CA ASP C 82 35.80 8.27 -40.58
C ASP C 82 35.23 9.67 -40.85
N GLY C 83 35.77 10.66 -40.14
CA GLY C 83 35.40 12.07 -40.34
C GLY C 83 33.96 12.43 -39.99
N LYS C 84 33.35 11.69 -39.06
CA LYS C 84 32.01 12.01 -38.57
C LYS C 84 31.82 11.64 -37.10
N PHE C 85 31.01 12.45 -36.41
CA PHE C 85 30.52 12.11 -35.08
C PHE C 85 29.44 11.04 -35.21
N TRP C 86 29.29 10.20 -34.19
CA TRP C 86 28.27 9.17 -34.17
C TRP C 86 27.56 9.20 -32.82
N LEU C 87 26.26 9.47 -32.85
CA LEU C 87 25.51 9.48 -31.60
C LEU C 87 24.48 8.36 -31.56
N ILE C 88 24.72 7.40 -30.67
CA ILE C 88 23.81 6.29 -30.45
C ILE C 88 22.96 6.60 -29.23
N TYR C 89 21.64 6.53 -29.41
CA TYR C 89 20.70 6.86 -28.34
C TYR C 89 19.48 5.93 -28.34
N THR C 90 18.77 5.91 -27.21
CA THR C 90 17.54 5.14 -27.06
C THR C 90 16.35 6.09 -26.91
N ASP C 91 15.17 5.64 -27.34
CA ASP C 91 13.92 6.24 -26.89
C ASP C 91 13.16 5.15 -26.13
N VAL C 92 13.18 5.28 -24.81
CA VAL C 92 12.61 4.28 -23.91
C VAL C 92 11.19 4.66 -23.55
N LYS C 93 10.27 3.75 -23.88
CA LYS C 93 8.85 3.97 -23.72
C LYS C 93 8.26 3.38 -22.43
N VAL C 94 8.87 2.32 -21.91
CA VAL C 94 8.31 1.63 -20.74
C VAL C 94 9.39 1.50 -19.67
N VAL C 95 9.14 2.06 -18.49
CA VAL C 95 10.15 2.14 -17.42
C VAL C 95 9.76 1.47 -16.09
N GLU C 96 8.66 0.71 -16.12
CA GLU C 96 8.17 0.01 -14.93
C GLU C 96 7.52 -1.30 -15.37
N GLY C 97 7.71 -2.34 -14.55
CA GLY C 97 7.17 -3.67 -14.82
C GLY C 97 8.22 -4.60 -15.38
N GLN C 98 7.78 -5.68 -16.05
CA GLN C 98 8.68 -6.71 -16.55
C GLN C 98 9.40 -6.31 -17.84
N TRP C 99 8.89 -5.28 -18.51
CA TRP C 99 9.44 -4.84 -19.80
C TRP C 99 10.06 -3.45 -19.70
N LYS C 100 10.94 -3.17 -20.66
CA LYS C 100 11.60 -1.87 -20.78
C LYS C 100 11.59 -1.46 -22.26
N ASP C 101 10.40 -1.55 -22.87
CA ASP C 101 10.20 -1.23 -24.28
C ASP C 101 10.92 0.06 -24.67
N GLY C 102 11.74 -0.02 -25.71
CA GLY C 102 12.64 1.08 -26.07
C GLY C 102 13.42 0.77 -27.33
N HIS C 103 13.77 1.79 -28.08
CA HIS C 103 14.37 1.58 -29.40
C HIS C 103 15.71 2.32 -29.54
N ASN C 104 16.66 1.64 -30.16
CA ASN C 104 18.01 2.19 -30.29
C ASN C 104 18.22 2.81 -31.68
N TYR C 105 18.73 4.05 -31.70
CA TYR C 105 18.90 4.82 -32.95
C TYR C 105 20.33 5.31 -33.17
N LEU C 106 20.65 5.61 -34.43
CA LEU C 106 21.90 6.26 -34.80
C LEU C 106 21.67 7.55 -35.58
N VAL C 107 22.32 8.61 -35.13
CA VAL C 107 22.41 9.86 -35.88
C VAL C 107 23.89 10.26 -35.96
N THR C 108 24.26 10.89 -37.08
CA THR C 108 25.65 11.31 -37.35
C THR C 108 25.73 12.80 -37.64
N CYS C 109 26.91 13.38 -37.48
CA CYS C 109 27.14 14.76 -37.90
C CYS C 109 28.60 14.99 -38.23
N ASP C 110 28.84 15.72 -39.31
CA ASP C 110 30.18 16.16 -39.70
C ASP C 110 30.83 17.06 -38.65
N THR C 111 30.03 17.92 -38.01
CA THR C 111 30.49 18.70 -36.85
C THR C 111 29.74 18.30 -35.57
N ILE C 112 30.11 18.89 -34.43
CA ILE C 112 29.41 18.63 -33.18
C ILE C 112 28.06 19.34 -33.10
N ASP C 113 28.01 20.58 -33.60
CA ASP C 113 26.88 21.48 -33.41
C ASP C 113 26.12 21.80 -34.70
N GLY C 114 26.27 20.93 -35.69
CA GLY C 114 25.56 21.09 -36.95
C GLY C 114 24.21 20.39 -36.92
N ALA C 115 23.62 20.23 -38.11
CA ALA C 115 22.38 19.51 -38.27
C ALA C 115 22.65 18.00 -38.38
N TRP C 116 22.58 17.34 -37.21
CA TRP C 116 22.67 15.89 -37.12
C TRP C 116 21.59 15.26 -37.99
N SER C 117 21.90 14.11 -38.57
CA SER C 117 20.99 13.45 -39.51
C SER C 117 19.71 12.99 -38.84
N ASP C 118 18.75 12.59 -39.67
CA ASP C 118 17.61 11.84 -39.17
C ASP C 118 18.07 10.46 -38.69
N PRO C 119 17.33 9.85 -37.74
CA PRO C 119 17.84 8.63 -37.09
C PRO C 119 17.79 7.37 -37.95
N ILE C 120 18.80 6.52 -37.77
CA ILE C 120 18.84 5.20 -38.37
C ILE C 120 18.46 4.23 -37.25
N TYR C 121 17.44 3.42 -37.49
CA TYR C 121 16.96 2.46 -36.51
C TYR C 121 17.85 1.24 -36.45
N LEU C 122 18.25 0.88 -35.24
CA LEU C 122 19.17 -0.22 -35.03
C LEU C 122 18.45 -1.48 -34.56
N ASN C 123 18.09 -1.49 -33.28
CA ASN C 123 17.34 -2.60 -32.68
C ASN C 123 16.51 -2.09 -31.49
N SER C 124 15.90 -3.01 -30.76
CA SER C 124 15.11 -2.68 -29.57
C SER C 124 15.40 -3.61 -28.40
N SER C 125 16.39 -4.47 -28.56
CA SER C 125 16.65 -5.56 -27.63
C SER C 125 17.09 -5.13 -26.23
N GLY C 126 17.46 -3.87 -26.07
CA GLY C 126 17.82 -3.34 -24.77
C GLY C 126 18.54 -2.00 -24.84
N PHE C 127 18.59 -1.31 -23.71
CA PHE C 127 19.16 0.03 -23.66
C PHE C 127 20.70 0.03 -23.56
N ASP C 128 21.26 1.21 -23.28
CA ASP C 128 22.71 1.44 -23.23
C ASP C 128 23.45 1.02 -24.52
N PRO C 129 22.99 1.53 -25.69
CA PRO C 129 23.66 1.12 -26.91
C PRO C 129 25.00 1.85 -27.07
N SER C 130 25.93 1.22 -27.78
CA SER C 130 27.30 1.71 -27.89
C SER C 130 27.86 1.18 -29.19
N LEU C 131 28.46 2.07 -29.98
CA LEU C 131 29.01 1.69 -31.28
C LEU C 131 30.52 1.50 -31.19
N PHE C 132 30.98 0.37 -31.71
CA PHE C 132 32.41 0.08 -31.72
C PHE C 132 32.98 0.07 -33.14
N HIS C 133 33.89 1.00 -33.37
CA HIS C 133 34.58 1.13 -34.65
C HIS C 133 35.87 0.33 -34.60
N ASP C 134 35.85 -0.86 -35.21
CA ASP C 134 37.02 -1.74 -35.16
C ASP C 134 38.13 -1.30 -36.11
N GLU C 135 39.37 -1.57 -35.70
CA GLU C 135 40.58 -1.16 -36.41
C GLU C 135 40.56 -1.52 -37.89
N ASP C 136 39.77 -2.52 -38.25
CA ASP C 136 39.68 -3.00 -39.63
C ASP C 136 38.51 -2.38 -40.42
N GLY C 137 37.89 -1.35 -39.86
CA GLY C 137 36.81 -0.63 -40.56
C GLY C 137 35.39 -1.15 -40.35
N ARG C 138 35.25 -2.30 -39.69
CA ARG C 138 33.93 -2.83 -39.38
C ARG C 138 33.39 -2.05 -38.17
N LYS C 139 32.07 -1.98 -38.05
CA LYS C 139 31.46 -1.26 -36.95
C LYS C 139 30.44 -2.14 -36.23
N TYR C 140 30.57 -2.21 -34.91
CA TYR C 140 29.77 -3.15 -34.10
C TYR C 140 28.95 -2.43 -33.04
N LEU C 141 27.69 -2.84 -32.90
CA LEU C 141 26.83 -2.34 -31.83
C LEU C 141 26.78 -3.31 -30.65
N VAL C 142 27.08 -2.79 -29.47
CA VAL C 142 26.77 -3.51 -28.22
C VAL C 142 25.70 -2.79 -27.42
N ASN C 143 24.85 -3.57 -26.77
CA ASN C 143 23.89 -3.06 -25.79
C ASN C 143 23.50 -4.19 -24.80
N MET C 144 22.80 -3.84 -23.74
CA MET C 144 22.28 -4.85 -22.81
C MET C 144 21.13 -5.60 -23.49
N TYR C 145 20.91 -6.83 -23.07
CA TYR C 145 19.84 -7.65 -23.61
C TYR C 145 18.79 -7.85 -22.52
N TRP C 146 17.57 -7.39 -22.77
CA TRP C 146 16.50 -7.41 -21.75
C TRP C 146 15.78 -8.75 -21.65
N ASP C 147 15.71 -9.32 -20.45
CA ASP C 147 14.91 -10.51 -20.20
C ASP C 147 13.70 -10.14 -19.31
N HIS C 148 12.51 -10.27 -19.88
CA HIS C 148 11.27 -9.89 -19.24
C HIS C 148 10.70 -10.96 -18.30
N ARG C 149 11.20 -12.19 -18.39
CA ARG C 149 10.55 -13.36 -17.75
C ARG C 149 10.60 -13.31 -16.23
N VAL C 150 9.48 -13.67 -15.61
CA VAL C 150 9.26 -13.59 -14.16
C VAL C 150 10.31 -14.34 -13.34
N ASP C 151 10.72 -15.49 -13.87
CA ASP C 151 11.68 -16.39 -13.22
C ASP C 151 13.16 -15.94 -13.40
N HIS C 152 13.38 -14.87 -14.17
CA HIS C 152 14.70 -14.48 -14.68
C HIS C 152 15.15 -13.08 -14.24
N HIS C 153 16.47 -12.92 -14.11
CA HIS C 153 17.07 -11.61 -13.94
C HIS C 153 16.99 -10.83 -15.27
N PRO C 154 16.49 -9.59 -15.22
CA PRO C 154 16.20 -8.83 -16.44
C PRO C 154 17.41 -8.57 -17.35
N PHE C 155 18.58 -8.37 -16.74
CA PHE C 155 19.80 -8.02 -17.47
C PHE C 155 20.54 -9.27 -17.94
N TYR C 156 20.16 -9.73 -19.13
CA TYR C 156 20.62 -11.00 -19.70
C TYR C 156 22.09 -11.00 -20.15
N GLY C 157 22.71 -9.83 -20.10
CA GLY C 157 24.09 -9.66 -20.52
C GLY C 157 24.23 -8.68 -21.66
N ILE C 158 25.38 -8.72 -22.32
CA ILE C 158 25.69 -7.80 -23.40
C ILE C 158 25.59 -8.52 -24.74
N VAL C 159 24.76 -7.96 -25.62
CA VAL C 159 24.63 -8.47 -26.98
C VAL C 159 25.52 -7.67 -27.97
N LEU C 160 26.13 -8.38 -28.91
CA LEU C 160 26.95 -7.75 -29.95
C LEU C 160 26.43 -8.15 -31.33
N GLN C 161 26.31 -7.15 -32.21
CA GLN C 161 26.01 -7.39 -33.61
C GLN C 161 26.76 -6.36 -34.46
N GLU C 162 27.04 -6.71 -35.71
CA GLU C 162 27.72 -5.80 -36.62
C GLU C 162 26.74 -4.83 -37.28
N TYR C 163 27.16 -3.56 -37.35
CA TYR C 163 26.42 -2.55 -38.08
C TYR C 163 27.04 -2.32 -39.47
N SER C 164 26.28 -2.64 -40.50
CA SER C 164 26.68 -2.33 -41.87
C SER C 164 26.37 -0.86 -42.18
N VAL C 165 27.43 -0.07 -42.34
CA VAL C 165 27.33 1.35 -42.69
C VAL C 165 26.62 1.52 -44.03
N GLU C 166 27.08 0.79 -45.04
CA GLU C 166 26.49 0.86 -46.39
C GLU C 166 25.00 0.52 -46.39
N GLN C 167 24.62 -0.55 -45.70
CA GLN C 167 23.23 -1.00 -45.70
C GLN C 167 22.39 -0.24 -44.68
N LYS C 168 23.05 0.50 -43.79
CA LYS C 168 22.39 1.31 -42.76
C LYS C 168 21.47 0.44 -41.87
N LYS C 169 21.96 -0.75 -41.54
CA LYS C 169 21.25 -1.69 -40.67
C LYS C 169 22.26 -2.62 -40.00
N LEU C 170 21.80 -3.37 -39.00
CA LEU C 170 22.63 -4.40 -38.38
C LEU C 170 22.56 -5.68 -39.22
N VAL C 171 23.66 -6.42 -39.25
CA VAL C 171 23.76 -7.63 -40.08
C VAL C 171 24.33 -8.81 -39.29
N GLY C 172 24.10 -10.01 -39.82
CA GLY C 172 24.55 -11.23 -39.16
C GLY C 172 23.64 -11.52 -37.97
N GLU C 173 24.07 -12.43 -37.12
CA GLU C 173 23.25 -12.83 -35.98
C GLU C 173 23.76 -12.22 -34.68
N PRO C 174 22.86 -11.60 -33.89
CA PRO C 174 23.30 -11.04 -32.61
C PRO C 174 23.69 -12.16 -31.66
N LYS C 175 24.71 -11.93 -30.84
CA LYS C 175 25.18 -12.94 -29.89
C LYS C 175 25.54 -12.29 -28.57
N ILE C 176 25.29 -13.01 -27.47
CA ILE C 176 25.72 -12.59 -26.14
C ILE C 176 27.22 -12.85 -26.03
N ILE C 177 27.96 -11.83 -25.63
CA ILE C 177 29.41 -11.91 -25.52
C ILE C 177 29.88 -11.89 -24.06
N PHE C 178 28.97 -11.54 -23.16
CA PHE C 178 29.28 -11.32 -21.74
C PHE C 178 27.99 -11.40 -20.93
N LYS C 179 27.99 -12.21 -19.87
CA LYS C 179 26.83 -12.32 -18.97
C LYS C 179 26.93 -11.37 -17.77
N GLY C 180 28.16 -10.99 -17.42
CA GLY C 180 28.40 -10.10 -16.28
C GLY C 180 28.99 -10.83 -15.09
N THR C 181 29.28 -10.08 -14.03
CA THR C 181 29.71 -10.65 -12.75
C THR C 181 28.51 -10.91 -11.82
N ASP C 182 28.77 -11.41 -10.60
CA ASP C 182 27.71 -11.66 -9.62
C ASP C 182 26.93 -10.40 -9.19
N LEU C 183 27.50 -9.22 -9.44
CA LEU C 183 26.81 -7.96 -9.20
C LEU C 183 25.57 -7.84 -10.07
N ARG C 184 25.66 -8.43 -11.26
CA ARG C 184 24.58 -8.40 -12.25
C ARG C 184 24.16 -6.96 -12.57
N ILE C 185 22.93 -6.80 -13.07
CA ILE C 185 22.43 -5.51 -13.58
C ILE C 185 23.46 -4.96 -14.62
N THR C 186 23.87 -5.83 -15.52
CA THR C 186 24.97 -5.55 -16.43
C THR C 186 24.47 -4.77 -17.64
N GLY C 187 24.88 -3.52 -17.73
CA GLY C 187 24.58 -2.65 -18.86
C GLY C 187 25.79 -1.80 -19.24
N GLY C 188 25.52 -0.60 -19.77
CA GLY C 188 26.56 0.35 -20.19
C GLY C 188 27.79 -0.25 -20.86
N PRO C 189 27.60 -1.11 -21.89
CA PRO C 189 28.78 -1.74 -22.47
C PRO C 189 29.55 -0.77 -23.39
N HIS C 190 30.87 -0.72 -23.20
CA HIS C 190 31.77 0.02 -24.09
C HIS C 190 32.95 -0.86 -24.45
N LEU C 191 33.22 -0.96 -25.75
CA LEU C 191 34.31 -1.74 -26.29
C LEU C 191 35.47 -0.83 -26.68
N TYR C 192 36.67 -1.21 -26.23
CA TYR C 192 37.93 -0.54 -26.55
C TYR C 192 38.94 -1.60 -26.99
N LYS C 193 39.61 -1.36 -28.12
CA LYS C 193 40.68 -2.24 -28.56
C LYS C 193 42.01 -1.62 -28.17
N ILE C 194 42.68 -2.27 -27.21
CA ILE C 194 43.93 -1.81 -26.63
C ILE C 194 44.84 -3.04 -26.42
N ASN C 195 46.16 -2.86 -26.52
CA ASN C 195 47.12 -3.97 -26.50
C ASN C 195 46.73 -5.02 -27.55
N GLY C 196 46.88 -6.30 -27.20
CA GLY C 196 46.38 -7.40 -28.03
C GLY C 196 44.95 -7.83 -27.72
N TYR C 197 44.31 -7.16 -26.77
CA TYR C 197 42.96 -7.52 -26.30
C TYR C 197 41.89 -6.48 -26.64
N TYR C 198 40.67 -6.97 -26.86
CA TYR C 198 39.48 -6.12 -26.75
C TYR C 198 39.09 -5.98 -25.28
N TYR C 199 38.77 -4.75 -24.86
CA TYR C 199 38.33 -4.48 -23.50
C TYR C 199 36.85 -4.12 -23.45
N LEU C 200 36.11 -4.77 -22.56
CA LEU C 200 34.68 -4.51 -22.35
C LEU C 200 34.42 -3.88 -20.99
N LEU C 201 33.88 -2.66 -21.03
CA LEU C 201 33.58 -1.90 -19.84
C LEU C 201 32.06 -1.89 -19.66
N THR C 202 31.59 -2.30 -18.48
CA THR C 202 30.15 -2.35 -18.20
C THR C 202 29.79 -1.68 -16.90
N ALA C 203 28.58 -1.15 -16.83
CA ALA C 203 27.99 -0.66 -15.60
C ALA C 203 27.27 -1.82 -14.95
N GLU C 204 27.54 -2.03 -13.66
CA GLU C 204 26.94 -3.12 -12.89
C GLU C 204 26.45 -2.69 -11.51
N GLY C 205 25.52 -3.47 -10.97
CA GLY C 205 25.01 -3.27 -9.61
C GLY C 205 23.86 -2.29 -9.50
N GLY C 206 23.44 -1.71 -10.63
CA GLY C 206 22.40 -0.70 -10.63
C GLY C 206 22.92 0.70 -10.34
N THR C 207 22.17 1.70 -10.77
CA THR C 207 22.61 3.10 -10.67
C THR C 207 22.25 3.76 -9.34
N ARG C 208 22.26 2.96 -8.28
CA ARG C 208 22.04 3.45 -6.93
C ARG C 208 23.33 3.19 -6.14
N TYR C 209 23.24 2.90 -4.85
CA TYR C 209 24.44 2.83 -4.01
C TYR C 209 25.31 1.58 -4.19
N ASN C 210 24.86 0.64 -5.01
CA ASN C 210 25.64 -0.54 -5.35
C ASN C 210 26.37 -0.42 -6.70
N HIS C 211 26.17 0.71 -7.38
CA HIS C 211 26.79 1.00 -8.67
C HIS C 211 28.28 0.68 -8.72
N ALA C 212 28.70 0.19 -9.88
CA ALA C 212 30.08 -0.17 -10.14
C ALA C 212 30.38 -0.12 -11.63
N ALA C 213 31.63 0.16 -11.96
CA ALA C 213 32.16 -0.01 -13.32
C ALA C 213 33.02 -1.27 -13.32
N THR C 214 32.70 -2.17 -14.26
CA THR C 214 33.38 -3.44 -14.40
C THR C 214 34.11 -3.44 -15.74
N ILE C 215 35.32 -3.98 -15.75
CA ILE C 215 36.09 -4.14 -16.98
C ILE C 215 36.55 -5.59 -17.17
N ALA C 216 36.50 -6.04 -18.42
CA ALA C 216 36.92 -7.38 -18.81
C ALA C 216 37.67 -7.31 -20.15
N ARG C 217 38.39 -8.37 -20.50
CA ARG C 217 39.16 -8.41 -21.75
C ARG C 217 39.13 -9.77 -22.45
N SER C 218 39.29 -9.74 -23.77
CA SER C 218 39.39 -10.95 -24.58
C SER C 218 40.13 -10.64 -25.87
N THR C 219 41.04 -11.54 -26.26
CA THR C 219 41.70 -11.46 -27.58
C THR C 219 40.65 -11.43 -28.70
N SER C 220 39.58 -12.23 -28.53
CA SER C 220 38.48 -12.28 -29.48
C SER C 220 37.44 -11.21 -29.15
N LEU C 221 36.65 -10.85 -30.17
CA LEU C 221 35.61 -9.85 -30.03
C LEU C 221 34.35 -10.47 -29.41
N TYR C 222 34.13 -11.75 -29.70
CA TYR C 222 32.95 -12.47 -29.20
C TYR C 222 33.17 -13.15 -27.84
N GLY C 223 34.40 -13.12 -27.34
CA GLY C 223 34.71 -13.70 -26.04
C GLY C 223 35.36 -15.08 -26.10
N PRO C 224 35.48 -15.76 -24.94
CA PRO C 224 35.01 -15.34 -23.62
C PRO C 224 35.89 -14.27 -22.99
N TYR C 225 35.24 -13.26 -22.41
CA TYR C 225 35.93 -12.17 -21.71
C TYR C 225 36.23 -12.62 -20.30
N GLU C 226 37.46 -12.37 -19.86
CA GLU C 226 37.83 -12.60 -18.46
C GLU C 226 37.78 -11.26 -17.71
N VAL C 227 37.38 -11.34 -16.44
CA VAL C 227 37.13 -10.15 -15.63
C VAL C 227 38.42 -9.65 -14.97
N HIS C 228 38.51 -8.32 -14.82
CA HIS C 228 39.54 -7.69 -14.02
C HIS C 228 39.70 -8.45 -12.71
N PRO C 229 40.95 -8.80 -12.33
CA PRO C 229 41.20 -9.55 -11.11
C PRO C 229 40.94 -8.77 -9.82
N ASP C 230 40.66 -7.47 -9.95
CA ASP C 230 40.38 -6.62 -8.81
C ASP C 230 39.10 -5.81 -9.02
N ASN C 231 38.24 -6.34 -9.89
CA ASN C 231 36.91 -5.82 -10.10
C ASN C 231 36.17 -5.58 -8.79
N PRO C 232 35.37 -4.49 -8.69
CA PRO C 232 35.09 -3.49 -9.74
C PRO C 232 36.25 -2.54 -10.03
N LEU C 233 36.28 -2.01 -11.25
CA LEU C 233 37.24 -0.98 -11.62
C LEU C 233 36.90 0.32 -10.87
N LEU C 234 35.61 0.63 -10.77
CA LEU C 234 35.16 1.80 -10.01
C LEU C 234 33.85 1.51 -9.27
N THR C 235 33.81 1.89 -7.99
CA THR C 235 32.60 1.78 -7.17
C THR C 235 32.69 2.63 -5.91
N SER C 236 31.55 3.16 -5.47
CA SER C 236 31.46 3.87 -4.19
C SER C 236 30.77 3.04 -3.12
N TRP C 237 30.44 1.78 -3.45
CA TRP C 237 29.67 0.94 -2.52
C TRP C 237 30.38 0.69 -1.18
N PRO C 238 31.65 0.24 -1.21
CA PRO C 238 32.35 -0.05 0.04
C PRO C 238 32.83 1.20 0.78
N TYR C 239 32.47 2.38 0.29
CA TYR C 239 32.95 3.64 0.87
C TYR C 239 31.79 4.58 1.25
N PRO C 240 31.09 4.29 2.35
CA PRO C 240 29.88 5.04 2.72
C PRO C 240 30.08 6.51 3.11
N ARG C 241 31.29 6.87 3.54
CA ARG C 241 31.58 8.25 3.94
C ARG C 241 32.03 9.17 2.77
N ASN C 242 32.24 8.57 1.60
CA ASN C 242 32.64 9.29 0.41
C ASN C 242 31.54 10.25 -0.07
N PRO C 243 31.88 11.54 -0.23
CA PRO C 243 30.97 12.55 -0.80
C PRO C 243 30.41 12.18 -2.16
N LEU C 244 31.15 11.38 -2.92
CA LEU C 244 30.73 10.96 -4.25
C LEU C 244 30.24 9.51 -4.21
N GLN C 245 28.90 9.37 -4.20
CA GLN C 245 28.31 8.04 -4.17
C GLN C 245 27.82 7.62 -5.56
N LYS C 246 27.47 6.34 -5.69
CA LYS C 246 26.86 5.78 -6.90
C LYS C 246 27.81 5.74 -8.09
N ALA C 247 29.12 5.65 -7.82
CA ALA C 247 30.12 5.66 -8.88
C ALA C 247 30.04 4.45 -9.82
N GLY C 248 29.83 4.75 -11.10
CA GLY C 248 29.74 3.72 -12.13
C GLY C 248 29.32 4.33 -13.45
N HIS C 249 28.91 3.47 -14.37
CA HIS C 249 28.57 3.83 -15.74
C HIS C 249 29.65 4.69 -16.41
N ALA C 250 30.86 4.15 -16.39
CA ALA C 250 32.05 4.86 -16.82
C ALA C 250 32.26 4.83 -18.34
N SER C 251 33.11 5.73 -18.83
CA SER C 251 33.67 5.63 -20.18
C SER C 251 35.09 6.17 -20.20
N ILE C 252 35.95 5.46 -20.93
CA ILE C 252 37.38 5.73 -20.91
C ILE C 252 37.78 6.76 -21.97
N VAL C 253 38.64 7.70 -21.58
CA VAL C 253 39.32 8.57 -22.55
C VAL C 253 40.83 8.36 -22.50
N HIS C 254 41.40 8.16 -23.68
CA HIS C 254 42.84 8.13 -23.85
C HIS C 254 43.23 9.45 -24.51
N THR C 255 43.92 10.30 -23.76
CA THR C 255 44.22 11.67 -24.21
C THR C 255 45.48 11.76 -25.08
N HIS C 256 45.51 12.84 -25.95
CA HIS C 256 46.65 13.07 -26.86
C HIS C 256 48.02 13.13 -26.16
N THR C 257 47.99 13.46 -24.86
CA THR C 257 49.21 13.48 -24.06
C THR C 257 49.48 12.10 -23.38
N ASP C 258 49.03 11.03 -24.05
CA ASP C 258 49.26 9.64 -23.63
C ASP C 258 48.75 9.32 -22.20
N GLU C 259 47.67 9.98 -21.78
CA GLU C 259 47.12 9.81 -20.43
C GLU C 259 45.72 9.20 -20.45
N TRP C 260 45.45 8.35 -19.46
CA TRP C 260 44.17 7.62 -19.38
C TRP C 260 43.25 8.15 -18.27
N PHE C 261 42.00 8.46 -18.65
CA PHE C 261 41.02 8.98 -17.71
C PHE C 261 39.64 8.30 -17.84
N LEU C 262 38.89 8.32 -16.75
CA LEU C 262 37.62 7.60 -16.67
C LEU C 262 36.54 8.54 -16.14
N VAL C 263 35.65 8.97 -17.02
CA VAL C 263 34.47 9.74 -16.61
C VAL C 263 33.40 8.76 -16.12
N HIS C 264 32.59 9.21 -15.18
CA HIS C 264 31.52 8.38 -14.61
C HIS C 264 30.41 9.27 -14.04
N LEU C 265 29.24 8.67 -13.80
CA LEU C 265 28.20 9.38 -13.05
C LEU C 265 28.43 9.21 -11.55
N THR C 266 27.86 10.11 -10.77
CA THR C 266 27.95 10.06 -9.32
C THR C 266 26.79 10.85 -8.71
N GLY C 267 26.31 10.40 -7.56
CA GLY C 267 25.33 11.15 -6.80
C GLY C 267 25.96 11.66 -5.53
N ARG C 268 25.67 12.92 -5.21
CA ARG C 268 26.16 13.54 -3.99
C ARG C 268 24.99 13.70 -3.04
N PRO C 269 24.88 12.80 -2.06
CA PRO C 269 23.84 12.85 -1.04
C PRO C 269 23.88 14.14 -0.25
N LEU C 270 22.70 14.66 0.09
CA LEU C 270 22.58 15.77 1.03
C LEU C 270 23.22 15.40 2.37
N PRO C 271 23.52 16.42 3.21
CA PRO C 271 24.10 16.12 4.52
C PRO C 271 23.34 15.01 5.27
N ARG C 272 24.10 14.16 5.97
CA ARG C 272 23.58 12.96 6.63
C ARG C 272 24.10 12.87 8.06
N GLU C 273 24.36 14.03 8.65
CA GLU C 273 24.89 14.12 10.01
C GLU C 273 23.84 13.64 11.00
N GLY C 274 24.24 12.77 11.91
CA GLY C 274 23.33 12.23 12.93
C GLY C 274 22.39 11.15 12.43
N GLN C 275 22.46 10.85 11.13
CA GLN C 275 21.74 9.73 10.53
C GLN C 275 22.59 8.47 10.57
N PRO C 276 21.94 7.28 10.64
CA PRO C 276 22.71 6.03 10.61
C PRO C 276 23.39 5.86 9.25
N LEU C 277 24.68 5.51 9.29
CA LEU C 277 25.55 5.48 8.11
C LEU C 277 25.04 4.61 6.97
N LEU C 278 24.62 3.39 7.29
CA LEU C 278 24.33 2.40 6.27
C LEU C 278 22.83 2.16 6.03
N GLU C 279 22.00 2.70 6.92
CA GLU C 279 20.55 2.45 6.87
C GLU C 279 19.96 2.92 5.55
N HIS C 280 19.98 4.24 5.33
CA HIS C 280 19.70 4.83 4.03
C HIS C 280 20.87 5.74 3.66
N ARG C 281 21.43 5.54 2.47
CA ARG C 281 22.69 6.19 2.11
C ARG C 281 22.57 7.60 1.53
N GLY C 282 21.33 8.06 1.34
CA GLY C 282 21.08 9.47 1.12
C GLY C 282 20.19 9.87 -0.03
N TYR C 283 19.91 11.17 -0.10
CA TYR C 283 19.08 11.72 -1.16
C TYR C 283 19.86 12.74 -1.97
N CYS C 284 19.76 12.63 -3.29
CA CYS C 284 20.58 13.40 -4.22
C CYS C 284 19.71 14.25 -5.14
N PRO C 285 19.31 15.46 -4.69
CA PRO C 285 18.41 16.34 -5.44
C PRO C 285 19.00 16.85 -6.76
N LEU C 286 20.32 16.95 -6.80
CA LEU C 286 21.04 17.35 -7.99
C LEU C 286 21.14 16.17 -8.96
N GLY C 287 20.57 15.04 -8.53
CA GLY C 287 20.49 13.85 -9.35
C GLY C 287 21.84 13.22 -9.55
N ARG C 288 22.04 12.59 -10.70
CA ARG C 288 23.32 12.00 -11.03
C ARG C 288 24.16 12.97 -11.86
N GLU C 289 25.36 13.23 -11.34
CA GLU C 289 26.30 14.21 -11.90
C GLU C 289 27.50 13.51 -12.53
N THR C 290 28.31 14.27 -13.27
CA THR C 290 29.47 13.71 -13.97
C THR C 290 30.77 14.02 -13.23
N ALA C 291 31.60 12.99 -13.08
CA ALA C 291 32.90 13.14 -12.46
C ALA C 291 33.95 12.41 -13.30
N ILE C 292 35.20 12.73 -13.06
CA ILE C 292 36.34 12.13 -13.77
C ILE C 292 37.32 11.54 -12.77
N GLN C 293 37.85 10.37 -13.11
CA GLN C 293 38.93 9.76 -12.33
C GLN C 293 40.10 9.43 -13.26
N ARG C 294 41.31 9.56 -12.73
CA ARG C 294 42.52 9.22 -13.48
C ARG C 294 42.77 7.71 -13.42
N LEU C 295 43.17 7.14 -14.57
CA LEU C 295 43.58 5.75 -14.65
C LEU C 295 45.12 5.57 -14.74
N GLU C 296 45.60 4.43 -14.15
CA GLU C 296 46.94 3.94 -14.43
C GLU C 296 46.86 2.53 -15.01
N TRP C 297 48.02 1.90 -15.27
CA TRP C 297 48.04 0.55 -15.84
C TRP C 297 49.01 -0.40 -15.13
N LYS C 298 48.56 -1.64 -14.97
CA LYS C 298 49.35 -2.74 -14.41
C LYS C 298 48.91 -4.04 -15.09
N ASP C 299 49.88 -4.84 -15.54
CA ASP C 299 49.63 -6.19 -16.07
C ASP C 299 48.54 -6.31 -17.14
N GLY C 300 48.31 -5.22 -17.87
CA GLY C 300 47.29 -5.20 -18.92
C GLY C 300 45.90 -4.86 -18.41
N TRP C 301 45.83 -4.38 -17.18
CA TRP C 301 44.58 -3.96 -16.56
C TRP C 301 44.65 -2.51 -16.11
N PRO C 302 43.59 -1.72 -16.42
CA PRO C 302 43.50 -0.36 -15.90
C PRO C 302 43.11 -0.30 -14.42
N TYR C 303 43.61 0.69 -13.71
CA TYR C 303 43.27 0.92 -12.31
C TYR C 303 42.93 2.39 -12.10
N VAL C 304 42.04 2.67 -11.16
CA VAL C 304 41.69 4.04 -10.81
C VAL C 304 42.64 4.52 -9.73
N VAL C 305 43.15 5.74 -9.87
CA VAL C 305 44.16 6.30 -8.95
C VAL C 305 43.55 6.61 -7.58
N GLY C 306 44.13 6.01 -6.54
CA GLY C 306 43.66 6.21 -5.16
C GLY C 306 42.72 5.12 -4.65
N GLY C 307 42.55 4.06 -5.46
CA GLY C 307 41.66 2.95 -5.10
C GLY C 307 40.55 2.88 -6.11
N ASN C 308 39.65 1.90 -5.98
CA ASN C 308 38.50 1.80 -6.89
C ASN C 308 37.34 2.73 -6.48
N GLY C 309 37.53 3.44 -5.38
CA GLY C 309 36.62 4.51 -5.00
C GLY C 309 36.97 5.80 -5.74
N PRO C 310 35.96 6.64 -6.03
CA PRO C 310 36.23 7.92 -6.68
C PRO C 310 36.90 8.95 -5.75
N SER C 311 37.84 9.69 -6.31
CA SER C 311 38.48 10.78 -5.59
C SER C 311 37.75 12.08 -5.89
N LEU C 312 37.65 12.95 -4.89
CA LEU C 312 36.96 14.23 -5.01
C LEU C 312 37.73 15.19 -5.92
N GLU C 313 39.06 15.05 -5.89
CA GLU C 313 39.97 15.86 -6.69
C GLU C 313 40.97 14.93 -7.35
N ILE C 314 41.35 15.30 -8.64
CA ILE C 314 42.38 14.51 -9.34
C ILE C 314 43.49 15.41 -9.92
N ASP C 315 44.47 14.74 -10.57
CA ASP C 315 45.44 15.47 -11.38
C ASP C 315 45.07 15.32 -12.85
N GLY C 316 44.72 16.45 -13.48
CA GLY C 316 44.26 16.48 -14.87
C GLY C 316 45.38 16.25 -15.87
N PRO C 317 45.05 16.33 -17.18
CA PRO C 317 46.07 16.10 -18.22
C PRO C 317 47.16 17.18 -18.24
N SER C 318 48.20 16.96 -19.05
CA SER C 318 49.29 17.93 -19.21
C SER C 318 48.99 18.88 -20.40
N VAL C 319 48.08 19.84 -20.09
CA VAL C 319 47.73 20.92 -21.02
C VAL C 319 47.59 22.22 -20.20
N GLU C 320 47.52 23.36 -21.05
CA GLU C 320 47.33 24.66 -20.42
C GLU C 320 45.82 24.89 -20.23
N GLU C 321 45.45 25.42 -19.06
CA GLU C 321 44.05 25.59 -18.68
C GLU C 321 43.29 26.49 -19.66
N VAL C 322 42.20 25.95 -20.22
CA VAL C 322 41.34 26.72 -21.10
C VAL C 322 39.99 26.96 -20.40
N SER C 323 39.90 28.11 -19.70
CA SER C 323 38.65 28.56 -19.10
C SER C 323 37.63 28.93 -20.17
N TRP C 324 36.36 28.96 -19.79
CA TRP C 324 35.30 29.39 -20.70
C TRP C 324 34.48 30.52 -20.10
N GLU C 325 34.00 31.40 -20.98
CA GLU C 325 33.15 32.53 -20.60
C GLU C 325 31.78 32.04 -20.13
N LYS C 326 31.26 32.64 -19.06
CA LYS C 326 29.91 32.35 -18.57
C LYS C 326 28.89 32.42 -19.70
N ASP C 327 28.15 31.33 -19.89
CA ASP C 327 27.27 31.17 -21.06
C ASP C 327 25.80 31.51 -20.77
N TYR C 328 25.57 32.16 -19.64
CA TYR C 328 24.22 32.57 -19.26
C TYR C 328 24.27 33.78 -18.32
N ASP C 329 23.23 34.60 -18.37
CA ASP C 329 23.13 35.76 -17.49
C ASP C 329 22.52 35.36 -16.15
N GLU C 330 23.16 35.82 -15.08
CA GLU C 330 22.65 35.62 -13.73
C GLU C 330 21.19 36.08 -13.64
N LYS C 331 20.94 37.31 -14.07
CA LYS C 331 19.58 37.83 -14.22
C LYS C 331 19.26 37.94 -15.70
N ASP C 332 18.41 37.03 -16.18
CA ASP C 332 18.14 36.91 -17.60
C ASP C 332 16.90 37.69 -18.00
N ASP C 333 17.11 38.87 -18.56
CA ASP C 333 16.04 39.82 -18.87
C ASP C 333 15.27 39.50 -20.14
N PHE C 334 15.58 38.34 -20.73
CA PHE C 334 14.93 37.86 -21.95
C PHE C 334 14.95 38.88 -23.07
N ASP C 335 16.15 39.42 -23.32
CA ASP C 335 16.34 40.42 -24.38
C ASP C 335 16.72 39.78 -25.71
N GLY C 336 17.27 38.57 -25.66
CA GLY C 336 17.60 37.80 -26.87
C GLY C 336 16.35 37.29 -27.58
N ASP C 337 16.51 36.82 -28.82
CA ASP C 337 15.39 36.34 -29.63
C ASP C 337 15.19 34.81 -29.56
N THR C 338 16.13 34.13 -28.91
CA THR C 338 16.02 32.70 -28.60
C THR C 338 16.35 32.48 -27.13
N LEU C 339 15.99 31.31 -26.60
CA LEU C 339 16.19 31.00 -25.18
C LEU C 339 17.57 30.46 -24.87
N ASN C 340 18.15 30.93 -23.77
CA ASN C 340 19.38 30.35 -23.20
C ASN C 340 19.36 28.82 -23.29
N HIS C 341 20.45 28.25 -23.80
CA HIS C 341 20.55 26.80 -24.00
C HIS C 341 20.51 25.96 -22.70
N HIS C 342 20.41 26.63 -21.56
CA HIS C 342 20.33 25.95 -20.26
C HIS C 342 18.90 25.68 -19.81
N PHE C 343 17.94 26.30 -20.48
CA PHE C 343 16.55 26.01 -20.27
C PHE C 343 16.12 24.88 -21.19
N GLN C 344 15.53 23.83 -20.63
CA GLN C 344 14.93 22.76 -21.43
C GLN C 344 13.40 22.78 -21.35
N THR C 345 12.75 21.98 -22.18
CA THR C 345 11.29 21.86 -22.16
C THR C 345 10.90 20.42 -21.81
N LEU C 346 9.65 20.20 -21.38
CA LEU C 346 9.21 18.81 -21.09
C LEU C 346 8.78 18.05 -22.33
N ARG C 347 9.61 17.07 -22.72
CA ARG C 347 9.30 16.10 -23.80
C ARG C 347 9.32 16.65 -25.23
N ILE C 348 8.58 17.74 -25.44
CA ILE C 348 8.40 18.30 -26.78
C ILE C 348 9.04 19.69 -26.90
N PRO C 349 9.45 20.07 -28.12
CA PRO C 349 9.85 21.45 -28.34
C PRO C 349 8.64 22.36 -28.17
N LEU C 350 8.85 23.54 -27.60
CA LEU C 350 7.78 24.51 -27.47
C LEU C 350 7.86 25.58 -28.56
N GLY C 351 6.88 25.57 -29.45
CA GLY C 351 6.82 26.53 -30.55
C GLY C 351 6.37 27.91 -30.11
N GLU C 352 6.28 28.82 -31.09
CA GLU C 352 5.94 30.22 -30.85
C GLU C 352 4.57 30.42 -30.21
N ASP C 353 3.63 29.55 -30.57
CA ASP C 353 2.27 29.54 -30.00
C ASP C 353 2.20 29.20 -28.49
N ILE C 354 3.29 28.70 -27.92
CA ILE C 354 3.34 28.38 -26.49
C ILE C 354 4.41 29.17 -25.73
N ALA C 355 5.64 29.11 -26.25
CA ALA C 355 6.76 29.85 -25.69
C ALA C 355 7.32 30.82 -26.74
N THR C 356 7.36 32.10 -26.39
CA THR C 356 7.84 33.15 -27.31
C THR C 356 8.47 34.34 -26.59
N LEU C 357 9.52 34.89 -27.20
CA LEU C 357 10.19 36.09 -26.69
C LEU C 357 9.89 37.25 -27.62
N LYS C 358 9.14 36.96 -28.68
CA LYS C 358 8.85 37.91 -29.75
C LYS C 358 7.61 38.75 -29.51
N ALA C 359 6.61 38.17 -28.84
CA ALA C 359 5.29 38.82 -28.69
C ALA C 359 5.34 39.99 -27.70
N ARG C 360 6.24 39.91 -26.74
CA ARG C 360 6.48 41.01 -25.81
C ARG C 360 7.98 41.26 -25.66
N PRO C 361 8.49 42.37 -26.25
CA PRO C 361 9.84 42.88 -26.01
C PRO C 361 10.24 42.78 -24.54
N GLY C 362 11.32 42.05 -24.28
CA GLY C 362 11.92 41.95 -22.95
C GLY C 362 11.21 41.05 -21.97
N HIS C 363 10.35 40.16 -22.48
CA HIS C 363 9.62 39.23 -21.63
C HIS C 363 9.48 37.86 -22.30
N LEU C 364 9.46 36.81 -21.49
CA LEU C 364 9.11 35.48 -21.97
C LEU C 364 7.60 35.25 -21.82
N ARG C 365 6.91 35.22 -22.95
CA ARG C 365 5.48 34.91 -22.97
C ARG C 365 5.26 33.40 -22.93
N LEU C 366 4.69 32.92 -21.83
CA LEU C 366 4.21 31.54 -21.78
C LEU C 366 2.69 31.52 -21.87
N TYR C 367 2.19 30.90 -22.93
CA TYR C 367 0.75 30.73 -23.11
C TYR C 367 0.33 29.48 -22.33
N GLY C 368 -0.60 29.67 -21.39
CA GLY C 368 -1.01 28.59 -20.48
C GLY C 368 -1.53 27.33 -21.15
N ARG C 369 -0.99 26.19 -20.72
CA ARG C 369 -1.40 24.89 -21.27
C ARG C 369 -1.81 23.95 -20.11
N GLU C 370 -1.36 22.69 -20.15
CA GLU C 370 -1.85 21.67 -19.23
C GLU C 370 -1.18 21.73 -17.87
N SER C 371 -1.72 21.00 -16.91
CA SER C 371 -1.18 21.00 -15.55
C SER C 371 0.24 20.47 -15.47
N LEU C 372 0.86 20.71 -14.31
CA LEU C 372 2.18 20.20 -13.98
C LEU C 372 2.25 18.66 -13.90
N THR C 373 1.10 18.00 -14.05
CA THR C 373 1.05 16.53 -13.95
C THR C 373 0.93 15.87 -15.32
N SER C 374 0.97 16.68 -16.37
CA SER C 374 0.81 16.19 -17.73
C SER C 374 2.11 15.78 -18.39
N ARG C 375 2.13 14.61 -19.01
CA ARG C 375 3.28 14.16 -19.77
C ARG C 375 3.10 14.53 -21.25
N PHE C 376 2.28 15.54 -21.49
CA PHE C 376 1.95 15.90 -22.86
C PHE C 376 2.37 17.34 -23.19
N THR C 377 1.46 18.31 -23.06
CA THR C 377 1.80 19.71 -23.36
C THR C 377 1.84 20.62 -22.12
N GLN C 378 3.03 20.81 -21.57
CA GLN C 378 3.23 21.75 -20.47
C GLN C 378 3.93 23.02 -20.96
N ALA C 379 3.36 24.17 -20.61
CA ALA C 379 3.97 25.46 -20.94
C ALA C 379 4.95 25.74 -19.83
N PHE C 380 6.12 25.14 -19.95
CA PHE C 380 7.06 25.07 -18.84
C PHE C 380 8.49 25.15 -19.35
N VAL C 381 9.24 26.11 -18.81
CA VAL C 381 10.60 26.35 -19.24
C VAL C 381 11.46 26.33 -18.00
N ALA C 382 12.45 25.43 -17.96
CA ALA C 382 13.15 25.11 -16.71
C ALA C 382 14.63 24.83 -16.87
N ARG C 383 15.39 25.12 -15.82
CA ARG C 383 16.82 24.83 -15.78
C ARG C 383 17.17 23.96 -14.56
N ARG C 384 18.25 23.20 -14.67
CA ARG C 384 18.72 22.33 -13.61
C ARG C 384 19.12 23.05 -12.33
N TRP C 385 18.80 22.44 -11.19
CA TRP C 385 19.55 22.68 -9.97
C TRP C 385 20.92 22.16 -10.32
N GLN C 386 21.95 22.93 -9.96
CA GLN C 386 23.34 22.57 -10.25
C GLN C 386 24.19 22.86 -9.02
N HIS C 387 23.58 23.52 -8.04
CA HIS C 387 24.22 23.80 -6.76
C HIS C 387 23.28 23.48 -5.60
N PHE C 388 23.85 23.21 -4.43
CA PHE C 388 23.08 22.96 -3.22
C PHE C 388 22.61 24.27 -2.59
N HIS C 389 23.34 25.35 -2.87
CA HIS C 389 23.02 26.66 -2.35
C HIS C 389 22.85 27.61 -3.52
N PHE C 390 21.62 28.09 -3.71
CA PHE C 390 21.32 29.09 -4.74
C PHE C 390 20.02 29.83 -4.43
N VAL C 391 19.80 30.92 -5.26
CA VAL C 391 18.51 31.58 -5.32
C VAL C 391 18.09 31.68 -6.78
N ALA C 392 16.88 31.22 -7.06
CA ALA C 392 16.25 31.47 -8.36
C ALA C 392 15.07 32.43 -8.16
N GLU C 393 14.74 33.17 -9.21
CA GLU C 393 13.81 34.27 -9.10
C GLU C 393 13.22 34.66 -10.45
N THR C 394 11.96 35.11 -10.45
CA THR C 394 11.31 35.62 -11.66
C THR C 394 10.35 36.78 -11.33
N LYS C 395 9.96 37.52 -12.36
CA LYS C 395 9.06 38.65 -12.21
C LYS C 395 8.00 38.51 -13.30
N VAL C 396 6.76 38.27 -12.87
CA VAL C 396 5.73 37.83 -13.82
C VAL C 396 4.48 38.71 -13.85
N SER C 397 4.06 39.03 -15.07
CA SER C 397 2.79 39.69 -15.30
C SER C 397 1.77 38.62 -15.72
N PHE C 398 0.70 38.49 -14.93
CA PHE C 398 -0.34 37.50 -15.16
C PHE C 398 -1.68 37.97 -14.58
N ARG C 399 -2.74 37.87 -15.38
CA ARG C 399 -4.08 38.27 -14.96
C ARG C 399 -5.08 37.10 -15.14
N PRO C 400 -5.08 36.13 -14.20
CA PRO C 400 -5.96 34.96 -14.30
C PRO C 400 -7.42 35.33 -14.01
N THR C 401 -8.33 34.88 -14.88
CA THR C 401 -9.75 35.13 -14.70
C THR C 401 -10.47 33.96 -14.02
N THR C 402 -9.72 32.88 -13.78
CA THR C 402 -10.29 31.64 -13.23
C THR C 402 -9.22 30.81 -12.50
N PHE C 403 -9.68 30.02 -11.53
CA PHE C 403 -8.81 29.12 -10.78
C PHE C 403 -8.12 28.09 -11.66
N GLN C 404 -8.65 27.89 -12.86
CA GLN C 404 -8.07 26.96 -13.84
C GLN C 404 -6.78 27.50 -14.46
N GLN C 405 -6.44 28.73 -14.15
CA GLN C 405 -5.26 29.38 -14.70
C GLN C 405 -4.21 29.60 -13.64
N SER C 406 -2.97 29.29 -13.98
CA SER C 406 -1.86 29.46 -13.05
C SER C 406 -0.63 29.91 -13.80
N ALA C 407 0.26 30.61 -13.09
CA ALA C 407 1.58 30.97 -13.58
C ALA C 407 2.47 31.12 -12.37
N GLY C 408 3.72 30.70 -12.50
CA GLY C 408 4.61 30.77 -11.35
C GLY C 408 5.95 30.11 -11.48
N LEU C 409 6.61 30.03 -10.33
CA LEU C 409 7.98 29.53 -10.19
C LEU C 409 7.97 28.13 -9.61
N VAL C 410 8.53 27.20 -10.37
CA VAL C 410 8.38 25.78 -10.08
C VAL C 410 9.70 25.08 -9.80
N ASN C 411 9.75 24.38 -8.68
CA ASN C 411 10.82 23.44 -8.40
C ASN C 411 10.25 22.02 -8.61
N TYR C 412 10.84 21.32 -9.57
CA TYR C 412 10.20 20.20 -10.26
C TYR C 412 11.16 19.03 -10.43
N TYR C 413 10.68 17.83 -10.12
CA TYR C 413 11.44 16.62 -10.43
C TYR C 413 10.79 15.89 -11.60
N ASN C 414 9.51 15.55 -11.44
CA ASN C 414 8.72 14.95 -12.51
C ASN C 414 7.24 15.34 -12.36
N THR C 415 6.37 14.77 -13.20
CA THR C 415 4.94 15.13 -13.21
C THR C 415 4.23 14.97 -11.86
N GLN C 416 4.78 14.16 -10.97
CA GLN C 416 4.09 13.81 -9.73
C GLN C 416 4.81 14.31 -8.49
N ASN C 417 6.02 14.85 -8.68
CA ASN C 417 6.83 15.38 -7.57
C ASN C 417 7.37 16.76 -7.88
N TRP C 418 6.73 17.77 -7.31
CA TRP C 418 7.12 19.16 -7.51
C TRP C 418 6.59 20.09 -6.41
N THR C 419 7.10 21.32 -6.40
CA THR C 419 6.51 22.42 -5.64
C THR C 419 6.48 23.69 -6.51
N THR C 420 5.59 24.61 -6.14
CA THR C 420 5.47 25.89 -6.82
C THR C 420 4.96 26.98 -5.90
N LEU C 421 5.35 28.21 -6.22
CA LEU C 421 4.70 29.42 -5.73
C LEU C 421 4.10 30.04 -6.98
N GLN C 422 2.82 30.33 -6.94
CA GLN C 422 2.11 30.66 -8.16
C GLN C 422 0.95 31.63 -7.99
N ILE C 423 0.65 32.32 -9.08
CA ILE C 423 -0.45 33.25 -9.16
C ILE C 423 -1.66 32.53 -9.76
N THR C 424 -2.82 32.70 -9.12
CA THR C 424 -4.07 32.14 -9.64
C THR C 424 -5.27 33.02 -9.23
N TRP C 425 -6.48 32.55 -9.48
CA TRP C 425 -7.69 33.31 -9.22
C TRP C 425 -8.57 32.61 -8.18
N HIS C 426 -9.19 33.38 -7.31
CA HIS C 426 -10.10 32.88 -6.29
C HIS C 426 -11.43 33.62 -6.37
N GLU C 427 -12.53 32.91 -6.12
CA GLU C 427 -13.87 33.48 -6.27
C GLU C 427 -14.10 34.72 -5.39
N GLU C 428 -13.61 34.66 -4.15
CA GLU C 428 -13.75 35.77 -3.22
C GLU C 428 -12.56 36.72 -3.34
N LYS C 429 -11.36 36.16 -3.19
CA LYS C 429 -10.12 36.93 -3.02
C LYS C 429 -9.53 37.49 -4.32
N GLY C 430 -10.15 37.18 -5.45
CA GLY C 430 -9.62 37.56 -6.76
C GLY C 430 -8.24 36.96 -7.01
N ARG C 431 -7.40 37.70 -7.73
CA ARG C 431 -6.03 37.30 -8.02
C ARG C 431 -5.23 37.06 -6.74
N ILE C 432 -4.62 35.88 -6.63
CA ILE C 432 -3.95 35.46 -5.39
C ILE C 432 -2.57 34.83 -5.61
N LEU C 433 -1.78 34.78 -4.55
CA LEU C 433 -0.54 34.02 -4.51
C LEU C 433 -0.67 32.83 -3.58
N GLU C 434 -0.25 31.66 -4.07
CA GLU C 434 -0.41 30.42 -3.34
C GLU C 434 0.80 29.48 -3.50
N LEU C 435 0.97 28.59 -2.53
CA LEU C 435 1.93 27.51 -2.61
C LEU C 435 1.18 26.22 -2.97
N MET C 436 1.80 25.37 -3.76
CA MET C 436 1.23 24.07 -4.11
C MET C 436 2.35 23.04 -4.17
N THR C 437 2.11 21.86 -3.59
CA THR C 437 3.07 20.77 -3.61
C THR C 437 2.47 19.53 -4.27
N CYS C 438 3.32 18.72 -4.87
CA CYS C 438 2.90 17.42 -5.39
C CYS C 438 3.91 16.37 -4.96
N ASP C 439 3.47 15.49 -4.05
CA ASP C 439 4.29 14.40 -3.56
C ASP C 439 3.63 13.08 -4.02
N HIS C 440 4.29 12.40 -4.94
CA HIS C 440 3.73 11.22 -5.63
C HIS C 440 2.24 11.37 -5.95
N LEU C 441 1.92 12.43 -6.71
CA LEU C 441 0.57 12.76 -7.15
C LEU C 441 -0.32 13.37 -6.06
N VAL C 442 0.04 13.19 -4.79
CA VAL C 442 -0.74 13.80 -3.73
C VAL C 442 -0.44 15.29 -3.66
N VAL C 443 -1.49 16.11 -3.74
CA VAL C 443 -1.34 17.55 -3.79
C VAL C 443 -1.72 18.22 -2.47
N ASP C 444 -0.88 19.14 -2.02
CA ASP C 444 -1.18 20.01 -0.89
C ASP C 444 -1.14 21.50 -1.29
N GLN C 445 -1.93 22.31 -0.59
CA GLN C 445 -1.95 23.77 -0.71
C GLN C 445 -1.73 24.40 0.67
N PRO C 446 -0.46 24.53 1.11
CA PRO C 446 -0.15 24.81 2.54
C PRO C 446 -0.66 26.16 3.05
N LEU C 447 -1.21 26.97 2.14
CA LEU C 447 -1.72 28.30 2.46
C LEU C 447 -3.22 28.43 2.21
N ARG C 448 -3.96 27.33 2.33
CA ARG C 448 -5.42 27.33 2.17
C ARG C 448 -6.07 28.35 3.11
N GLY C 449 -6.84 29.27 2.53
CA GLY C 449 -7.47 30.35 3.30
C GLY C 449 -6.48 31.34 3.89
N ARG C 450 -5.21 31.21 3.48
CA ARG C 450 -4.15 32.15 3.86
C ARG C 450 -3.43 32.64 2.61
N GLU C 451 -4.15 32.68 1.49
CA GLU C 451 -3.55 33.12 0.25
C GLU C 451 -3.31 34.62 0.26
N ILE C 452 -2.21 35.02 -0.37
CA ILE C 452 -1.84 36.43 -0.51
C ILE C 452 -2.75 37.09 -1.54
N VAL C 453 -3.53 38.07 -1.10
CA VAL C 453 -4.36 38.86 -2.01
C VAL C 453 -3.46 39.82 -2.78
N VAL C 454 -3.42 39.69 -4.09
CA VAL C 454 -2.69 40.62 -4.95
C VAL C 454 -3.67 41.71 -5.43
N PRO C 455 -3.42 42.97 -5.00
CA PRO C 455 -4.23 44.13 -5.42
C PRO C 455 -4.09 44.39 -6.91
N ASP C 456 -5.15 44.94 -7.51
CA ASP C 456 -5.24 45.09 -8.96
C ASP C 456 -4.39 46.19 -9.60
N ASP C 457 -3.72 46.99 -8.76
CA ASP C 457 -2.78 48.01 -9.25
C ASP C 457 -1.36 47.45 -9.35
N ILE C 458 -1.17 46.21 -8.90
CA ILE C 458 0.09 45.51 -9.07
C ILE C 458 0.11 44.83 -10.43
N GLU C 459 1.12 45.15 -11.24
CA GLU C 459 1.25 44.57 -12.56
C GLU C 459 2.26 43.43 -12.59
N TYR C 460 3.26 43.50 -11.70
CA TYR C 460 4.30 42.47 -11.63
C TYR C 460 4.45 41.88 -10.25
N VAL C 461 4.41 40.55 -10.17
CA VAL C 461 4.69 39.84 -8.93
C VAL C 461 6.05 39.15 -9.04
N TYR C 462 6.82 39.24 -7.96
CA TYR C 462 8.20 38.75 -7.90
C TYR C 462 8.23 37.45 -7.10
N LEU C 463 8.81 36.41 -7.70
CA LEU C 463 8.80 35.08 -7.10
C LEU C 463 10.22 34.57 -6.94
N ARG C 464 10.54 34.14 -5.74
CA ARG C 464 11.90 33.75 -5.40
C ARG C 464 11.93 32.45 -4.61
N VAL C 465 12.80 31.53 -5.02
CA VAL C 465 13.13 30.37 -4.20
C VAL C 465 14.56 30.49 -3.72
N THR C 466 14.77 30.16 -2.45
CA THR C 466 16.07 30.23 -1.82
C THR C 466 16.42 28.85 -1.29
N VAL C 467 17.39 28.19 -1.92
CA VAL C 467 17.72 26.81 -1.57
C VAL C 467 19.00 26.71 -0.75
N GLN C 468 18.91 26.04 0.39
CA GLN C 468 20.06 25.86 1.27
C GLN C 468 20.20 24.38 1.65
N ALA C 469 20.81 23.62 0.75
CA ALA C 469 21.08 22.18 0.96
C ALA C 469 19.82 21.36 1.29
N THR C 470 19.57 21.12 2.56
CA THR C 470 18.46 20.26 2.99
C THR C 470 17.09 20.93 2.87
N THR C 471 17.03 22.24 3.04
CA THR C 471 15.76 22.96 2.99
C THR C 471 15.74 24.04 1.92
N TYR C 472 14.55 24.51 1.59
CA TYR C 472 14.37 25.73 0.81
C TYR C 472 13.10 26.48 1.20
N LYS C 473 13.10 27.78 0.93
CA LYS C 473 11.95 28.66 1.20
C LYS C 473 11.58 29.42 -0.04
N TYR C 474 10.29 29.72 -0.16
CA TYR C 474 9.81 30.63 -1.18
C TYR C 474 9.57 31.99 -0.56
N SER C 475 9.72 33.04 -1.38
CA SER C 475 9.39 34.41 -0.98
C SER C 475 8.87 35.19 -2.17
N TYR C 476 7.99 36.16 -1.88
CA TYR C 476 7.40 36.99 -2.93
C TYR C 476 7.66 38.48 -2.69
N SER C 477 7.42 39.29 -3.73
CA SER C 477 7.48 40.73 -3.62
C SER C 477 6.56 41.38 -4.66
N PHE C 478 6.09 42.58 -4.37
CA PHE C 478 5.31 43.37 -5.34
C PHE C 478 6.14 44.47 -5.98
N ASP C 479 7.30 44.78 -5.40
CA ASP C 479 8.15 45.87 -5.90
C ASP C 479 9.58 45.43 -6.23
N GLY C 480 9.94 44.20 -5.83
CA GLY C 480 11.27 43.66 -6.07
C GLY C 480 12.33 44.14 -5.09
N MET C 481 11.89 44.84 -4.03
CA MET C 481 12.77 45.38 -3.00
C MET C 481 12.39 44.85 -1.62
N ASN C 482 11.11 44.92 -1.28
CA ASN C 482 10.63 44.34 -0.03
C ASN C 482 10.08 42.93 -0.21
N TRP C 483 10.83 41.95 0.28
CA TRP C 483 10.51 40.54 0.12
C TRP C 483 9.87 39.98 1.38
N ILE C 484 8.88 39.11 1.19
CA ILE C 484 8.23 38.45 2.32
C ILE C 484 8.28 36.93 2.14
N ASP C 485 8.88 36.25 3.11
CA ASP C 485 8.89 34.80 3.17
C ASP C 485 7.50 34.27 3.47
N LEU C 486 7.02 33.36 2.63
CA LEU C 486 5.81 32.58 2.92
C LEU C 486 6.18 31.51 3.94
N PRO C 487 5.37 31.37 5.01
CA PRO C 487 5.78 30.70 6.24
C PRO C 487 5.81 29.17 6.17
N VAL C 488 6.43 28.65 5.11
CA VAL C 488 6.57 27.21 4.92
C VAL C 488 8.00 26.87 4.49
N THR C 489 8.62 25.97 5.23
CA THR C 489 9.95 25.45 4.90
C THR C 489 9.82 24.13 4.16
N PHE C 490 10.26 24.10 2.91
CA PHE C 490 10.21 22.88 2.10
C PHE C 490 11.51 22.08 2.26
N GLU C 491 11.48 20.82 1.83
CA GLU C 491 12.62 19.92 2.02
C GLU C 491 13.13 19.39 0.69
N SER C 492 14.44 19.52 0.47
CA SER C 492 15.05 19.24 -0.83
C SER C 492 15.09 17.77 -1.23
N TYR C 493 15.10 16.88 -0.23
CA TYR C 493 15.19 15.44 -0.48
C TYR C 493 13.97 14.91 -1.22
N LYS C 494 12.85 15.64 -1.12
CA LYS C 494 11.63 15.27 -1.83
C LYS C 494 11.69 15.54 -3.34
N LEU C 495 12.77 16.18 -3.79
CA LEU C 495 13.01 16.36 -5.22
C LEU C 495 14.29 15.65 -5.65
N SER C 496 14.57 14.53 -5.01
CA SER C 496 15.76 13.73 -5.31
C SER C 496 15.41 12.44 -6.05
N ASP C 497 16.42 11.84 -6.69
CA ASP C 497 16.28 10.54 -7.35
C ASP C 497 15.79 9.48 -6.36
N ASP C 498 16.35 9.50 -5.15
CA ASP C 498 16.15 8.42 -4.18
C ASP C 498 14.82 8.44 -3.44
N TYR C 499 14.09 9.54 -3.57
CA TYR C 499 12.79 9.68 -2.90
C TYR C 499 11.64 9.11 -3.72
N ILE C 500 11.86 8.96 -5.01
CA ILE C 500 10.82 8.51 -5.92
C ILE C 500 10.58 7.01 -5.71
N LYS C 501 9.36 6.68 -5.29
CA LYS C 501 8.96 5.31 -4.95
C LYS C 501 9.08 4.31 -6.11
N SER C 502 8.88 4.80 -7.34
CA SER C 502 8.88 3.96 -8.53
C SER C 502 10.26 3.49 -9.00
N ARG C 503 11.33 4.09 -8.48
CA ARG C 503 12.71 3.79 -8.91
C ARG C 503 13.07 4.21 -10.36
N ALA C 504 12.06 4.49 -11.20
CA ALA C 504 12.30 5.17 -12.47
C ALA C 504 12.48 6.66 -12.19
N ALA C 505 13.64 6.98 -11.63
CA ALA C 505 13.96 8.32 -11.12
C ALA C 505 15.42 8.59 -11.46
N PHE C 506 15.60 9.16 -12.64
CA PHE C 506 16.89 9.19 -13.31
C PHE C 506 17.30 10.59 -13.77
N THR C 507 16.57 11.63 -13.35
CA THR C 507 16.87 13.00 -13.78
C THR C 507 17.47 13.87 -12.68
N GLY C 508 16.69 14.84 -12.20
CA GLY C 508 17.14 15.73 -11.12
C GLY C 508 16.19 16.88 -10.93
N ALA C 509 16.37 17.62 -9.85
CA ALA C 509 15.55 18.80 -9.59
C ALA C 509 15.81 19.88 -10.64
N PHE C 510 14.74 20.55 -11.05
CA PHE C 510 14.80 21.66 -12.00
C PHE C 510 14.06 22.84 -11.38
N VAL C 511 14.38 24.04 -11.85
CA VAL C 511 13.71 25.25 -11.41
C VAL C 511 13.27 26.00 -12.66
N GLY C 512 12.05 26.51 -12.66
CA GLY C 512 11.50 27.07 -13.89
C GLY C 512 10.25 27.90 -13.77
N MET C 513 9.78 28.34 -14.94
CA MET C 513 8.64 29.21 -15.09
C MET C 513 7.49 28.43 -15.74
N HIS C 514 6.31 28.50 -15.12
CA HIS C 514 5.15 27.75 -15.59
C HIS C 514 3.96 28.67 -15.84
N CYS C 515 3.09 28.22 -16.75
CA CYS C 515 1.77 28.81 -16.92
C CYS C 515 0.78 27.76 -17.42
N ARG C 516 -0.32 27.62 -16.67
CA ARG C 516 -1.38 26.69 -17.00
C ARG C 516 -2.64 27.47 -17.35
N ASP C 517 -3.28 27.07 -18.43
CA ASP C 517 -4.64 27.52 -18.71
C ASP C 517 -5.58 26.32 -18.85
N GLY C 518 -6.12 25.88 -17.71
CA GLY C 518 -7.08 24.78 -17.67
C GLY C 518 -8.35 25.05 -18.44
N SER C 519 -8.64 26.33 -18.68
CA SER C 519 -9.87 26.71 -19.38
C SER C 519 -9.75 26.66 -20.91
N GLY C 520 -8.52 26.62 -21.41
CA GLY C 520 -8.25 26.66 -22.85
C GLY C 520 -8.58 27.99 -23.53
N GLN C 521 -8.38 29.08 -22.79
CA GLN C 521 -8.65 30.43 -23.30
C GLN C 521 -7.41 31.14 -23.86
N ASN C 522 -6.27 30.45 -23.78
CA ASN C 522 -4.96 30.98 -24.20
C ASN C 522 -4.55 32.22 -23.41
N ASN C 523 -4.83 32.20 -22.10
CA ASN C 523 -4.35 33.22 -21.19
C ASN C 523 -2.86 33.04 -20.99
N TYR C 524 -2.15 34.14 -20.75
CA TYR C 524 -0.69 34.12 -20.84
C TYR C 524 -0.01 34.80 -19.67
N ALA C 525 1.16 34.26 -19.33
CA ALA C 525 2.05 34.88 -18.35
C ALA C 525 3.25 35.45 -19.10
N ASP C 526 3.59 36.70 -18.76
CA ASP C 526 4.77 37.37 -19.28
C ASP C 526 5.82 37.35 -18.19
N PHE C 527 6.96 36.75 -18.48
CA PHE C 527 8.05 36.68 -17.51
C PHE C 527 9.13 37.70 -17.88
N ASP C 528 9.28 38.71 -17.02
CA ASP C 528 10.18 39.84 -17.27
C ASP C 528 11.62 39.33 -17.29
N TYR C 529 12.01 38.62 -16.25
CA TYR C 529 13.35 38.04 -16.16
C TYR C 529 13.30 36.70 -15.42
N PHE C 530 14.31 35.87 -15.64
CA PHE C 530 14.54 34.71 -14.77
C PHE C 530 15.97 34.73 -14.25
N LEU C 531 16.11 34.62 -12.94
CA LEU C 531 17.39 34.75 -12.25
C LEU C 531 17.80 33.44 -11.58
N TYR C 532 19.01 32.95 -11.93
CA TYR C 532 19.65 31.86 -11.21
C TYR C 532 20.98 32.37 -10.66
N LYS C 533 21.16 32.25 -9.35
CA LYS C 533 22.28 32.88 -8.67
C LYS C 533 22.74 32.01 -7.51
N GLU C 534 23.93 31.40 -7.66
CA GLU C 534 24.53 30.59 -6.61
C GLU C 534 24.76 31.39 -5.32
N LEU C 535 24.50 30.75 -4.17
CA LEU C 535 24.76 31.33 -2.87
C LEU C 535 25.63 30.40 -2.04
N LYS D 3 -42.00 13.06 22.11
CA LYS D 3 -41.55 12.60 23.45
C LYS D 3 -40.06 12.18 23.44
N ILE D 4 -39.75 11.05 22.81
CA ILE D 4 -38.39 10.50 22.83
C ILE D 4 -37.58 10.89 21.59
N LYS D 5 -36.53 11.68 21.82
CA LYS D 5 -35.56 12.00 20.79
C LYS D 5 -34.47 10.95 20.75
N ASN D 6 -34.06 10.58 19.54
CA ASN D 6 -32.91 9.70 19.31
C ASN D 6 -31.63 10.50 19.05
N PRO D 7 -30.47 9.94 19.40
CA PRO D 7 -30.22 8.68 20.13
C PRO D 7 -30.52 8.76 21.63
N ILE D 8 -31.01 7.67 22.22
CA ILE D 8 -31.25 7.63 23.66
C ILE D 8 -29.96 7.48 24.49
N LEU D 9 -29.01 6.68 23.99
CA LEU D 9 -27.67 6.65 24.58
C LEU D 9 -26.71 7.22 23.54
N THR D 10 -26.08 8.35 23.87
CA THR D 10 -25.22 9.07 22.94
C THR D 10 -23.74 8.76 23.16
N GLY D 11 -22.94 8.97 22.13
CA GLY D 11 -21.59 8.44 22.11
C GLY D 11 -21.61 6.92 22.17
N PHE D 12 -20.42 6.34 22.32
CA PHE D 12 -20.14 4.89 22.17
C PHE D 12 -21.09 3.95 22.96
N HIS D 13 -22.09 3.41 22.23
CA HIS D 13 -23.14 2.57 22.83
C HIS D 13 -23.77 1.61 21.80
N PRO D 14 -22.98 0.65 21.28
CA PRO D 14 -23.45 -0.20 20.19
C PRO D 14 -24.23 -1.41 20.65
N ASP D 15 -24.83 -2.12 19.69
CA ASP D 15 -25.47 -3.42 19.95
C ASP D 15 -26.37 -3.40 21.20
N PRO D 16 -27.43 -2.58 21.16
CA PRO D 16 -28.27 -2.46 22.35
C PRO D 16 -29.14 -3.70 22.55
N SER D 17 -29.03 -4.31 23.73
CA SER D 17 -29.80 -5.47 24.08
C SER D 17 -30.74 -5.06 25.22
N ILE D 18 -32.03 -4.99 24.91
CA ILE D 18 -33.02 -4.49 25.85
C ILE D 18 -33.72 -5.61 26.62
N CYS D 19 -33.96 -5.36 27.91
CA CYS D 19 -34.55 -6.34 28.81
C CYS D 19 -35.64 -5.70 29.65
N ARG D 20 -36.81 -6.32 29.65
CA ARG D 20 -37.88 -5.90 30.56
C ARG D 20 -37.90 -6.82 31.78
N VAL D 21 -38.06 -6.20 32.96
CA VAL D 21 -38.41 -6.92 34.17
C VAL D 21 -39.56 -6.17 34.82
N GLY D 22 -40.78 -6.65 34.58
CA GLY D 22 -41.98 -5.98 35.09
C GLY D 22 -42.15 -4.63 34.42
N ASP D 23 -42.09 -3.57 35.21
CA ASP D 23 -42.14 -2.22 34.64
C ASP D 23 -40.78 -1.53 34.64
N ASP D 24 -39.73 -2.34 34.83
CA ASP D 24 -38.37 -1.84 34.73
C ASP D 24 -37.75 -2.21 33.38
N TYR D 25 -36.89 -1.34 32.87
CA TYR D 25 -36.29 -1.54 31.55
C TYR D 25 -34.78 -1.38 31.54
N TYR D 26 -34.09 -2.32 30.91
CA TYR D 26 -32.63 -2.31 30.89
C TYR D 26 -32.09 -2.42 29.47
N ILE D 27 -31.03 -1.67 29.17
CA ILE D 27 -30.25 -1.87 27.95
C ILE D 27 -28.77 -2.13 28.29
N ALA D 28 -28.27 -3.26 27.81
CA ALA D 28 -26.84 -3.59 27.84
C ALA D 28 -26.22 -3.30 26.46
N VAL D 29 -25.08 -2.60 26.47
CA VAL D 29 -24.36 -2.27 25.24
C VAL D 29 -22.94 -2.82 25.30
N SER D 30 -22.33 -3.00 24.12
CA SER D 30 -20.98 -3.58 24.02
C SER D 30 -19.90 -2.57 24.37
N THR D 31 -18.78 -3.07 24.88
CA THR D 31 -17.72 -2.21 25.42
C THR D 31 -16.35 -2.48 24.84
N PHE D 32 -16.22 -3.57 24.08
CA PHE D 32 -14.99 -3.89 23.35
C PHE D 32 -13.76 -3.93 24.25
N GLU D 33 -12.72 -3.13 23.96
CA GLU D 33 -11.49 -3.17 24.77
C GLU D 33 -11.53 -2.31 26.06
N TRP D 34 -12.65 -1.62 26.30
CA TRP D 34 -12.75 -0.74 27.46
C TRP D 34 -13.24 -1.49 28.67
N PHE D 35 -12.56 -1.27 29.79
CA PHE D 35 -12.82 -1.95 31.05
C PHE D 35 -13.45 -1.00 32.08
N PRO D 36 -14.40 -1.52 32.92
CA PRO D 36 -15.00 -2.86 32.90
C PRO D 36 -15.89 -3.16 31.69
N GLY D 37 -16.23 -4.43 31.52
CA GLY D 37 -17.03 -4.85 30.39
C GLY D 37 -18.52 -4.68 30.59
N VAL D 38 -19.19 -4.24 29.53
CA VAL D 38 -20.65 -4.08 29.47
C VAL D 38 -21.14 -2.91 30.31
N ARG D 39 -22.00 -2.11 29.69
CA ARG D 39 -22.73 -1.05 30.39
C ARG D 39 -24.21 -1.32 30.33
N ILE D 40 -24.83 -1.36 31.51
CA ILE D 40 -26.28 -1.54 31.59
C ILE D 40 -26.95 -0.27 32.08
N TYR D 41 -27.93 0.20 31.32
CA TYR D 41 -28.73 1.36 31.66
C TYR D 41 -30.15 0.97 32.05
N HIS D 42 -30.73 1.73 32.97
CA HIS D 42 -32.10 1.51 33.44
C HIS D 42 -33.03 2.68 33.09
N SER D 43 -34.30 2.36 32.88
CA SER D 43 -35.34 3.31 32.51
C SER D 43 -36.70 2.81 32.98
N LYS D 44 -37.59 3.74 33.30
CA LYS D 44 -38.99 3.41 33.60
C LYS D 44 -39.90 3.79 32.44
N ASP D 45 -39.37 4.59 31.51
CA ASP D 45 -40.19 5.16 30.42
C ASP D 45 -39.59 5.04 29.01
N LEU D 46 -38.46 4.33 28.91
CA LEU D 46 -37.72 4.13 27.63
C LEU D 46 -37.12 5.41 27.03
N LYS D 47 -37.37 6.54 27.69
CA LYS D 47 -36.89 7.87 27.27
C LYS D 47 -35.63 8.29 28.05
N ASN D 48 -35.73 8.17 29.38
CA ASN D 48 -34.67 8.58 30.30
C ASN D 48 -33.92 7.37 30.77
N TRP D 49 -32.59 7.45 30.76
CA TRP D 49 -31.73 6.29 31.02
C TRP D 49 -30.60 6.65 31.96
N ARG D 50 -30.33 5.77 32.91
CA ARG D 50 -29.19 5.97 33.80
C ARG D 50 -28.37 4.68 33.89
N LEU D 51 -27.05 4.82 33.92
CA LEU D 51 -26.15 3.69 34.10
C LEU D 51 -26.35 3.10 35.49
N VAL D 52 -26.62 1.79 35.53
CA VAL D 52 -26.84 1.10 36.80
C VAL D 52 -25.88 -0.05 37.07
N ALA D 53 -25.24 -0.56 36.01
CA ALA D 53 -24.33 -1.69 36.16
C ALA D 53 -23.19 -1.71 35.14
N ARG D 54 -22.04 -2.20 35.61
CA ARG D 54 -20.88 -2.49 34.80
C ARG D 54 -20.42 -3.88 35.24
N PRO D 55 -21.10 -4.93 34.73
CA PRO D 55 -21.10 -6.27 35.33
C PRO D 55 -19.77 -7.01 35.30
N LEU D 56 -18.99 -6.83 34.23
CA LEU D 56 -17.78 -7.62 34.01
C LEU D 56 -16.57 -6.86 34.51
N ASN D 57 -16.42 -6.87 35.84
CA ASN D 57 -15.44 -6.01 36.50
C ASN D 57 -14.37 -6.79 37.26
N ARG D 58 -14.35 -8.11 37.07
CA ARG D 58 -13.33 -8.94 37.69
C ARG D 58 -12.53 -9.65 36.62
N LEU D 59 -11.23 -9.81 36.84
CA LEU D 59 -10.36 -10.50 35.88
C LEU D 59 -10.85 -11.90 35.57
N SER D 60 -11.51 -12.54 36.54
CA SER D 60 -12.06 -13.87 36.33
C SER D 60 -13.16 -13.90 35.27
N GLN D 61 -13.88 -12.78 35.13
CA GLN D 61 -14.93 -12.66 34.14
C GLN D 61 -14.38 -12.17 32.80
N LEU D 62 -13.43 -11.23 32.86
CA LEU D 62 -12.97 -10.56 31.67
C LEU D 62 -11.50 -10.17 31.80
N ASN D 63 -10.67 -10.82 31.00
CA ASN D 63 -9.24 -10.58 30.98
C ASN D 63 -8.80 -10.26 29.56
N MET D 64 -8.68 -8.96 29.30
CA MET D 64 -8.45 -8.45 27.96
C MET D 64 -7.06 -7.86 27.72
N ILE D 65 -6.11 -8.20 28.57
CA ILE D 65 -4.72 -7.78 28.37
C ILE D 65 -4.21 -8.25 27.00
N GLY D 66 -3.68 -7.31 26.20
CA GLY D 66 -3.19 -7.62 24.88
C GLY D 66 -4.25 -7.61 23.79
N ASN D 67 -5.53 -7.58 24.18
CA ASN D 67 -6.63 -7.64 23.20
C ASN D 67 -6.47 -6.59 22.11
N PRO D 68 -6.81 -6.96 20.86
CA PRO D 68 -6.65 -5.99 19.79
C PRO D 68 -7.68 -4.90 19.97
N ASP D 69 -7.40 -3.72 19.42
CA ASP D 69 -8.39 -2.66 19.30
C ASP D 69 -9.64 -3.23 18.63
N SER D 70 -10.79 -2.93 19.24
CA SER D 70 -12.11 -3.42 18.82
C SER D 70 -12.30 -4.93 18.98
N GLY D 71 -11.45 -5.53 19.83
CA GLY D 71 -11.65 -6.90 20.27
C GLY D 71 -12.44 -6.82 21.55
N GLY D 72 -12.37 -7.86 22.37
CA GLY D 72 -13.04 -7.85 23.67
C GLY D 72 -14.53 -8.04 23.59
N VAL D 73 -15.27 -7.20 24.32
CA VAL D 73 -16.71 -7.36 24.47
C VAL D 73 -17.46 -6.82 23.26
N TRP D 74 -17.87 -7.74 22.40
CA TRP D 74 -18.72 -7.38 21.28
C TRP D 74 -20.17 -7.34 21.78
N ALA D 75 -21.15 -7.43 20.89
CA ALA D 75 -22.55 -7.41 21.30
C ALA D 75 -22.79 -8.37 22.47
N PRO D 76 -23.32 -7.85 23.59
CA PRO D 76 -23.77 -8.67 24.72
C PRO D 76 -25.27 -8.96 24.66
N HIS D 77 -25.75 -9.95 25.41
CA HIS D 77 -27.17 -10.19 25.50
C HIS D 77 -27.65 -10.26 26.96
N LEU D 78 -28.61 -9.40 27.28
CA LEU D 78 -29.18 -9.30 28.61
C LEU D 78 -30.63 -9.80 28.59
N SER D 79 -30.93 -10.75 29.46
CA SER D 79 -32.26 -11.28 29.61
C SER D 79 -32.57 -11.52 31.08
N TYR D 80 -33.83 -11.82 31.39
CA TYR D 80 -34.22 -12.13 32.76
C TYR D 80 -35.15 -13.34 32.73
N SER D 81 -34.90 -14.29 33.63
CA SER D 81 -35.74 -15.48 33.72
C SER D 81 -35.41 -16.26 34.97
N ASP D 82 -36.39 -17.02 35.46
CA ASP D 82 -36.24 -17.86 36.63
C ASP D 82 -35.60 -17.10 37.80
N GLY D 83 -36.01 -15.84 37.97
CA GLY D 83 -35.63 -15.03 39.14
C GLY D 83 -34.22 -14.46 39.12
N LYS D 84 -33.60 -14.42 37.94
CA LYS D 84 -32.26 -13.85 37.78
C LYS D 84 -32.03 -13.28 36.39
N PHE D 85 -31.10 -12.33 36.31
CA PHE D 85 -30.61 -11.81 35.04
C PHE D 85 -29.57 -12.74 34.45
N TRP D 86 -29.59 -12.87 33.13
CA TRP D 86 -28.62 -13.67 32.40
C TRP D 86 -27.88 -12.74 31.45
N LEU D 87 -26.56 -12.76 31.52
CA LEU D 87 -25.75 -11.98 30.60
C LEU D 87 -24.82 -12.84 29.76
N ILE D 88 -25.01 -12.79 28.44
CA ILE D 88 -24.14 -13.50 27.51
C ILE D 88 -23.19 -12.49 26.85
N TYR D 89 -21.91 -12.82 26.82
CA TYR D 89 -20.91 -11.91 26.28
C TYR D 89 -19.77 -12.67 25.60
N THR D 90 -19.03 -11.97 24.74
CA THR D 90 -17.90 -12.54 24.02
C THR D 90 -16.63 -11.80 24.41
N ASP D 91 -15.51 -12.51 24.47
CA ASP D 91 -14.20 -11.90 24.48
C ASP D 91 -13.54 -12.26 23.14
N VAL D 92 -13.58 -11.31 22.20
CA VAL D 92 -13.02 -11.56 20.86
C VAL D 92 -11.53 -11.22 20.85
N LYS D 93 -10.73 -12.21 20.46
CA LYS D 93 -9.28 -12.13 20.48
C LYS D 93 -8.67 -11.73 19.13
N VAL D 94 -9.30 -12.13 18.04
CA VAL D 94 -8.79 -11.86 16.70
C VAL D 94 -9.85 -11.13 15.91
N VAL D 95 -9.49 -9.96 15.38
CA VAL D 95 -10.48 -9.09 14.72
C VAL D 95 -10.11 -8.69 13.28
N GLU D 96 -9.04 -9.29 12.74
CA GLU D 96 -8.63 -9.08 11.36
C GLU D 96 -8.18 -10.38 10.69
N GLY D 97 -8.55 -10.54 9.43
CA GLY D 97 -8.10 -11.67 8.63
C GLY D 97 -9.24 -12.65 8.41
N GLN D 98 -8.93 -13.92 8.18
CA GLN D 98 -9.96 -14.93 7.93
C GLN D 98 -10.61 -15.44 9.22
N TRP D 99 -9.97 -15.18 10.37
CA TRP D 99 -10.49 -15.66 11.63
C TRP D 99 -11.02 -14.54 12.54
N LYS D 100 -11.93 -14.91 13.44
CA LYS D 100 -12.49 -13.99 14.40
C LYS D 100 -12.52 -14.66 15.75
N ASP D 101 -11.41 -15.31 16.10
CA ASP D 101 -11.30 -16.10 17.32
C ASP D 101 -11.85 -15.35 18.52
N GLY D 102 -12.79 -15.97 19.21
CA GLY D 102 -13.52 -15.33 20.30
C GLY D 102 -14.36 -16.34 21.06
N HIS D 103 -14.61 -16.05 22.33
CA HIS D 103 -15.25 -17.01 23.23
C HIS D 103 -16.51 -16.45 23.87
N ASN D 104 -17.56 -17.25 23.90
CA ASN D 104 -18.84 -16.85 24.48
C ASN D 104 -18.99 -17.36 25.91
N TYR D 105 -19.50 -16.50 26.78
CA TYR D 105 -19.64 -16.82 28.20
C TYR D 105 -20.99 -16.35 28.73
N LEU D 106 -21.44 -17.04 29.78
CA LEU D 106 -22.66 -16.69 30.50
C LEU D 106 -22.33 -16.30 31.95
N VAL D 107 -22.86 -15.16 32.38
CA VAL D 107 -22.81 -14.76 33.79
C VAL D 107 -24.23 -14.41 34.26
N THR D 108 -24.52 -14.71 35.53
CA THR D 108 -25.84 -14.45 36.07
C THR D 108 -25.80 -13.59 37.32
N CYS D 109 -26.91 -12.93 37.62
CA CYS D 109 -27.04 -12.18 38.87
C CYS D 109 -28.51 -12.06 39.26
N ASP D 110 -28.76 -12.06 40.57
CA ASP D 110 -30.11 -11.91 41.10
C ASP D 110 -30.60 -10.50 40.85
N THR D 111 -29.69 -9.55 40.97
CA THR D 111 -29.97 -8.13 40.77
C THR D 111 -29.10 -7.58 39.63
N ILE D 112 -29.53 -6.47 39.04
CA ILE D 112 -28.79 -5.88 37.92
C ILE D 112 -27.38 -5.39 38.27
N ASP D 113 -27.18 -4.97 39.52
CA ASP D 113 -25.90 -4.34 39.90
C ASP D 113 -25.21 -5.07 41.04
N GLY D 114 -25.53 -6.35 41.20
CA GLY D 114 -24.89 -7.15 42.25
C GLY D 114 -23.52 -7.63 41.82
N ALA D 115 -23.05 -8.68 42.47
CA ALA D 115 -21.82 -9.33 42.10
C ALA D 115 -22.20 -10.47 41.19
N TRP D 116 -22.03 -10.25 39.89
CA TRP D 116 -22.32 -11.25 38.87
C TRP D 116 -21.40 -12.44 39.03
N SER D 117 -21.89 -13.62 38.62
CA SER D 117 -21.11 -14.85 38.73
C SER D 117 -19.83 -14.83 37.90
N ASP D 118 -18.97 -15.80 38.19
CA ASP D 118 -17.87 -16.15 37.33
C ASP D 118 -18.45 -16.84 36.10
N PRO D 119 -17.80 -16.65 34.93
CA PRO D 119 -18.40 -17.06 33.65
C PRO D 119 -18.51 -18.56 33.52
N ILE D 120 -19.60 -18.99 32.89
CA ILE D 120 -19.74 -20.35 32.40
C ILE D 120 -19.39 -20.26 30.90
N TYR D 121 -18.41 -21.06 30.49
CA TYR D 121 -18.00 -21.10 29.09
C TYR D 121 -19.10 -21.73 28.25
N LEU D 122 -19.49 -21.04 27.19
CA LEU D 122 -20.54 -21.59 26.31
C LEU D 122 -19.98 -22.28 25.07
N ASN D 123 -19.49 -21.49 24.13
CA ASN D 123 -18.88 -22.00 22.91
C ASN D 123 -17.96 -20.92 22.33
N SER D 124 -17.47 -21.13 21.12
CA SER D 124 -16.58 -20.20 20.46
C SER D 124 -16.93 -20.09 18.97
N SER D 125 -18.03 -20.69 18.55
CA SER D 125 -18.35 -20.82 17.11
C SER D 125 -18.60 -19.48 16.39
N GLY D 126 -18.82 -18.42 17.16
CA GLY D 126 -19.05 -17.11 16.60
C GLY D 126 -19.60 -16.16 17.62
N PHE D 127 -19.57 -14.87 17.28
CA PHE D 127 -19.96 -13.82 18.19
C PHE D 127 -21.47 -13.61 18.13
N ASP D 128 -21.94 -12.54 18.77
CA ASP D 128 -23.37 -12.21 18.90
C ASP D 128 -24.18 -13.33 19.56
N PRO D 129 -23.68 -13.84 20.70
CA PRO D 129 -24.46 -14.86 21.40
C PRO D 129 -25.69 -14.24 22.05
N SER D 130 -26.77 -15.01 22.07
CA SER D 130 -28.01 -14.60 22.67
C SER D 130 -28.65 -15.81 23.32
N LEU D 131 -29.21 -15.63 24.51
CA LEU D 131 -29.89 -16.71 25.20
C LEU D 131 -31.39 -16.52 25.19
N PHE D 132 -32.09 -17.54 24.70
CA PHE D 132 -33.52 -17.54 24.62
C PHE D 132 -34.11 -18.43 25.69
N HIS D 133 -35.11 -17.92 26.41
CA HIS D 133 -35.82 -18.69 27.45
C HIS D 133 -37.19 -19.10 26.91
N ASP D 134 -37.34 -20.36 26.50
CA ASP D 134 -38.61 -20.82 25.91
C ASP D 134 -39.64 -21.11 27.01
N GLU D 135 -40.92 -21.09 26.64
CA GLU D 135 -42.03 -21.23 27.60
C GLU D 135 -42.03 -22.54 28.38
N ASP D 136 -41.44 -23.60 27.81
CA ASP D 136 -41.39 -24.89 28.47
C ASP D 136 -40.27 -25.02 29.50
N GLY D 137 -39.59 -23.91 29.77
CA GLY D 137 -38.49 -23.88 30.75
C GLY D 137 -37.12 -24.14 30.14
N ARG D 138 -37.09 -24.57 28.88
CA ARG D 138 -35.82 -24.89 28.23
C ARG D 138 -35.16 -23.62 27.69
N LYS D 139 -33.83 -23.59 27.77
CA LYS D 139 -33.03 -22.42 27.33
C LYS D 139 -32.24 -22.77 26.08
N TYR D 140 -32.08 -21.81 25.19
CA TYR D 140 -31.34 -22.02 23.96
C TYR D 140 -30.38 -20.87 23.66
N LEU D 141 -29.16 -21.22 23.25
CA LEU D 141 -28.19 -20.24 22.80
C LEU D 141 -28.20 -20.12 21.28
N VAL D 142 -28.38 -18.89 20.79
CA VAL D 142 -28.10 -18.62 19.39
C VAL D 142 -26.88 -17.73 19.27
N ASN D 143 -26.06 -17.98 18.25
CA ASN D 143 -25.01 -17.05 17.86
C ASN D 143 -24.77 -17.16 16.35
N MET D 144 -23.91 -16.31 15.81
CA MET D 144 -23.51 -16.44 14.41
C MET D 144 -22.42 -17.49 14.37
N TYR D 145 -22.33 -18.15 13.22
CA TYR D 145 -21.39 -19.23 13.00
C TYR D 145 -20.36 -18.72 11.98
N TRP D 146 -19.07 -18.81 12.33
CA TRP D 146 -18.02 -18.19 11.54
C TRP D 146 -17.37 -19.16 10.55
N ASP D 147 -17.36 -18.76 9.27
CA ASP D 147 -16.72 -19.52 8.21
C ASP D 147 -15.46 -18.78 7.79
N HIS D 148 -14.32 -19.36 8.13
CA HIS D 148 -13.04 -18.76 7.84
C HIS D 148 -12.57 -19.01 6.40
N ARG D 149 -13.22 -19.91 5.67
CA ARG D 149 -12.67 -20.37 4.38
C ARG D 149 -12.63 -19.29 3.32
N VAL D 150 -11.56 -19.33 2.54
CA VAL D 150 -11.26 -18.35 1.51
C VAL D 150 -12.36 -18.26 0.44
N ASP D 151 -12.86 -19.39 -0.01
CA ASP D 151 -13.90 -19.34 -1.04
C ASP D 151 -15.32 -19.02 -0.51
N HIS D 152 -15.41 -18.51 0.73
CA HIS D 152 -16.69 -18.47 1.46
C HIS D 152 -16.95 -17.14 2.15
N HIS D 153 -18.23 -16.76 2.18
CA HIS D 153 -18.69 -15.67 3.02
C HIS D 153 -18.58 -16.13 4.49
N PRO D 154 -17.91 -15.34 5.35
CA PRO D 154 -17.68 -15.74 6.76
C PRO D 154 -18.94 -15.94 7.61
N PHE D 155 -20.03 -15.26 7.27
CA PHE D 155 -21.23 -15.32 8.08
C PHE D 155 -22.14 -16.48 7.63
N TYR D 156 -21.85 -17.66 8.17
CA TYR D 156 -22.43 -18.94 7.74
C TYR D 156 -23.89 -19.10 8.16
N GLY D 157 -24.39 -18.17 8.95
CA GLY D 157 -25.78 -18.21 9.40
C GLY D 157 -25.89 -18.27 10.91
N ILE D 158 -27.10 -18.58 11.38
CA ILE D 158 -27.41 -18.57 12.80
C ILE D 158 -27.45 -20.00 13.33
N VAL D 159 -26.59 -20.28 14.30
CA VAL D 159 -26.53 -21.59 14.92
C VAL D 159 -27.33 -21.55 16.23
N LEU D 160 -28.01 -22.66 16.54
CA LEU D 160 -28.78 -22.78 17.77
C LEU D 160 -28.39 -24.05 18.48
N GLN D 161 -28.37 -24.01 19.80
CA GLN D 161 -28.12 -25.19 20.64
C GLN D 161 -28.74 -24.98 22.02
N GLU D 162 -29.27 -26.06 22.59
CA GLU D 162 -29.85 -26.00 23.94
C GLU D 162 -28.79 -25.86 25.03
N TYR D 163 -29.04 -24.94 25.95
CA TYR D 163 -28.20 -24.79 27.13
C TYR D 163 -28.87 -25.45 28.34
N SER D 164 -28.15 -26.35 29.00
CA SER D 164 -28.64 -27.01 30.21
C SER D 164 -28.16 -26.26 31.44
N VAL D 165 -29.10 -25.59 32.12
CA VAL D 165 -28.84 -24.89 33.38
C VAL D 165 -28.26 -25.85 34.43
N GLU D 166 -28.88 -27.02 34.56
CA GLU D 166 -28.40 -28.08 35.45
C GLU D 166 -26.94 -28.45 35.16
N GLN D 167 -26.64 -28.79 33.91
CA GLN D 167 -25.32 -29.30 33.52
C GLN D 167 -24.31 -28.17 33.30
N LYS D 168 -24.81 -26.95 33.19
CA LYS D 168 -23.99 -25.75 32.97
C LYS D 168 -23.14 -25.87 31.69
N LYS D 169 -23.76 -26.34 30.62
CA LYS D 169 -23.12 -26.50 29.32
C LYS D 169 -24.15 -26.62 28.22
N LEU D 170 -23.73 -26.34 27.00
CA LEU D 170 -24.53 -26.64 25.81
C LEU D 170 -24.68 -28.16 25.65
N VAL D 171 -25.86 -28.59 25.24
CA VAL D 171 -26.13 -30.02 25.10
C VAL D 171 -26.72 -30.34 23.73
N GLY D 172 -26.86 -31.64 23.43
CA GLY D 172 -27.29 -32.07 22.10
C GLY D 172 -26.34 -31.60 21.02
N GLU D 173 -26.87 -31.33 19.84
CA GLU D 173 -26.05 -30.94 18.67
C GLU D 173 -26.40 -29.56 18.16
N PRO D 174 -25.39 -28.73 17.83
CA PRO D 174 -25.66 -27.41 17.26
C PRO D 174 -26.25 -27.55 15.87
N LYS D 175 -27.23 -26.72 15.54
CA LYS D 175 -27.85 -26.74 14.21
C LYS D 175 -27.96 -25.34 13.63
N ILE D 176 -27.69 -25.21 12.34
CA ILE D 176 -27.95 -23.94 11.64
C ILE D 176 -29.45 -23.79 11.41
N ILE D 177 -30.02 -22.69 11.87
CA ILE D 177 -31.47 -22.47 11.77
C ILE D 177 -31.90 -21.41 10.75
N PHE D 178 -30.93 -20.69 10.17
CA PHE D 178 -31.18 -19.53 9.33
C PHE D 178 -29.86 -19.09 8.69
N LYS D 179 -29.86 -18.93 7.37
CA LYS D 179 -28.65 -18.55 6.62
C LYS D 179 -28.64 -17.06 6.34
N GLY D 180 -29.77 -16.42 6.59
CA GLY D 180 -29.90 -14.98 6.34
C GLY D 180 -30.48 -14.69 4.97
N THR D 181 -30.55 -13.40 4.62
CA THR D 181 -31.03 -12.96 3.30
C THR D 181 -29.82 -12.63 2.44
N ASP D 182 -30.07 -12.19 1.20
CA ASP D 182 -28.97 -11.83 0.29
C ASP D 182 -28.14 -10.66 0.80
N LEU D 183 -28.68 -9.92 1.78
CA LEU D 183 -27.88 -8.90 2.48
C LEU D 183 -26.63 -9.54 3.10
N ARG D 184 -26.81 -10.76 3.61
CA ARG D 184 -25.75 -11.53 4.28
C ARG D 184 -25.18 -10.73 5.47
N ILE D 185 -23.95 -11.06 5.88
CA ILE D 185 -23.36 -10.54 7.12
C ILE D 185 -24.33 -10.76 8.30
N THR D 186 -24.92 -11.95 8.33
CA THR D 186 -25.99 -12.28 9.29
C THR D 186 -25.43 -12.53 10.68
N GLY D 187 -25.82 -11.67 11.61
CA GLY D 187 -25.46 -11.82 13.01
C GLY D 187 -26.59 -11.32 13.89
N GLY D 188 -26.23 -10.89 15.11
CA GLY D 188 -27.19 -10.35 16.06
C GLY D 188 -28.53 -11.09 16.19
N PRO D 189 -28.49 -12.44 16.26
CA PRO D 189 -29.74 -13.18 16.34
C PRO D 189 -30.40 -13.04 17.71
N HIS D 190 -31.70 -12.78 17.73
CA HIS D 190 -32.49 -12.82 18.96
C HIS D 190 -33.80 -13.56 18.69
N LEU D 191 -34.18 -14.43 19.63
CA LEU D 191 -35.42 -15.21 19.50
C LEU D 191 -36.53 -14.69 20.40
N TYR D 192 -37.75 -14.71 19.87
CA TYR D 192 -38.94 -14.27 20.58
C TYR D 192 -40.08 -15.22 20.25
N LYS D 193 -40.73 -15.72 21.29
CA LYS D 193 -41.94 -16.50 21.14
C LYS D 193 -43.11 -15.52 21.24
N ILE D 194 -43.67 -15.20 20.08
CA ILE D 194 -44.81 -14.28 19.97
C ILE D 194 -45.89 -14.97 19.15
N ASN D 195 -47.11 -14.98 19.67
CA ASN D 195 -48.22 -15.74 19.08
C ASN D 195 -47.83 -17.22 18.96
N GLY D 196 -48.16 -17.85 17.84
CA GLY D 196 -47.80 -19.25 17.62
C GLY D 196 -46.43 -19.41 17.00
N TYR D 197 -45.64 -18.34 17.02
CA TYR D 197 -44.42 -18.25 16.24
C TYR D 197 -43.17 -17.94 17.06
N TYR D 198 -42.06 -18.53 16.62
CA TYR D 198 -40.73 -18.07 17.00
C TYR D 198 -40.30 -17.05 15.97
N TYR D 199 -40.02 -15.83 16.43
CA TYR D 199 -39.52 -14.78 15.55
C TYR D 199 -38.02 -14.66 15.70
N LEU D 200 -37.30 -14.71 14.59
CA LEU D 200 -35.85 -14.59 14.62
C LEU D 200 -35.42 -13.24 14.05
N LEU D 201 -34.97 -12.38 14.95
CA LEU D 201 -34.42 -11.10 14.59
C LEU D 201 -32.91 -11.25 14.38
N THR D 202 -32.42 -10.75 13.25
CA THR D 202 -30.98 -10.75 12.98
C THR D 202 -30.53 -9.37 12.54
N ALA D 203 -29.22 -9.15 12.64
CA ALA D 203 -28.56 -7.99 12.03
C ALA D 203 -27.96 -8.44 10.71
N GLU D 204 -28.11 -7.61 9.68
CA GLU D 204 -27.55 -7.95 8.37
C GLU D 204 -26.91 -6.76 7.68
N GLY D 205 -26.13 -7.03 6.62
CA GLY D 205 -25.52 -5.99 5.79
C GLY D 205 -24.31 -5.30 6.39
N GLY D 206 -23.92 -5.73 7.59
CA GLY D 206 -22.75 -5.18 8.26
C GLY D 206 -23.02 -3.87 8.98
N THR D 207 -22.22 -3.59 10.01
CA THR D 207 -22.50 -2.46 10.91
C THR D 207 -22.11 -1.09 10.36
N ARG D 208 -21.85 -1.02 9.05
CA ARG D 208 -21.62 0.28 8.38
C ARG D 208 -22.92 0.75 7.71
N TYR D 209 -22.83 1.42 6.56
CA TYR D 209 -24.01 2.06 5.95
C TYR D 209 -25.09 1.16 5.33
N ASN D 210 -24.73 -0.10 5.05
CA ASN D 210 -25.68 -1.08 4.52
C ASN D 210 -26.41 -1.85 5.64
N HIS D 211 -26.20 -1.42 6.88
CA HIS D 211 -26.74 -2.08 8.07
C HIS D 211 -28.24 -2.23 8.03
N ALA D 212 -28.73 -3.32 8.59
CA ALA D 212 -30.15 -3.60 8.62
C ALA D 212 -30.50 -4.48 9.82
N ALA D 213 -31.78 -4.45 10.17
CA ALA D 213 -32.38 -5.45 11.01
C ALA D 213 -33.37 -6.23 10.17
N THR D 214 -33.17 -7.54 10.16
CA THR D 214 -33.99 -8.49 9.44
C THR D 214 -34.80 -9.28 10.49
N ILE D 215 -36.05 -9.60 10.16
CA ILE D 215 -36.80 -10.53 10.99
C ILE D 215 -37.47 -11.60 10.14
N ALA D 216 -37.56 -12.79 10.71
CA ALA D 216 -38.16 -13.95 10.11
C ALA D 216 -38.99 -14.66 11.19
N ARG D 217 -39.76 -15.68 10.81
CA ARG D 217 -40.59 -16.41 11.76
C ARG D 217 -40.78 -17.87 11.37
N SER D 218 -41.00 -18.71 12.38
CA SER D 218 -41.29 -20.12 12.18
C SER D 218 -42.13 -20.68 13.31
N THR D 219 -42.83 -21.79 13.02
CA THR D 219 -43.57 -22.53 14.05
C THR D 219 -42.64 -23.51 14.77
N SER D 220 -41.58 -23.93 14.07
CA SER D 220 -40.53 -24.76 14.65
C SER D 220 -39.34 -23.90 15.05
N LEU D 221 -38.85 -24.10 16.26
CA LEU D 221 -37.65 -23.41 16.74
C LEU D 221 -36.47 -23.57 15.79
N TYR D 222 -36.40 -24.73 15.14
CA TYR D 222 -35.32 -25.07 14.21
C TYR D 222 -35.57 -24.62 12.76
N GLY D 223 -36.65 -23.88 12.54
CA GLY D 223 -36.99 -23.36 11.23
C GLY D 223 -37.76 -24.34 10.36
N PRO D 224 -37.88 -24.04 9.05
CA PRO D 224 -37.23 -22.91 8.42
C PRO D 224 -37.94 -21.61 8.74
N TYR D 225 -37.20 -20.51 8.69
CA TYR D 225 -37.79 -19.21 8.99
C TYR D 225 -38.16 -18.49 7.68
N GLU D 226 -39.43 -18.17 7.54
CA GLU D 226 -39.86 -17.32 6.45
C GLU D 226 -39.50 -15.89 6.80
N VAL D 227 -38.96 -15.17 5.82
CA VAL D 227 -38.54 -13.78 6.01
C VAL D 227 -39.74 -12.84 5.90
N HIS D 228 -39.77 -11.83 6.79
CA HIS D 228 -40.67 -10.67 6.71
C HIS D 228 -40.85 -10.23 5.26
N PRO D 229 -42.11 -10.15 4.77
CA PRO D 229 -42.37 -9.87 3.35
C PRO D 229 -41.91 -8.49 2.90
N ASP D 230 -41.76 -7.56 3.84
CA ASP D 230 -41.21 -6.24 3.55
C ASP D 230 -39.87 -6.02 4.23
N ASN D 231 -39.13 -7.10 4.48
CA ASN D 231 -37.78 -6.98 4.99
C ASN D 231 -37.00 -5.97 4.13
N PRO D 232 -36.08 -5.20 4.74
CA PRO D 232 -35.65 -5.15 6.15
C PRO D 232 -36.69 -4.53 7.07
N LEU D 233 -36.75 -5.05 8.30
CA LEU D 233 -37.56 -4.45 9.35
C LEU D 233 -37.10 -3.02 9.60
N LEU D 234 -35.78 -2.83 9.58
CA LEU D 234 -35.19 -1.52 9.82
C LEU D 234 -33.86 -1.41 9.10
N THR D 235 -33.60 -0.25 8.50
CA THR D 235 -32.33 0.01 7.83
C THR D 235 -32.25 1.48 7.52
N SER D 236 -31.02 2.01 7.46
CA SER D 236 -30.82 3.38 6.95
C SER D 236 -30.27 3.43 5.54
N TRP D 237 -30.00 2.27 4.94
CA TRP D 237 -29.31 2.25 3.65
C TRP D 237 -30.00 3.07 2.54
N PRO D 238 -31.33 2.91 2.34
CA PRO D 238 -31.95 3.67 1.25
C PRO D 238 -32.26 5.11 1.61
N TYR D 239 -31.84 5.55 2.79
CA TYR D 239 -32.13 6.91 3.25
C TYR D 239 -30.87 7.72 3.54
N PRO D 240 -30.13 8.09 2.46
CA PRO D 240 -28.83 8.80 2.56
C PRO D 240 -28.86 10.16 3.27
N ARG D 241 -30.05 10.72 3.43
CA ARG D 241 -30.19 12.02 4.12
C ARG D 241 -30.72 11.89 5.55
N ASN D 242 -31.09 10.68 5.96
CA ASN D 242 -31.49 10.43 7.36
C ASN D 242 -30.32 10.76 8.27
N PRO D 243 -30.55 11.56 9.34
CA PRO D 243 -29.48 11.88 10.28
C PRO D 243 -29.00 10.65 11.03
N LEU D 244 -29.84 9.63 11.07
CA LEU D 244 -29.54 8.38 11.75
C LEU D 244 -29.22 7.29 10.72
N GLN D 245 -27.93 7.01 10.58
CA GLN D 245 -27.44 6.03 9.62
C GLN D 245 -27.09 4.71 10.33
N LYS D 246 -26.82 3.67 9.56
CA LYS D 246 -26.35 2.38 10.09
C LYS D 246 -27.34 1.70 11.03
N ALA D 247 -28.62 1.94 10.82
CA ALA D 247 -29.66 1.41 11.69
C ALA D 247 -29.75 -0.11 11.55
N GLY D 248 -29.36 -0.79 12.62
CA GLY D 248 -29.39 -2.25 12.67
C GLY D 248 -28.95 -2.73 14.03
N HIS D 249 -28.66 -4.03 14.12
CA HIS D 249 -28.38 -4.71 15.40
C HIS D 249 -29.36 -4.32 16.50
N ALA D 250 -30.60 -4.75 16.31
CA ALA D 250 -31.72 -4.35 17.15
C ALA D 250 -32.11 -5.44 18.15
N SER D 251 -32.88 -5.05 19.16
CA SER D 251 -33.61 -5.97 20.01
C SER D 251 -35.05 -5.49 20.26
N ILE D 252 -35.96 -6.42 20.49
CA ILE D 252 -37.37 -6.09 20.65
C ILE D 252 -37.80 -6.09 22.12
N VAL D 253 -38.67 -5.15 22.47
CA VAL D 253 -39.22 -5.12 23.81
C VAL D 253 -40.74 -5.00 23.75
N HIS D 254 -41.40 -5.91 24.45
CA HIS D 254 -42.84 -5.83 24.63
C HIS D 254 -43.05 -5.28 26.01
N THR D 255 -43.56 -4.06 26.03
CA THR D 255 -43.72 -3.28 27.23
C THR D 255 -44.91 -3.80 28.08
N HIS D 256 -44.90 -3.44 29.36
CA HIS D 256 -45.92 -3.92 30.29
C HIS D 256 -47.29 -3.30 29.99
N THR D 257 -47.27 -2.20 29.23
CA THR D 257 -48.47 -1.51 28.77
C THR D 257 -48.99 -2.08 27.44
N ASP D 258 -48.48 -3.25 27.04
CA ASP D 258 -48.82 -3.94 25.77
C ASP D 258 -48.45 -3.15 24.51
N GLU D 259 -47.30 -2.49 24.54
CA GLU D 259 -46.75 -1.79 23.37
C GLU D 259 -45.41 -2.39 22.94
N TRP D 260 -44.98 -2.10 21.71
CA TRP D 260 -43.81 -2.74 21.13
C TRP D 260 -42.79 -1.73 20.64
N PHE D 261 -41.54 -1.91 21.07
CA PHE D 261 -40.45 -1.01 20.66
C PHE D 261 -39.20 -1.78 20.21
N LEU D 262 -38.35 -1.08 19.46
CA LEU D 262 -37.16 -1.68 18.87
C LEU D 262 -35.94 -0.78 19.11
N VAL D 263 -35.02 -1.23 19.95
CA VAL D 263 -33.75 -0.51 20.09
C VAL D 263 -32.73 -1.02 19.06
N HIS D 264 -31.95 -0.11 18.51
CA HIS D 264 -30.97 -0.45 17.50
C HIS D 264 -29.77 0.48 17.64
N LEU D 265 -28.67 0.13 16.99
CA LEU D 265 -27.53 1.03 16.94
C LEU D 265 -27.66 1.91 15.73
N THR D 266 -26.98 3.05 15.79
CA THR D 266 -26.98 4.01 14.70
C THR D 266 -25.72 4.88 14.76
N GLY D 267 -25.25 5.30 13.60
CA GLY D 267 -24.14 6.26 13.53
C GLY D 267 -24.69 7.59 13.04
N ARG D 268 -24.23 8.66 13.67
CA ARG D 268 -24.56 10.02 13.27
C ARG D 268 -23.36 10.67 12.61
N PRO D 269 -23.33 10.68 11.27
CA PRO D 269 -22.22 11.31 10.56
C PRO D 269 -22.08 12.79 10.92
N LEU D 270 -20.84 13.26 11.00
CA LEU D 270 -20.53 14.69 11.04
C LEU D 270 -21.21 15.39 9.85
N PRO D 271 -21.42 16.72 9.94
CA PRO D 271 -21.98 17.50 8.82
C PRO D 271 -21.24 17.23 7.51
N ARG D 272 -21.98 17.12 6.41
CA ARG D 272 -21.40 16.75 5.10
C ARG D 272 -21.76 17.69 3.96
N GLU D 273 -21.85 18.98 4.24
CA GLU D 273 -22.27 19.94 3.22
C GLU D 273 -21.24 20.08 2.10
N GLY D 274 -21.73 20.09 0.85
CA GLY D 274 -20.87 20.24 -0.31
C GLY D 274 -20.15 18.97 -0.71
N GLN D 275 -20.44 17.87 0.00
CA GLN D 275 -19.87 16.56 -0.30
C GLN D 275 -20.87 15.65 -1.06
N PRO D 276 -20.36 14.80 -1.97
CA PRO D 276 -21.20 13.89 -2.74
C PRO D 276 -22.02 12.98 -1.84
N LEU D 277 -23.34 13.01 -1.98
CA LEU D 277 -24.25 12.32 -1.06
C LEU D 277 -23.91 10.84 -0.84
N LEU D 278 -23.58 10.13 -1.91
CA LEU D 278 -23.45 8.68 -1.86
C LEU D 278 -22.02 8.17 -1.91
N GLU D 279 -21.07 9.05 -2.23
CA GLU D 279 -19.70 8.59 -2.48
C GLU D 279 -19.11 8.03 -1.19
N HIS D 280 -19.07 8.84 -0.15
CA HIS D 280 -18.74 8.39 1.20
C HIS D 280 -19.82 8.91 2.15
N ARG D 281 -20.43 8.00 2.91
CA ARG D 281 -21.64 8.36 3.65
C ARG D 281 -21.44 9.00 5.03
N GLY D 282 -20.20 9.09 5.49
CA GLY D 282 -19.91 9.93 6.63
C GLY D 282 -18.92 9.39 7.64
N TYR D 283 -18.58 10.25 8.62
CA TYR D 283 -17.64 9.93 9.69
C TYR D 283 -18.32 10.18 11.03
N CYS D 284 -18.24 9.18 11.91
CA CYS D 284 -18.96 9.16 13.18
C CYS D 284 -18.01 9.07 14.39
N PRO D 285 -17.55 10.24 14.89
CA PRO D 285 -16.68 10.30 16.07
C PRO D 285 -17.38 9.83 17.34
N LEU D 286 -18.70 9.94 17.38
CA LEU D 286 -19.46 9.42 18.52
C LEU D 286 -19.65 7.90 18.44
N GLY D 287 -19.11 7.29 17.39
CA GLY D 287 -19.25 5.85 17.16
C GLY D 287 -20.68 5.43 16.87
N ARG D 288 -21.04 4.25 17.38
CA ARG D 288 -22.40 3.73 17.22
C ARG D 288 -23.20 3.89 18.51
N GLU D 289 -24.30 4.62 18.41
CA GLU D 289 -25.09 5.01 19.55
C GLU D 289 -26.39 4.20 19.56
N THR D 290 -27.13 4.28 20.66
CA THR D 290 -28.38 3.55 20.79
C THR D 290 -29.55 4.48 20.49
N ALA D 291 -30.48 3.97 19.68
CA ALA D 291 -31.69 4.67 19.30
C ALA D 291 -32.88 3.73 19.47
N ILE D 292 -34.08 4.30 19.58
CA ILE D 292 -35.30 3.50 19.75
C ILE D 292 -36.38 3.83 18.69
N GLN D 293 -37.13 2.82 18.29
CA GLN D 293 -38.20 2.96 17.32
C GLN D 293 -39.45 2.28 17.85
N ARG D 294 -40.62 2.77 17.45
CA ARG D 294 -41.87 2.11 17.81
C ARG D 294 -42.18 1.04 16.77
N LEU D 295 -42.77 -0.05 17.22
CA LEU D 295 -43.26 -1.10 16.35
C LEU D 295 -44.79 -1.17 16.34
N GLU D 296 -45.34 -1.57 15.19
CA GLU D 296 -46.76 -1.83 15.03
C GLU D 296 -46.89 -3.19 14.35
N TRP D 297 -48.04 -3.84 14.51
CA TRP D 297 -48.22 -5.21 14.04
C TRP D 297 -49.30 -5.36 12.99
N LYS D 298 -48.89 -5.81 11.80
CA LYS D 298 -49.81 -6.11 10.71
C LYS D 298 -49.56 -7.54 10.24
N ASP D 299 -50.63 -8.34 10.15
CA ASP D 299 -50.57 -9.69 9.55
C ASP D 299 -49.53 -10.63 10.18
N GLY D 300 -49.41 -10.57 11.50
CA GLY D 300 -48.41 -11.37 12.23
C GLY D 300 -46.97 -10.96 11.96
N TRP D 301 -46.78 -9.71 11.54
CA TRP D 301 -45.46 -9.16 11.33
C TRP D 301 -45.33 -7.82 12.04
N PRO D 302 -44.16 -7.57 12.67
CA PRO D 302 -43.90 -6.24 13.23
C PRO D 302 -43.44 -5.29 12.12
N TYR D 303 -43.71 -4.00 12.29
CA TYR D 303 -43.29 -2.96 11.36
C TYR D 303 -42.81 -1.77 12.17
N VAL D 304 -41.79 -1.08 11.67
CA VAL D 304 -41.35 0.17 12.28
C VAL D 304 -42.35 1.27 11.89
N VAL D 305 -42.86 1.97 12.89
CA VAL D 305 -43.71 3.14 12.65
C VAL D 305 -42.86 4.20 11.97
N GLY D 306 -43.43 4.82 10.93
CA GLY D 306 -42.74 5.84 10.14
C GLY D 306 -42.00 5.28 8.94
N GLY D 307 -42.19 3.98 8.67
CA GLY D 307 -41.53 3.30 7.54
C GLY D 307 -40.37 2.48 8.06
N ASN D 308 -39.56 1.90 7.18
CA ASN D 308 -38.46 1.04 7.65
C ASN D 308 -37.12 1.76 7.93
N GLY D 309 -37.07 3.06 7.66
CA GLY D 309 -35.99 3.92 8.13
C GLY D 309 -36.20 4.34 9.57
N PRO D 310 -35.12 4.74 10.27
CA PRO D 310 -35.28 5.20 11.66
C PRO D 310 -35.84 6.63 11.77
N SER D 311 -36.81 6.81 12.67
CA SER D 311 -37.31 8.16 12.97
C SER D 311 -36.41 8.81 14.01
N LEU D 312 -36.19 10.11 13.87
CA LEU D 312 -35.37 10.86 14.81
C LEU D 312 -36.10 11.01 16.15
N GLU D 313 -37.41 11.23 16.09
CA GLU D 313 -38.23 11.36 17.29
C GLU D 313 -39.41 10.40 17.22
N ILE D 314 -39.78 9.83 18.37
CA ILE D 314 -40.90 8.88 18.46
C ILE D 314 -41.82 9.14 19.67
N ASP D 315 -42.99 8.52 19.66
CA ASP D 315 -43.86 8.53 20.83
C ASP D 315 -43.41 7.45 21.83
N GLY D 316 -43.32 7.81 23.10
CA GLY D 316 -42.94 6.85 24.15
C GLY D 316 -44.11 5.98 24.59
N PRO D 317 -43.83 4.95 25.43
CA PRO D 317 -44.91 4.13 26.00
C PRO D 317 -45.85 4.93 26.91
N SER D 318 -47.03 4.37 27.17
CA SER D 318 -48.08 5.02 27.97
C SER D 318 -47.76 4.98 29.47
N VAL D 319 -46.67 5.65 29.86
CA VAL D 319 -46.24 5.67 31.26
C VAL D 319 -45.86 7.07 31.70
N GLU D 320 -45.83 7.28 33.01
CA GLU D 320 -45.38 8.54 33.60
C GLU D 320 -43.90 8.73 33.30
N GLU D 321 -43.51 9.94 32.91
CA GLU D 321 -42.10 10.28 32.71
C GLU D 321 -41.34 10.20 34.02
N VAL D 322 -40.20 9.51 33.98
CA VAL D 322 -39.32 9.34 35.13
C VAL D 322 -37.90 9.74 34.72
N SER D 323 -37.55 10.99 34.97
CA SER D 323 -36.21 11.50 34.63
C SER D 323 -35.26 11.22 35.77
N TRP D 324 -33.96 11.27 35.46
CA TRP D 324 -32.91 10.92 36.42
C TRP D 324 -32.00 12.10 36.73
N GLU D 325 -31.59 12.19 37.99
CA GLU D 325 -30.67 13.24 38.42
C GLU D 325 -29.30 12.99 37.80
N LYS D 326 -28.61 14.06 37.41
CA LYS D 326 -27.29 13.95 36.77
C LYS D 326 -26.35 13.08 37.60
N ASP D 327 -25.65 12.15 36.95
CA ASP D 327 -24.84 11.18 37.69
C ASP D 327 -23.32 11.41 37.64
N TYR D 328 -22.92 12.58 37.15
CA TYR D 328 -21.54 13.03 37.24
C TYR D 328 -21.50 14.55 37.41
N ASP D 329 -20.48 15.04 38.11
CA ASP D 329 -20.24 16.48 38.21
C ASP D 329 -19.53 16.93 36.93
N GLU D 330 -20.02 18.02 36.33
CA GLU D 330 -19.38 18.55 35.12
C GLU D 330 -17.93 18.89 35.44
N LYS D 331 -17.71 19.46 36.61
CA LYS D 331 -16.37 19.61 37.18
C LYS D 331 -16.21 18.60 38.29
N ASP D 332 -15.57 17.48 37.97
CA ASP D 332 -15.32 16.41 38.92
C ASP D 332 -14.01 16.72 39.62
N ASP D 333 -14.10 17.12 40.89
CA ASP D 333 -12.91 17.51 41.66
C ASP D 333 -12.16 16.36 42.33
N PHE D 334 -12.55 15.12 42.04
CA PHE D 334 -11.90 13.91 42.56
C PHE D 334 -11.90 13.82 44.09
N ASP D 335 -13.03 14.18 44.71
CA ASP D 335 -13.20 14.07 46.16
C ASP D 335 -13.91 12.77 46.56
N GLY D 336 -14.48 12.07 45.58
CA GLY D 336 -15.10 10.76 45.81
C GLY D 336 -14.06 9.70 46.12
N ASP D 337 -14.49 8.62 46.75
CA ASP D 337 -13.58 7.54 47.09
C ASP D 337 -13.41 6.55 45.92
N THR D 338 -14.36 6.59 44.98
CA THR D 338 -14.30 5.80 43.75
C THR D 338 -14.47 6.73 42.55
N LEU D 339 -13.68 6.54 41.51
CA LEU D 339 -13.82 7.24 40.24
C LEU D 339 -15.26 7.14 39.72
N ASN D 340 -15.80 8.27 39.26
CA ASN D 340 -17.12 8.29 38.66
C ASN D 340 -17.25 7.27 37.54
N HIS D 341 -18.41 6.61 37.45
CA HIS D 341 -18.61 5.44 36.59
C HIS D 341 -18.60 5.68 35.08
N HIS D 342 -18.51 6.93 34.65
CA HIS D 342 -18.39 7.22 33.24
C HIS D 342 -16.94 7.11 32.77
N PHE D 343 -16.03 7.00 33.73
CA PHE D 343 -14.63 6.76 33.43
C PHE D 343 -14.38 5.28 33.22
N GLN D 344 -13.67 4.95 32.14
CA GLN D 344 -13.20 3.58 31.89
C GLN D 344 -11.69 3.55 31.70
N THR D 345 -11.13 2.35 31.72
CA THR D 345 -9.71 2.14 31.45
C THR D 345 -9.58 1.12 30.32
N LEU D 346 -8.39 1.06 29.74
CA LEU D 346 -8.14 0.19 28.61
C LEU D 346 -7.82 -1.23 29.04
N ARG D 347 -8.71 -2.14 28.64
CA ARG D 347 -8.49 -3.59 28.71
C ARG D 347 -8.48 -4.17 30.12
N ILE D 348 -7.82 -3.48 31.04
CA ILE D 348 -7.60 -4.02 32.37
C ILE D 348 -8.08 -3.08 33.47
N PRO D 349 -8.36 -3.62 34.66
CA PRO D 349 -8.56 -2.73 35.78
C PRO D 349 -7.22 -2.13 36.19
N LEU D 350 -7.26 -0.89 36.65
CA LEU D 350 -6.08 -0.23 37.17
C LEU D 350 -6.15 -0.21 38.69
N GLY D 351 -5.24 -0.96 39.33
CA GLY D 351 -5.16 -1.01 40.78
C GLY D 351 -4.54 0.26 41.33
N GLU D 352 -4.50 0.36 42.66
CA GLU D 352 -3.99 1.54 43.38
C GLU D 352 -2.53 1.89 43.05
N ASP D 353 -1.80 0.90 42.54
CA ASP D 353 -0.42 1.09 42.10
C ASP D 353 -0.29 1.86 40.77
N ILE D 354 -1.41 2.08 40.09
CA ILE D 354 -1.42 2.81 38.81
C ILE D 354 -2.34 4.02 38.87
N ALA D 355 -3.56 3.82 39.36
CA ALA D 355 -4.55 4.90 39.48
C ALA D 355 -5.04 4.94 40.92
N THR D 356 -4.93 6.11 41.55
CA THR D 356 -5.34 6.23 42.94
C THR D 356 -5.93 7.59 43.30
N LEU D 357 -7.01 7.54 44.07
CA LEU D 357 -7.64 8.75 44.59
C LEU D 357 -7.22 8.95 46.04
N LYS D 358 -6.38 8.05 46.53
CA LYS D 358 -6.01 7.95 47.96
C LYS D 358 -4.64 8.53 48.28
N ALA D 359 -3.70 8.48 47.34
CA ALA D 359 -2.34 8.94 47.59
C ALA D 359 -2.30 10.43 47.97
N ARG D 360 -3.09 11.21 47.23
CA ARG D 360 -3.21 12.64 47.41
C ARG D 360 -4.69 13.00 47.27
N PRO D 361 -5.40 13.15 48.40
CA PRO D 361 -6.84 13.45 48.45
C PRO D 361 -7.23 14.62 47.56
N GLY D 362 -8.34 14.47 46.85
CA GLY D 362 -8.81 15.51 45.95
C GLY D 362 -8.15 15.46 44.59
N HIS D 363 -7.30 14.45 44.37
CA HIS D 363 -6.61 14.30 43.08
C HIS D 363 -6.64 12.86 42.62
N LEU D 364 -6.67 12.69 41.30
CA LEU D 364 -6.43 11.41 40.69
C LEU D 364 -4.94 11.32 40.38
N ARG D 365 -4.26 10.38 41.02
CA ARG D 365 -2.86 10.15 40.75
C ARG D 365 -2.71 9.02 39.76
N LEU D 366 -2.04 9.31 38.65
CA LEU D 366 -1.74 8.32 37.64
C LEU D 366 -0.24 8.05 37.62
N TYR D 367 0.16 6.85 38.01
CA TYR D 367 1.56 6.47 37.89
C TYR D 367 1.85 6.07 36.44
N GLY D 368 2.88 6.67 35.86
CA GLY D 368 3.19 6.50 34.44
C GLY D 368 3.47 5.06 34.07
N ARG D 369 2.77 4.58 33.05
CA ARG D 369 3.04 3.24 32.53
C ARG D 369 3.46 3.33 31.07
N GLU D 370 2.92 2.45 30.23
CA GLU D 370 3.34 2.32 28.84
C GLU D 370 2.73 3.43 27.97
N SER D 371 3.15 3.49 26.70
CA SER D 371 2.73 4.55 25.79
C SER D 371 1.28 4.41 25.32
N LEU D 372 0.81 5.44 24.60
CA LEU D 372 -0.52 5.46 24.02
C LEU D 372 -0.72 4.41 22.91
N THR D 373 0.36 3.75 22.49
CA THR D 373 0.25 2.75 21.44
C THR D 373 0.22 1.32 21.99
N SER D 374 0.18 1.21 23.30
CA SER D 374 0.26 -0.07 23.98
C SER D 374 -1.08 -0.76 24.25
N ARG D 375 -1.18 -2.04 23.86
CA ARG D 375 -2.36 -2.86 24.11
C ARG D 375 -2.28 -3.59 25.44
N PHE D 376 -1.41 -3.12 26.32
CA PHE D 376 -1.15 -3.84 27.56
C PHE D 376 -1.52 -3.00 28.78
N THR D 377 -0.57 -2.20 29.27
CA THR D 377 -0.80 -1.43 30.50
C THR D 377 -0.58 0.06 30.28
N GLN D 378 -1.68 0.81 30.15
CA GLN D 378 -1.63 2.26 30.05
C GLN D 378 -2.27 2.88 31.28
N ALA D 379 -1.59 3.86 31.87
CA ALA D 379 -2.20 4.67 32.93
C ALA D 379 -3.06 5.72 32.26
N PHE D 380 -4.27 5.30 31.90
CA PHE D 380 -5.20 6.09 31.12
C PHE D 380 -6.58 5.95 31.72
N VAL D 381 -7.22 7.08 32.01
CA VAL D 381 -8.57 7.11 32.54
C VAL D 381 -9.41 8.07 31.68
N ALA D 382 -10.42 7.53 31.02
CA ALA D 382 -11.07 8.23 29.92
C ALA D 382 -12.59 8.10 29.96
N ARG D 383 -13.27 9.07 29.38
CA ARG D 383 -14.72 9.00 29.23
C ARG D 383 -15.09 9.26 27.77
N ARG D 384 -16.27 8.79 27.36
CA ARG D 384 -16.79 8.99 26.02
C ARG D 384 -17.04 10.45 25.61
N TRP D 385 -16.81 10.74 24.33
CA TRP D 385 -17.46 11.86 23.65
C TRP D 385 -18.92 11.47 23.60
N GLN D 386 -19.81 12.31 24.12
CA GLN D 386 -21.25 12.00 24.07
C GLN D 386 -22.06 13.10 23.40
N HIS D 387 -21.35 14.10 22.87
CA HIS D 387 -21.95 15.23 22.16
C HIS D 387 -20.97 15.68 21.09
N PHE D 388 -21.49 16.30 20.03
CA PHE D 388 -20.65 16.88 18.98
C PHE D 388 -19.98 18.16 19.44
N HIS D 389 -20.59 18.81 20.42
CA HIS D 389 -20.17 20.12 20.92
C HIS D 389 -19.94 20.05 22.42
N PHE D 390 -18.68 20.09 22.82
CA PHE D 390 -18.35 20.02 24.24
C PHE D 390 -16.98 20.61 24.56
N VAL D 391 -16.79 20.89 25.85
CA VAL D 391 -15.51 21.29 26.37
C VAL D 391 -15.11 20.26 27.42
N ALA D 392 -13.88 19.79 27.34
CA ALA D 392 -13.33 18.92 28.35
C ALA D 392 -12.03 19.52 28.85
N GLU D 393 -11.77 19.36 30.14
CA GLU D 393 -10.69 20.07 30.78
C GLU D 393 -10.13 19.35 31.99
N THR D 394 -8.80 19.35 32.10
CA THR D 394 -8.12 18.84 33.29
C THR D 394 -7.08 19.84 33.83
N LYS D 395 -6.70 19.62 35.09
CA LYS D 395 -5.69 20.43 35.77
C LYS D 395 -4.68 19.45 36.41
N VAL D 396 -3.43 19.50 35.94
CA VAL D 396 -2.45 18.48 36.31
C VAL D 396 -1.11 19.03 36.82
N SER D 397 -0.57 18.41 37.86
CA SER D 397 0.79 18.69 38.29
C SER D 397 1.71 17.53 37.93
N PHE D 398 2.78 17.85 37.21
CA PHE D 398 3.67 16.85 36.62
C PHE D 398 5.09 17.36 36.47
N ARG D 399 6.05 16.56 36.91
CA ARG D 399 7.47 16.94 36.87
C ARG D 399 8.31 15.88 36.13
N PRO D 400 8.24 15.88 34.79
CA PRO D 400 9.00 14.88 34.03
C PRO D 400 10.49 15.22 33.98
N THR D 401 11.34 14.25 34.26
CA THR D 401 12.79 14.45 34.26
C THR D 401 13.43 13.89 32.99
N THR D 402 12.60 13.36 32.09
CA THR D 402 13.04 12.76 30.83
C THR D 402 11.93 12.76 29.78
N PHE D 403 12.33 12.75 28.51
CA PHE D 403 11.38 12.73 27.40
C PHE D 403 10.57 11.43 27.34
N GLN D 404 11.01 10.41 28.06
CA GLN D 404 10.30 9.13 28.12
C GLN D 404 9.07 9.21 29.01
N GLN D 405 8.88 10.36 29.65
CA GLN D 405 7.75 10.58 30.53
C GLN D 405 6.83 11.67 29.97
N SER D 406 5.52 11.46 30.13
CA SER D 406 4.54 12.41 29.64
C SER D 406 3.30 12.37 30.50
N ALA D 407 2.53 13.44 30.47
CA ALA D 407 1.19 13.45 31.06
C ALA D 407 0.36 14.47 30.32
N GLY D 408 -0.89 14.13 30.02
CA GLY D 408 -1.73 15.07 29.33
C GLY D 408 -3.19 14.71 29.16
N LEU D 409 -3.87 15.55 28.40
CA LEU D 409 -5.25 15.36 28.00
C LEU D 409 -5.21 14.72 26.62
N VAL D 410 -5.86 13.56 26.49
CA VAL D 410 -5.84 12.79 25.27
C VAL D 410 -7.25 12.67 24.70
N ASN D 411 -7.37 12.86 23.39
CA ASN D 411 -8.56 12.44 22.69
C ASN D 411 -8.21 11.21 21.88
N TYR D 412 -8.92 10.13 22.14
CA TYR D 412 -8.42 8.80 21.83
C TYR D 412 -9.48 7.99 21.12
N TYR D 413 -9.11 7.34 20.02
CA TYR D 413 -9.96 6.33 19.42
C TYR D 413 -9.42 4.94 19.74
N ASN D 414 -8.21 4.66 19.28
CA ASN D 414 -7.51 3.41 19.59
C ASN D 414 -5.99 3.64 19.69
N THR D 415 -5.21 2.55 19.86
CA THR D 415 -3.76 2.65 20.12
C THR D 415 -3.00 3.37 19.03
N GLN D 416 -3.58 3.43 17.83
CA GLN D 416 -2.90 3.95 16.66
C GLN D 416 -3.55 5.25 16.21
N ASN D 417 -4.62 5.65 16.90
CA ASN D 417 -5.39 6.83 16.50
C ASN D 417 -5.83 7.66 17.68
N TRP D 418 -5.08 8.74 17.90
CA TRP D 418 -5.30 9.63 19.03
C TRP D 418 -4.57 10.96 18.81
N THR D 419 -4.94 11.95 19.62
CA THR D 419 -4.20 13.21 19.70
C THR D 419 -4.10 13.57 21.18
N THR D 420 -3.11 14.40 21.53
CA THR D 420 -2.91 14.80 22.92
C THR D 420 -2.15 16.11 23.08
N LEU D 421 -2.56 16.88 24.08
CA LEU D 421 -1.78 17.99 24.59
C LEU D 421 -1.14 17.45 25.86
N GLN D 422 0.18 17.33 25.86
CA GLN D 422 0.88 16.70 26.98
C GLN D 422 2.06 17.52 27.51
N ILE D 423 2.34 17.34 28.80
CA ILE D 423 3.55 17.85 29.42
C ILE D 423 4.62 16.78 29.31
N THR D 424 5.82 17.18 28.88
CA THR D 424 6.97 16.29 28.85
C THR D 424 8.25 17.06 29.18
N TRP D 425 9.41 16.43 29.01
CA TRP D 425 10.68 17.06 29.29
C TRP D 425 11.54 17.07 28.03
N HIS D 426 12.29 18.16 27.87
CA HIS D 426 13.18 18.39 26.74
C HIS D 426 14.57 18.82 27.24
N GLU D 427 15.62 18.35 26.57
CA GLU D 427 17.02 18.54 26.98
C GLU D 427 17.42 19.98 27.30
N GLU D 428 17.08 20.89 26.40
CA GLU D 428 17.42 22.30 26.55
C GLU D 428 16.29 23.07 27.22
N LYS D 429 15.07 22.85 26.76
CA LYS D 429 13.90 23.64 27.18
C LYS D 429 13.31 23.24 28.54
N GLY D 430 13.66 22.06 29.04
CA GLY D 430 13.15 21.60 30.33
C GLY D 430 11.74 21.05 30.23
N ARG D 431 10.93 21.29 31.26
CA ARG D 431 9.52 20.92 31.29
C ARG D 431 8.75 21.70 30.22
N ILE D 432 8.14 20.99 29.28
CA ILE D 432 7.47 21.61 28.13
C ILE D 432 6.05 21.11 27.91
N LEU D 433 5.24 21.92 27.22
CA LEU D 433 3.97 21.50 26.65
C LEU D 433 4.12 21.24 25.17
N GLU D 434 3.57 20.11 24.71
CA GLU D 434 3.57 19.81 23.27
C GLU D 434 2.23 19.23 22.81
N LEU D 435 2.04 19.20 21.51
CA LEU D 435 0.97 18.41 20.92
C LEU D 435 1.58 17.16 20.31
N MET D 436 0.84 16.05 20.40
CA MET D 436 1.24 14.81 19.75
C MET D 436 0.00 14.16 19.15
N THR D 437 0.15 13.66 17.92
CA THR D 437 -0.93 13.01 17.20
C THR D 437 -0.46 11.67 16.66
N CYS D 438 -1.38 10.73 16.55
CA CYS D 438 -1.07 9.42 16.00
C CYS D 438 -2.18 9.01 15.06
N ASP D 439 -1.82 8.74 13.81
CA ASP D 439 -2.78 8.45 12.77
C ASP D 439 -2.31 7.17 12.08
N HIS D 440 -3.00 6.07 12.38
CA HIS D 440 -2.59 4.75 11.88
C HIS D 440 -1.11 4.49 12.16
N LEU D 441 -0.74 4.77 13.41
CA LEU D 441 0.59 4.49 13.99
C LEU D 441 1.62 5.57 13.63
N VAL D 442 1.31 6.41 12.63
CA VAL D 442 2.21 7.48 12.25
C VAL D 442 2.05 8.69 13.17
N VAL D 443 3.16 9.09 13.76
CA VAL D 443 3.15 10.12 14.82
C VAL D 443 3.62 11.47 14.30
N ASP D 444 2.92 12.51 14.74
CA ASP D 444 3.34 13.87 14.46
C ASP D 444 3.43 14.65 15.76
N GLN D 445 4.41 15.55 15.80
CA GLN D 445 4.54 16.55 16.85
C GLN D 445 4.46 17.89 16.16
N PRO D 446 3.24 18.42 15.99
CA PRO D 446 3.01 19.64 15.20
C PRO D 446 3.57 20.93 15.80
N LEU D 447 3.97 20.89 17.06
CA LEU D 447 4.54 22.05 17.76
C LEU D 447 6.07 22.01 17.88
N ARG D 448 6.72 21.18 17.06
CA ARG D 448 8.19 21.11 17.03
C ARG D 448 8.73 22.25 16.14
N GLY D 449 9.87 22.84 16.49
CA GLY D 449 10.46 22.82 17.82
C GLY D 449 10.09 24.17 18.38
N ARG D 450 8.86 24.25 18.87
CA ARG D 450 8.19 25.51 19.15
C ARG D 450 7.33 25.29 20.39
N GLU D 451 7.74 24.32 21.19
CA GLU D 451 6.97 23.83 22.34
C GLU D 451 6.78 24.94 23.39
N ILE D 452 5.73 24.84 24.19
CA ILE D 452 5.45 25.81 25.23
C ILE D 452 6.30 25.48 26.47
N VAL D 453 7.27 26.35 26.75
CA VAL D 453 8.11 26.20 27.94
C VAL D 453 7.25 26.43 29.18
N VAL D 454 7.24 25.46 30.09
CA VAL D 454 6.56 25.63 31.38
C VAL D 454 7.56 26.15 32.42
N PRO D 455 7.28 27.33 33.00
CA PRO D 455 8.14 27.88 34.03
C PRO D 455 8.18 27.03 35.29
N ASP D 456 9.36 27.00 35.91
CA ASP D 456 9.64 26.24 37.12
C ASP D 456 8.60 26.48 38.23
N ASP D 457 8.10 27.71 38.32
CA ASP D 457 7.22 28.12 39.43
C ASP D 457 5.74 27.83 39.20
N ILE D 458 5.44 27.08 38.15
CA ILE D 458 4.07 26.65 37.87
C ILE D 458 3.85 25.23 38.42
N GLU D 459 2.94 25.11 39.38
CA GLU D 459 2.62 23.82 39.99
C GLU D 459 1.66 23.02 39.13
N TYR D 460 0.59 23.67 38.68
CA TYR D 460 -0.44 23.03 37.85
C TYR D 460 -0.49 23.63 36.46
N VAL D 461 -0.56 22.76 35.46
CA VAL D 461 -0.88 23.18 34.11
C VAL D 461 -2.33 22.77 33.83
N TYR D 462 -3.08 23.69 33.25
CA TYR D 462 -4.48 23.45 32.93
C TYR D 462 -4.57 23.11 31.44
N LEU D 463 -5.14 21.95 31.14
CA LEU D 463 -5.27 21.51 29.75
C LEU D 463 -6.73 21.38 29.36
N ARG D 464 -7.07 21.94 28.20
CA ARG D 464 -8.44 21.96 27.71
C ARG D 464 -8.53 21.60 26.25
N VAL D 465 -9.64 20.98 25.90
CA VAL D 465 -10.02 20.77 24.52
C VAL D 465 -11.45 21.26 24.33
N THR D 466 -11.68 21.93 23.22
CA THR D 466 -13.01 22.39 22.85
C THR D 466 -13.37 21.70 21.55
N VAL D 467 -14.40 20.85 21.58
CA VAL D 467 -14.85 20.17 20.36
C VAL D 467 -16.06 20.86 19.74
N GLN D 468 -15.95 21.20 18.46
CA GLN D 468 -17.04 21.82 17.71
C GLN D 468 -17.35 21.04 16.45
N ALA D 469 -18.07 19.93 16.61
CA ALA D 469 -18.46 19.07 15.49
C ALA D 469 -17.26 18.62 14.68
N THR D 470 -17.06 19.25 13.51
CA THR D 470 -16.05 18.81 12.54
C THR D 470 -14.61 19.00 13.03
N THR D 471 -14.38 20.07 13.79
CA THR D 471 -13.04 20.43 14.25
C THR D 471 -12.97 20.59 15.77
N TYR D 472 -11.76 20.46 16.31
CA TYR D 472 -11.52 20.77 17.71
C TYR D 472 -10.14 21.38 17.92
N LYS D 473 -9.97 22.05 19.07
CA LYS D 473 -8.78 22.82 19.38
C LYS D 473 -8.37 22.57 20.81
N TYR D 474 -7.07 22.47 21.03
CA TYR D 474 -6.53 22.41 22.37
C TYR D 474 -6.18 23.82 22.84
N SER D 475 -6.26 24.04 24.15
CA SER D 475 -5.82 25.27 24.77
C SER D 475 -5.25 24.94 26.16
N TYR D 476 -4.50 25.87 26.73
CA TYR D 476 -3.87 25.67 28.05
C TYR D 476 -3.83 26.96 28.87
N SER D 477 -3.66 26.81 30.18
CA SER D 477 -3.51 27.93 31.10
C SER D 477 -2.56 27.52 32.21
N PHE D 478 -1.81 28.48 32.73
CA PHE D 478 -0.98 28.25 33.93
C PHE D 478 -1.68 28.76 35.20
N ASP D 479 -2.83 29.42 35.04
CA ASP D 479 -3.58 29.98 36.18
C ASP D 479 -5.08 29.63 36.19
N GLY D 480 -5.55 28.99 35.12
CA GLY D 480 -6.96 28.61 35.01
C GLY D 480 -7.88 29.75 34.62
N MET D 481 -7.30 30.90 34.31
CA MET D 481 -8.05 32.11 33.99
C MET D 481 -7.69 32.63 32.61
N ASN D 482 -6.38 32.76 32.37
CA ASN D 482 -5.87 33.19 31.07
C ASN D 482 -5.48 31.98 30.23
N TRP D 483 -6.29 31.71 29.21
CA TRP D 483 -6.12 30.55 28.36
C TRP D 483 -5.53 30.95 27.02
N ILE D 484 -4.65 30.10 26.50
CA ILE D 484 -4.00 30.33 25.22
C ILE D 484 -4.26 29.12 24.34
N ASP D 485 -4.82 29.38 23.16
CA ASP D 485 -5.05 28.33 22.16
C ASP D 485 -3.73 27.89 21.53
N LEU D 486 -3.59 26.59 21.37
CA LEU D 486 -2.48 26.02 20.60
C LEU D 486 -2.83 26.11 19.11
N PRO D 487 -1.88 26.60 18.28
CA PRO D 487 -2.21 26.98 16.91
C PRO D 487 -2.31 25.82 15.91
N VAL D 488 -3.00 24.76 16.31
CA VAL D 488 -3.31 23.65 15.40
C VAL D 488 -4.80 23.34 15.51
N THR D 489 -5.48 23.31 14.37
CA THR D 489 -6.87 22.90 14.35
C THR D 489 -6.94 21.41 13.99
N PHE D 490 -7.49 20.62 14.89
CA PHE D 490 -7.66 19.19 14.66
C PHE D 490 -9.02 18.85 14.07
N GLU D 491 -9.09 17.69 13.42
CA GLU D 491 -10.29 17.25 12.72
C GLU D 491 -10.90 16.02 13.38
N SER D 492 -12.17 16.13 13.75
CA SER D 492 -12.86 15.09 14.53
C SER D 492 -13.09 13.77 13.80
N TYR D 493 -13.10 13.83 12.46
CA TYR D 493 -13.33 12.65 11.64
C TYR D 493 -12.20 11.64 11.77
N LYS D 494 -11.02 12.11 12.15
CA LYS D 494 -9.86 11.23 12.36
C LYS D 494 -9.97 10.38 13.65
N LEU D 495 -10.98 10.70 14.47
CA LEU D 495 -11.28 9.94 15.68
C LEU D 495 -12.64 9.24 15.54
N SER D 496 -12.95 8.78 14.33
CA SER D 496 -14.22 8.13 14.05
C SER D 496 -14.03 6.71 13.52
N ASP D 497 -15.03 5.86 13.77
CA ASP D 497 -15.05 4.49 13.26
C ASP D 497 -14.67 4.45 11.79
N ASP D 498 -15.33 5.29 10.99
CA ASP D 498 -15.25 5.26 9.54
C ASP D 498 -13.87 5.58 8.99
N TYR D 499 -13.05 6.27 9.76
CA TYR D 499 -11.70 6.66 9.33
C TYR D 499 -10.67 5.52 9.42
N ILE D 500 -10.97 4.53 10.27
CA ILE D 500 -10.01 3.48 10.62
C ILE D 500 -9.89 2.44 9.50
N LYS D 501 -8.68 2.28 8.98
CA LYS D 501 -8.44 1.43 7.81
C LYS D 501 -8.65 -0.07 8.04
N SER D 502 -8.57 -0.52 9.29
CA SER D 502 -8.76 -1.95 9.61
C SER D 502 -10.21 -2.43 9.51
N ARG D 503 -11.16 -1.52 9.63
CA ARG D 503 -12.59 -1.88 9.74
C ARG D 503 -12.95 -2.59 11.08
N ALA D 504 -11.93 -3.01 11.83
CA ALA D 504 -12.09 -3.36 13.24
C ALA D 504 -12.09 -2.06 14.00
N ALA D 505 -13.25 -1.42 14.00
CA ALA D 505 -13.42 -0.04 14.45
C ALA D 505 -14.83 0.09 14.99
N PHE D 506 -15.02 -0.38 16.21
CA PHE D 506 -16.36 -0.58 16.75
C PHE D 506 -16.60 0.19 18.03
N THR D 507 -15.73 1.14 18.35
CA THR D 507 -15.87 1.91 19.58
C THR D 507 -16.40 3.35 19.37
N GLY D 508 -15.51 4.34 19.45
CA GLY D 508 -15.91 5.75 19.42
C GLY D 508 -14.84 6.57 20.12
N ALA D 509 -14.90 7.89 19.97
CA ALA D 509 -13.93 8.78 20.59
C ALA D 509 -14.12 8.87 22.11
N PHE D 510 -12.99 8.88 22.82
CA PHE D 510 -12.94 9.14 24.27
C PHE D 510 -12.07 10.36 24.53
N VAL D 511 -12.26 10.97 25.70
CA VAL D 511 -11.41 12.04 26.21
C VAL D 511 -10.97 11.66 27.62
N GLY D 512 -9.67 11.78 27.90
CA GLY D 512 -9.20 11.35 29.19
C GLY D 512 -7.86 11.88 29.63
N MET D 513 -7.40 11.34 30.76
CA MET D 513 -6.17 11.76 31.41
C MET D 513 -5.16 10.64 31.28
N HIS D 514 -3.95 10.99 30.83
CA HIS D 514 -2.92 9.98 30.60
C HIS D 514 -1.63 10.32 31.32
N CYS D 515 -0.91 9.29 31.76
CA CYS D 515 0.47 9.45 32.19
C CYS D 515 1.33 8.30 31.70
N ARG D 516 2.40 8.63 30.98
CA ARG D 516 3.38 7.64 30.56
C ARG D 516 4.69 7.82 31.35
N ASP D 517 5.28 6.71 31.75
CA ASP D 517 6.68 6.72 32.22
C ASP D 517 7.43 5.58 31.55
N GLY D 518 8.02 5.90 30.40
CA GLY D 518 8.79 4.96 29.61
C GLY D 518 10.14 4.59 30.20
N SER D 519 10.61 5.36 31.19
CA SER D 519 11.88 5.09 31.85
C SER D 519 11.70 4.04 32.94
N GLY D 520 10.47 3.96 33.47
CA GLY D 520 10.10 2.94 34.45
C GLY D 520 10.46 3.34 35.86
N GLN D 521 10.47 4.65 36.10
CA GLN D 521 10.84 5.20 37.40
C GLN D 521 9.61 5.52 38.26
N ASN D 522 8.43 5.12 37.80
CA ASN D 522 7.18 5.29 38.53
C ASN D 522 6.81 6.76 38.81
N ASN D 523 7.31 7.65 37.96
CA ASN D 523 6.95 9.06 38.00
C ASN D 523 5.48 9.20 37.68
N TYR D 524 4.80 10.09 38.41
CA TYR D 524 3.34 10.15 38.37
C TYR D 524 2.81 11.55 38.13
N ALA D 525 1.56 11.59 37.68
CA ALA D 525 0.85 12.83 37.45
C ALA D 525 -0.33 12.93 38.42
N ASP D 526 -0.53 14.13 38.94
CA ASP D 526 -1.65 14.40 39.83
C ASP D 526 -2.66 15.27 39.10
N PHE D 527 -3.84 14.73 38.85
CA PHE D 527 -4.90 15.48 38.17
C PHE D 527 -5.89 15.97 39.22
N ASP D 528 -6.03 17.29 39.31
CA ASP D 528 -6.85 17.91 40.34
C ASP D 528 -8.34 17.81 40.03
N TYR D 529 -8.71 18.01 38.77
CA TYR D 529 -10.08 17.80 38.38
C TYR D 529 -10.19 17.31 36.95
N PHE D 530 -11.33 16.71 36.62
CA PHE D 530 -11.71 16.49 35.23
C PHE D 530 -13.06 17.13 34.97
N LEU D 531 -13.10 18.03 33.99
CA LEU D 531 -14.32 18.67 33.56
C LEU D 531 -14.77 18.15 32.19
N TYR D 532 -16.05 17.84 32.09
CA TYR D 532 -16.70 17.59 30.80
C TYR D 532 -18.00 18.37 30.81
N LYS D 533 -18.20 19.18 29.77
CA LYS D 533 -19.37 20.04 29.70
C LYS D 533 -19.88 20.16 28.27
N GLU D 534 -21.14 19.81 28.08
CA GLU D 534 -21.81 20.03 26.80
C GLU D 534 -21.91 21.52 26.50
N LEU D 535 -21.67 21.91 25.25
CA LEU D 535 -21.74 23.32 24.87
C LEU D 535 -22.91 23.60 23.94
C1 XYS E . 15.46 -2.26 14.05
C2 XYS E . 16.78 -3.04 13.87
C3 XYS E . 17.06 -4.01 15.04
C4 XYS E . 16.71 -3.38 16.40
C5 XYS E . 15.18 -3.19 16.38
O1 XYS E . 15.71 -0.98 13.37
O2 XYS E . 16.73 -3.72 12.59
O3 XYS E . 18.43 -4.40 15.06
O4 XYS E . 17.27 -3.96 17.67
O5 XYS E . 14.95 -2.08 15.45
C1 XYS E . 17.51 -5.41 17.90
C2 XYS E . 17.61 -5.72 19.42
C3 XYS E . 17.70 -7.22 19.77
C4 XYS E . 16.77 -8.09 18.89
C5 XYS E . 16.82 -7.62 17.45
O2 XYS E . 18.76 -5.05 19.96
O3 XYS E . 17.43 -7.41 21.16
O4 XYS E . 17.19 -9.46 18.90
O5 XYS E . 16.47 -6.25 17.36
C1 XYS F . -15.05 8.91 -11.63
C2 XYS F . -16.55 9.20 -11.77
C3 XYS F . -16.96 9.37 -13.24
C4 XYS F . -16.17 10.50 -13.92
C5 XYS F . -14.64 10.28 -13.69
O1 XYS F . -14.84 8.79 -10.20
O2 XYS F . -17.26 8.12 -11.19
O3 XYS F . -18.34 9.67 -13.29
O4 XYS F . -16.38 10.77 -15.36
O5 XYS F . -14.23 9.92 -12.32
C1 XYS F . -17.33 10.04 -16.25
C2 XYS F . -17.55 10.90 -17.53
C3 XYS F . -17.43 10.13 -18.88
C4 XYS F . -16.42 8.96 -18.89
C5 XYS F . -15.86 8.67 -17.51
O2 XYS F . -18.84 11.54 -17.46
O3 XYS F . -17.09 11.06 -19.92
O4 XYS F . -17.09 7.79 -19.38
O5 XYS F . -16.94 8.67 -16.56
C1 XYS G . 16.94 0.40 -13.27
C2 XYS G . 18.25 0.30 -12.44
C3 XYS G . 19.38 1.10 -13.12
C4 XYS G . 19.55 0.74 -14.62
C5 XYS G . 18.17 0.96 -15.32
O1 XYS G . 15.92 -0.47 -12.77
O2 XYS G . 18.08 0.76 -11.08
O3 XYS G . 20.61 0.81 -12.46
O4 XYS G . 20.76 1.35 -15.23
O5 XYS G . 17.14 0.09 -14.70
C1 XYS G . 20.86 2.75 -15.76
C2 XYS G . 20.74 2.83 -17.31
C3 XYS G . 20.92 4.27 -17.82
C4 XYS G . 19.92 5.23 -17.17
C5 XYS G . 19.19 4.56 -16.00
O2 XYS G . 21.74 1.98 -17.89
O3 XYS G . 20.76 4.31 -19.23
O4 XYS G . 20.60 6.38 -16.67
O5 XYS G . 20.05 3.79 -15.11
C1 XYS H . -17.27 -6.21 10.26
C2 XYS H . -18.72 -5.85 9.82
C3 XYS H . -19.65 -5.93 11.05
C4 XYS H . -19.51 -7.29 11.79
C5 XYS H . -18.02 -7.54 12.19
O1 XYS H . -16.35 -6.12 9.16
O2 XYS H . -18.76 -4.55 9.21
O3 XYS H . -21.00 -5.79 10.65
O4 XYS H . -20.52 -7.54 12.87
O5 XYS H . -17.20 -7.51 10.98
C1 XYS H . -20.66 -6.63 14.04
C2 XYS H . -20.92 -7.48 15.32
C3 XYS H . -21.08 -6.63 16.59
C4 XYS H . -20.04 -5.50 16.68
C5 XYS H . -19.83 -4.83 15.33
O2 XYS H . -22.07 -8.31 15.13
O3 XYS H . -21.01 -7.50 17.72
O4 XYS H . -20.51 -4.47 17.54
O5 XYS H . -19.55 -5.74 14.29
CA CA I . 3.70 -42.89 20.31
O1 MES J . 18.78 -32.08 35.34
C2 MES J . 18.53 -32.99 34.24
C3 MES J . 18.12 -32.18 33.00
N4 MES J . 17.23 -31.07 33.37
C5 MES J . 17.20 -30.43 34.71
C6 MES J . 17.55 -31.47 35.77
C7 MES J . 16.30 -30.56 32.36
C8 MES J . 17.01 -29.59 31.42
S MES J . 15.75 -28.62 30.49
O1S MES J . 16.84 -28.34 29.49
O2S MES J . 15.11 -29.27 29.29
O3S MES J . 15.73 -27.12 30.75
C1 GOL K . 7.03 -10.46 32.47
O1 GOL K . 6.11 -10.91 31.52
C2 GOL K . 6.35 -9.97 33.74
O2 GOL K . 5.00 -10.38 33.78
C3 GOL K . 7.13 -10.45 34.98
O3 GOL K . 6.32 -10.60 36.12
CA CA L . -7.47 -17.40 -43.75
O1 MES M . -15.51 8.06 -41.53
C2 MES M . -14.87 7.16 -42.49
C3 MES M . -14.64 5.74 -41.93
N4 MES M . -15.94 5.17 -41.54
C5 MES M . -17.03 6.05 -41.07
C6 MES M . -16.51 7.43 -40.64
C7 MES M . -16.14 3.72 -41.67
C8 MES M . -16.61 3.12 -40.35
S MES M . -18.05 1.97 -40.51
O1S MES M . -16.99 0.96 -40.80
O2S MES M . -18.41 1.05 -39.37
O3S MES M . -18.56 1.63 -41.91
C1 GOL N . -6.54 15.07 -30.59
O1 GOL N . -5.63 14.06 -30.23
C2 GOL N . -5.80 16.27 -31.20
O2 GOL N . -4.64 15.84 -31.86
C3 GOL N . -6.72 17.04 -32.14
O3 GOL N . -5.99 17.58 -33.22
CA CA O . 12.89 41.87 -19.14
C1 GOL P . 12.64 8.26 -33.76
O1 GOL P . 12.31 8.74 -35.05
C2 GOL P . 11.88 9.10 -32.73
O2 GOL P . 10.49 8.94 -32.93
C3 GOL P . 12.26 8.68 -31.31
O3 GOL P . 11.49 9.41 -30.40
CA CA Q . -9.49 18.20 43.26
O1 MES R . -20.65 -4.17 40.67
C2 MES R . -21.55 -4.46 39.55
C3 MES R . -21.99 -3.19 38.80
N4 MES R . -21.59 -1.99 39.58
C5 MES R . -21.76 -1.95 41.05
C6 MES R . -21.23 -3.27 41.66
C7 MES R . -21.02 -0.82 38.88
C8 MES R . -22.12 -0.02 38.15
S MES R . -22.55 1.58 39.02
O1S MES R . -21.63 1.91 40.43
O2S MES R . -21.19 2.12 38.28
O3S MES R . -23.26 2.68 38.12
C1 GOL S . -13.20 -15.51 31.06
O1 GOL S . -12.64 -16.24 32.13
C2 GOL S . -12.23 -14.39 30.69
O2 GOL S . -10.93 -14.93 30.52
C3 GOL S . -12.69 -13.69 29.41
O3 GOL S . -11.76 -12.66 29.13
#